data_9MIV
#
_entry.id   9MIV
#
_cell.length_a   1.00
_cell.length_b   1.00
_cell.length_c   1.00
_cell.angle_alpha   90.00
_cell.angle_beta   90.00
_cell.angle_gamma   90.00
#
_symmetry.space_group_name_H-M   'P 1'
#
loop_
_entity.id
_entity.type
_entity.pdbx_description
1 polymer 'Glycoprotein G2'
2 polymer 'Glycoprotein G1'
3 polymer '12.1F Heavy chain'
4 polymer '12.1F Light chain'
5 branched 2-acetamido-2-deoxy-beta-D-glucopyranose-(1-2)-alpha-D-mannopyranose-(1-3)-[alpha-D-mannopyranose-(1-3)-alpha-D-mannopyranose-(1-6)]beta-D-mannopyranose-(1-4)-2-acetamido-2-deoxy-beta-D-glucopyranose-(1-4)-2-acetamido-2-deoxy-beta-D-glucopyranose
6 branched beta-D-mannopyranose-(1-4)-2-acetamido-2-deoxy-beta-D-glucopyranose-(1-4)-2-acetamido-2-deoxy-beta-D-glucopyranose
7 branched alpha-D-mannopyranose-(1-6)-beta-D-mannopyranose-(1-4)-2-acetamido-2-deoxy-beta-D-glucopyranose-(1-4)-[alpha-L-fucopyranose-(1-6)]2-acetamido-2-deoxy-beta-D-glucopyranose
8 branched beta-D-galactopyranose-(1-4)-2-acetamido-2-deoxy-beta-D-glucopyranose-(1-2)-alpha-D-mannopyranose-(1-3)-[alpha-D-mannopyranose-(1-6)]beta-D-mannopyranose-(1-4)-2-acetamido-2-deoxy-beta-D-glucopyranose-(1-4)-2-acetamido-2-deoxy-beta-D-glucopyranose
9 branched alpha-D-mannopyranose-(1-6)-alpha-D-mannopyranose-(1-3)-beta-D-mannopyranose-(1-4)-2-acetamido-2-deoxy-beta-D-glucopyranose-(1-4)-[alpha-L-fucopyranose-(1-6)]2-acetamido-2-deoxy-beta-D-glucopyranose
10 branched alpha-D-mannopyranose-(1-3)-beta-D-mannopyranose-(1-4)-2-acetamido-2-deoxy-beta-D-glucopyranose-(1-4)-2-acetamido-2-deoxy-beta-D-glucopyranose
11 branched alpha-D-mannopyranose-(1-3)-beta-D-mannopyranose-(1-4)-2-acetamido-2-deoxy-beta-D-glucopyranose-(1-4)-[alpha-L-fucopyranose-(1-6)]2-acetamido-2-deoxy-beta-D-glucopyranose
12 branched 'alpha-D-xylopyranose-(1-3)-beta-D-glucopyranuronic acid-(1-3)-alpha-D-xylopyranose'
13 non-polymer 2-acetamido-2-deoxy-beta-D-glucopyranose
14 non-polymer 'UNKNOWN LIGAND'
15 water water
#
loop_
_entity_poly.entity_id
_entity_poly.type
_entity_poly.pdbx_seq_one_letter_code
_entity_poly.pdbx_strand_id
1 'polypeptide(L)'
;GTFTWTLSDSEGKDTPGGYCLTRWMLIEAELKCFGNTAVAKCNEKHDEEFCDMLRLFDFNKQAIQRLKAEAQMSIQLINK
AVNALINDQLIMKNHLRDIMGIPYCNYSKYWYLNHTTTGRTSLPKCWLVSNGSYLNETHFSDDIEQQADNMITEMLQKEY
MERQGKTPLGLVDLFVFSTSFYLISIFLHLVKIPTHRHIVGKSCPKPHRLNHMGICSCGLYKQPGVPVKWKR
;
a,b,c
2 'polypeptide(L)'
;MGQIVTFFQEVPHVIEEVMNIVLIALSVLAVLKGLYNFATCGLVGLVTFLLLCGRSCTTSLYKGVYELQTLELNMETLNM
TMPLSCTKNNSHHYIMVGNETGLELTLTNTSIINHKFCNLSDAHKKNLYDHALMSIISTFHLSIPNFNQYEAMSCDFNGG
KISVQYNLSHSYAGDAANHCGTVANGVLQTFMRMAWGGSYIALDSGRGNWDCIMTSYQYLIIQNTTWEDHCQFSRPSPIG
YLGLLSQRTRDIYISRRLL
;
A,B,C
3 'polypeptide(L)'
;QVQLQESGAGLLKPSETLSLSCTVDGESFNGFFWTWIRQPPGKGLEWIGEINHLASTGYNPSLKSRVTISVDTSKNQFSL
KLTSVTAADTAVYYCARGYSYGFAWPNYHYLDVWGKGTTVTVSSASTKGPSVFPLAPSSKSTSGGTAALGCLVKDYFPEP
VTVSWNSGALTSGVHTFPAVLQSSGLYSLSSVVTVPSSSLGTQTYICNVNHKPSNTKVDKRVEPKSCDKTHGGDYKDDDD
KGTENLYFQ
;
H,D,F
4 'polypeptide(L)'
;EIVLTQSPATLSLSPGERATLSCRASQSVSSYLAWYQHKPGQAPRLLIYGASKRATGIPSRFSGSGSGTDFSLTISSLEP
EDFAVYYCQHRSDWRTTFGQGTRLEIKRTVAAPSVFIFPPSDEQLKSGTASVVCLLNNFYPREAKVQWKVDNALQSGNSQ
ESVTEQDSKDSTYSLSSTLTLSKADYEKHKVYACEVTHQGLSSPVTKSFNRGEC
;
L,E,G
#
# COMPACT_ATOMS: atom_id res chain seq x y z
N GLY A 1 7.43 12.45 -8.48
CA GLY A 1 8.36 13.13 -9.35
C GLY A 1 7.67 13.95 -10.42
N THR A 2 8.37 14.18 -11.53
CA THR A 2 7.87 15.00 -12.62
C THR A 2 7.96 14.20 -13.91
N PHE A 3 7.10 14.53 -14.87
CA PHE A 3 7.15 13.86 -16.17
C PHE A 3 8.51 14.05 -16.82
N THR A 4 8.88 13.10 -17.67
CA THR A 4 10.20 13.08 -18.30
C THR A 4 10.19 12.68 -19.78
N TRP A 5 9.10 12.13 -20.30
CA TRP A 5 9.07 11.63 -21.68
C TRP A 5 9.39 12.71 -22.70
N THR A 6 10.46 12.51 -23.47
CA THR A 6 10.78 13.37 -24.60
C THR A 6 9.92 13.02 -25.81
N LEU A 7 9.33 14.04 -26.43
CA LEU A 7 8.59 13.85 -27.67
C LEU A 7 9.51 13.38 -28.78
N SER A 8 9.05 12.41 -29.57
CA SER A 8 9.80 11.97 -30.73
C SER A 8 9.80 13.05 -31.81
N ASP A 9 10.81 12.99 -32.68
CA ASP A 9 10.96 14.01 -33.72
C ASP A 9 9.73 14.05 -34.62
N SER A 10 9.30 15.27 -34.94
CA SER A 10 8.13 15.46 -35.78
C SER A 10 8.37 14.93 -37.19
N GLU A 11 7.37 14.22 -37.72
CA GLU A 11 7.44 13.72 -39.08
C GLU A 11 7.45 14.87 -40.09
N GLY A 12 6.62 15.87 -39.88
CA GLY A 12 6.54 16.97 -40.83
C GLY A 12 7.77 17.86 -40.75
N LYS A 13 8.36 18.15 -41.91
CA LYS A 13 9.49 19.06 -41.99
C LYS A 13 9.08 20.52 -41.83
N ASP A 14 7.80 20.83 -42.02
CA ASP A 14 7.33 22.20 -41.84
C ASP A 14 7.61 22.71 -40.43
N THR A 15 7.46 21.85 -39.43
CA THR A 15 7.78 22.17 -38.04
C THR A 15 9.03 21.40 -37.63
N PRO A 16 10.22 21.97 -37.83
CA PRO A 16 11.46 21.20 -37.56
C PRO A 16 11.53 20.58 -36.17
N GLY A 17 11.25 21.36 -35.14
CA GLY A 17 11.35 20.83 -33.78
C GLY A 17 10.02 20.73 -33.06
N GLY A 18 8.93 20.70 -33.81
CA GLY A 18 7.59 20.64 -33.24
C GLY A 18 7.06 19.23 -33.14
N TYR A 19 5.74 19.10 -33.26
CA TYR A 19 5.09 17.80 -33.18
C TYR A 19 3.86 17.79 -34.08
N CYS A 20 3.58 16.64 -34.68
CA CYS A 20 2.47 16.52 -35.62
C CYS A 20 1.49 15.47 -35.12
N LEU A 21 0.20 15.80 -35.16
CA LEU A 21 -0.88 14.88 -34.89
C LEU A 21 -1.44 14.41 -36.22
N THR A 22 -1.32 13.11 -36.48
CA THR A 22 -1.75 12.49 -37.73
C THR A 22 -3.28 12.38 -37.77
N ARG A 23 -3.78 11.90 -38.91
CA ARG A 23 -5.22 11.78 -39.11
C ARG A 23 -5.86 10.86 -38.09
N TRP A 24 -5.13 9.85 -37.61
CA TRP A 24 -5.72 8.92 -36.66
C TRP A 24 -5.88 9.55 -35.28
N MET A 25 -4.99 10.47 -34.90
CA MET A 25 -5.03 11.04 -33.56
C MET A 25 -6.10 12.12 -33.42
N LEU A 26 -6.77 12.50 -34.50
CA LEU A 26 -7.73 13.60 -34.47
C LEU A 26 -9.08 13.11 -34.98
N ILE A 27 -10.15 13.75 -34.48
CA ILE A 27 -11.50 13.36 -34.87
C ILE A 27 -11.79 13.77 -36.31
N GLU A 28 -11.31 14.95 -36.73
CA GLU A 28 -11.50 15.37 -38.12
C GLU A 28 -10.62 14.62 -39.10
N ALA A 29 -9.87 13.61 -38.63
CA ALA A 29 -9.06 12.75 -39.49
C ALA A 29 -8.20 13.56 -40.46
N GLU A 30 -7.56 14.58 -39.92
CA GLU A 30 -6.63 15.42 -40.67
C GLU A 30 -5.29 15.50 -39.94
N LEU A 31 -4.34 16.20 -40.54
CA LEU A 31 -3.00 16.36 -40.00
C LEU A 31 -2.85 17.77 -39.44
N LYS A 32 -2.43 17.87 -38.18
CA LYS A 32 -2.20 19.17 -37.56
C LYS A 32 -0.79 19.18 -36.97
N CYS A 33 0.06 20.05 -37.49
CA CYS A 33 1.44 20.16 -37.04
C CYS A 33 1.64 21.46 -36.26
N PHE A 34 2.19 21.35 -35.05
CA PHE A 34 2.49 22.50 -34.21
C PHE A 34 4.00 22.72 -34.16
N GLY A 35 4.39 23.99 -34.19
CA GLY A 35 5.78 24.37 -34.32
C GLY A 35 6.60 24.15 -33.05
N ASN A 36 7.90 24.38 -33.22
CA ASN A 36 8.84 24.16 -32.12
C ASN A 36 8.56 25.08 -30.94
N THR A 37 8.16 26.33 -31.18
CA THR A 37 7.92 27.25 -30.09
C THR A 37 6.84 26.73 -29.14
N ALA A 38 5.70 26.30 -29.71
CA ALA A 38 4.62 25.78 -28.88
C ALA A 38 5.02 24.49 -28.18
N VAL A 39 5.77 23.64 -28.88
CA VAL A 39 6.15 22.34 -28.35
C VAL A 39 7.22 22.44 -27.27
N ALA A 40 8.05 23.47 -27.30
CA ALA A 40 9.05 23.66 -26.26
C ALA A 40 8.43 23.95 -24.90
N LYS A 41 7.27 24.61 -24.88
CA LYS A 41 6.57 24.85 -23.62
C LYS A 41 6.17 23.56 -22.93
N CYS A 42 5.90 22.51 -23.71
CA CYS A 42 5.52 21.23 -23.14
C CYS A 42 6.62 20.61 -22.30
N ASN A 43 7.87 21.04 -22.49
CA ASN A 43 8.97 20.54 -21.67
C ASN A 43 9.03 21.19 -20.29
N GLU A 44 8.45 22.38 -20.10
CA GLU A 44 8.59 23.09 -18.85
C GLU A 44 7.29 23.32 -18.07
N LYS A 45 6.14 23.33 -18.72
CA LYS A 45 4.89 23.58 -18.00
C LYS A 45 4.37 22.31 -17.31
N HIS A 46 3.67 22.51 -16.20
CA HIS A 46 3.08 21.41 -15.43
C HIS A 46 1.57 21.35 -15.47
N ASP A 47 0.88 22.35 -16.02
CA ASP A 47 -0.58 22.40 -15.98
C ASP A 47 -1.21 22.42 -17.36
N GLU A 48 -0.49 22.01 -18.39
CA GLU A 48 -0.99 21.96 -19.77
C GLU A 48 -1.47 20.55 -20.12
N GLU A 49 -2.79 20.35 -20.07
CA GLU A 49 -3.41 19.08 -20.45
C GLU A 49 -2.98 18.60 -21.84
N PHE A 50 -2.85 19.53 -22.79
CA PHE A 50 -2.50 19.15 -24.15
C PHE A 50 -1.12 18.53 -24.21
N CYS A 51 -0.16 19.04 -23.44
CA CYS A 51 1.17 18.45 -23.45
C CYS A 51 1.19 17.07 -22.82
N ASP A 52 0.25 16.78 -21.92
CA ASP A 52 0.17 15.44 -21.36
C ASP A 52 -0.44 14.48 -22.36
N MET A 53 -1.43 14.95 -23.13
CA MET A 53 -1.97 14.11 -24.19
C MET A 53 -0.93 13.87 -25.29
N LEU A 54 -0.13 14.89 -25.61
CA LEU A 54 0.95 14.68 -26.57
C LEU A 54 1.90 13.58 -26.10
N ARG A 55 2.28 13.63 -24.81
CA ARG A 55 3.16 12.59 -24.29
C ARG A 55 2.49 11.22 -24.33
N LEU A 56 1.19 11.14 -24.00
CA LEU A 56 0.46 9.87 -24.09
C LEU A 56 0.47 9.31 -25.51
N PHE A 57 0.09 10.13 -26.50
CA PHE A 57 0.03 9.66 -27.88
C PHE A 57 1.41 9.25 -28.40
N ASP A 58 2.45 10.02 -28.05
CA ASP A 58 3.79 9.68 -28.50
C ASP A 58 4.26 8.37 -27.87
N PHE A 59 4.01 8.20 -26.58
CA PHE A 59 4.31 6.93 -25.92
C PHE A 59 3.60 5.78 -26.62
N ASN A 60 2.32 5.98 -26.95
CA ASN A 60 1.56 4.94 -27.65
C ASN A 60 2.25 4.55 -28.96
N LYS A 61 2.55 5.53 -29.80
CA LYS A 61 3.18 5.25 -31.09
C LYS A 61 4.51 4.53 -30.92
N GLN A 62 5.38 5.05 -30.04
CA GLN A 62 6.69 4.43 -29.86
C GLN A 62 6.56 3.00 -29.34
N ALA A 63 5.61 2.75 -28.42
CA ALA A 63 5.40 1.38 -27.95
C ALA A 63 4.98 0.48 -29.09
N ILE A 64 4.10 0.97 -29.96
CA ILE A 64 3.65 0.15 -31.08
C ILE A 64 4.79 -0.13 -32.04
N GLN A 65 5.75 0.79 -32.17
CA GLN A 65 6.78 0.58 -33.17
C GLN A 65 7.96 -0.23 -32.65
N ARG A 66 8.38 -0.02 -31.40
CA ARG A 66 9.58 -0.66 -30.88
C ARG A 66 9.31 -1.95 -30.12
N LEU A 67 8.10 -2.15 -29.62
CA LEU A 67 7.74 -3.38 -28.94
C LEU A 67 6.80 -4.20 -29.82
N LYS A 68 6.91 -5.52 -29.71
CA LYS A 68 6.04 -6.44 -30.44
C LYS A 68 4.64 -6.36 -29.84
N ALA A 69 3.73 -5.68 -30.51
CA ALA A 69 2.37 -5.54 -30.02
C ALA A 69 1.62 -6.87 -30.09
N GLU A 70 0.87 -7.17 -29.04
CA GLU A 70 -0.06 -8.30 -29.04
C GLU A 70 -1.40 -7.84 -28.47
N ALA A 71 -2.43 -8.64 -28.72
CA ALA A 71 -3.79 -8.27 -28.30
C ALA A 71 -3.92 -8.30 -26.78
N GLN A 72 -3.40 -9.35 -26.14
CA GLN A 72 -3.25 -9.35 -24.69
C GLN A 72 -2.50 -8.09 -24.26
N MET A 73 -3.02 -7.41 -23.24
CA MET A 73 -2.52 -6.09 -22.88
C MET A 73 -1.51 -6.14 -21.73
N SER A 74 -0.52 -5.26 -21.81
CA SER A 74 0.50 -5.06 -20.78
C SER A 74 0.11 -3.90 -19.86
N ILE A 75 -0.93 -4.13 -19.06
CA ILE A 75 -1.34 -3.15 -18.05
C ILE A 75 -0.13 -2.59 -17.30
N GLN A 76 0.80 -3.48 -16.96
CA GLN A 76 2.00 -3.09 -16.23
C GLN A 76 2.79 -2.01 -16.95
N LEU A 77 2.88 -2.08 -18.27
CA LEU A 77 3.69 -1.11 -19.01
C LEU A 77 3.19 0.33 -18.80
N ILE A 78 1.90 0.56 -19.05
CA ILE A 78 1.36 1.91 -18.85
C ILE A 78 1.35 2.25 -17.36
N ASN A 79 1.10 1.26 -16.49
CA ASN A 79 1.12 1.52 -15.06
C ASN A 79 2.45 2.07 -14.59
N LYS A 80 3.55 1.53 -15.11
CA LYS A 80 4.86 2.05 -14.75
C LYS A 80 5.23 3.35 -15.50
N ALA A 81 4.81 3.52 -16.75
CA ALA A 81 5.18 4.71 -17.51
C ALA A 81 4.32 5.96 -17.22
N VAL A 82 3.16 5.78 -16.59
CA VAL A 82 2.14 6.85 -16.55
C VAL A 82 2.70 8.15 -15.98
N ASN A 83 3.33 8.10 -14.81
CA ASN A 83 3.82 9.32 -14.19
C ASN A 83 5.02 9.91 -14.94
N ALA A 84 5.72 9.11 -15.75
CA ALA A 84 6.72 9.68 -16.63
C ALA A 84 6.07 10.38 -17.81
N LEU A 85 4.78 10.12 -18.06
CA LEU A 85 4.10 10.68 -19.22
C LEU A 85 3.19 11.88 -18.88
N ILE A 86 2.48 11.83 -17.76
CA ILE A 86 1.47 12.84 -17.45
C ILE A 86 1.57 13.24 -15.98
N ASN A 87 1.06 14.44 -15.69
CA ASN A 87 0.89 14.90 -14.31
C ASN A 87 -0.49 14.46 -13.83
N ASP A 88 -0.52 13.46 -12.94
CA ASP A 88 -1.78 13.00 -12.38
C ASP A 88 -2.47 14.09 -11.57
N GLN A 89 -1.74 15.11 -11.15
CA GLN A 89 -2.32 16.20 -10.37
C GLN A 89 -3.14 17.14 -11.26
N LEU A 90 -2.69 17.39 -12.50
CA LEU A 90 -3.56 18.00 -13.51
C LEU A 90 -4.94 17.33 -13.57
N ILE A 91 -4.96 16.00 -13.62
CA ILE A 91 -6.22 15.26 -13.54
C ILE A 91 -6.96 15.57 -12.26
N MET A 92 -6.24 15.56 -11.13
CA MET A 92 -6.90 15.86 -9.86
C MET A 92 -7.48 17.26 -9.85
N LYS A 93 -6.78 18.22 -10.46
CA LYS A 93 -7.27 19.58 -10.55
C LYS A 93 -8.58 19.63 -11.32
N ASN A 94 -8.65 18.91 -12.44
CA ASN A 94 -9.88 18.92 -13.22
C ASN A 94 -11.02 18.23 -12.47
N HIS A 95 -10.71 17.16 -11.73
CA HIS A 95 -11.71 16.52 -10.89
C HIS A 95 -12.23 17.48 -9.82
N LEU A 96 -11.32 18.20 -9.16
CA LEU A 96 -11.72 19.14 -8.12
C LEU A 96 -12.57 20.27 -8.69
N ARG A 97 -12.20 20.76 -9.87
CA ARG A 97 -13.01 21.79 -10.53
C ARG A 97 -14.40 21.24 -10.86
N ASP A 98 -14.47 19.99 -11.34
CA ASP A 98 -15.75 19.38 -11.65
C ASP A 98 -16.64 19.30 -10.41
N ILE A 99 -16.11 18.75 -9.31
CA ILE A 99 -16.95 18.56 -8.14
C ILE A 99 -17.31 19.88 -7.46
N MET A 100 -16.55 20.95 -7.70
CA MET A 100 -16.88 22.26 -7.16
C MET A 100 -17.78 23.08 -8.09
N GLY A 101 -18.22 22.51 -9.22
CA GLY A 101 -19.06 23.27 -10.13
C GLY A 101 -18.31 24.28 -10.97
N ILE A 102 -16.98 24.22 -11.00
CA ILE A 102 -16.15 25.10 -11.80
C ILE A 102 -15.98 24.45 -13.18
N PRO A 103 -15.98 25.23 -14.27
CA PRO A 103 -15.71 24.63 -15.59
C PRO A 103 -14.36 23.94 -15.59
N TYR A 104 -14.32 22.76 -16.21
CA TYR A 104 -13.17 21.88 -16.11
C TYR A 104 -12.84 21.30 -17.48
N CYS A 105 -11.63 20.76 -17.57
CA CYS A 105 -11.14 20.16 -18.79
C CYS A 105 -11.40 18.65 -18.77
N ASN A 106 -12.05 18.13 -19.80
CA ASN A 106 -12.27 16.69 -19.92
C ASN A 106 -11.40 16.07 -21.01
N TYR A 107 -10.30 16.74 -21.36
CA TYR A 107 -9.23 16.29 -22.24
C TYR A 107 -9.67 15.94 -23.66
N SER A 108 -10.92 16.21 -24.06
CA SER A 108 -11.33 15.90 -25.43
C SER A 108 -10.95 16.99 -26.43
N LYS A 109 -11.27 18.24 -26.11
CA LYS A 109 -11.27 19.31 -27.11
C LYS A 109 -10.31 20.42 -26.72
N TYR A 110 -9.63 20.99 -27.71
CA TYR A 110 -8.63 22.03 -27.46
C TYR A 110 -8.75 23.13 -28.50
N TRP A 111 -8.48 24.35 -28.05
CA TRP A 111 -8.47 25.51 -28.92
C TRP A 111 -7.08 26.14 -28.95
N TYR A 112 -6.78 26.80 -30.05
CA TYR A 112 -5.52 27.50 -30.21
C TYR A 112 -5.73 28.58 -31.25
N LEU A 113 -4.83 29.55 -31.25
CA LEU A 113 -4.88 30.60 -32.25
C LEU A 113 -3.95 30.25 -33.39
N ASN A 114 -4.32 30.71 -34.58
CA ASN A 114 -3.53 30.49 -35.78
C ASN A 114 -3.30 31.83 -36.45
N HIS A 115 -2.03 32.19 -36.61
CA HIS A 115 -1.65 33.40 -37.36
C HIS A 115 -1.70 33.03 -38.84
N THR A 116 -2.87 33.23 -39.44
CA THR A 116 -3.19 32.78 -40.79
C THR A 116 -2.03 32.94 -41.79
N THR A 117 -1.54 34.17 -41.94
CA THR A 117 -0.51 34.46 -42.93
C THR A 117 0.70 33.52 -42.81
N THR A 118 1.24 33.39 -41.60
CA THR A 118 2.45 32.60 -41.37
C THR A 118 2.18 31.13 -41.08
N GLY A 119 1.05 30.82 -40.47
CA GLY A 119 0.74 29.47 -40.02
C GLY A 119 1.22 29.12 -38.63
N ARG A 120 1.90 30.03 -37.94
CA ARG A 120 2.31 29.80 -36.56
C ARG A 120 1.11 29.82 -35.64
N THR A 121 1.16 29.00 -34.60
CA THR A 121 0.04 28.86 -33.67
C THR A 121 0.52 28.95 -32.23
N SER A 122 -0.44 28.97 -31.32
CA SER A 122 -0.17 28.90 -29.89
C SER A 122 -0.37 27.48 -29.39
N LEU A 123 0.09 27.22 -28.19
CA LEU A 123 -0.08 25.92 -27.58
C LEU A 123 -1.56 25.68 -27.28
N PRO A 124 -2.16 24.61 -27.80
CA PRO A 124 -3.58 24.39 -27.55
C PRO A 124 -3.88 24.30 -26.06
N LYS A 125 -5.00 24.91 -25.68
CA LYS A 125 -5.51 24.84 -24.32
C LYS A 125 -6.86 24.15 -24.34
N CYS A 126 -7.15 23.44 -23.25
CA CYS A 126 -8.36 22.64 -23.18
C CYS A 126 -9.61 23.51 -23.30
N TRP A 127 -10.55 23.04 -24.11
CA TRP A 127 -11.89 23.64 -24.17
C TRP A 127 -12.71 23.10 -23.01
N LEU A 128 -13.03 23.98 -22.05
CA LEU A 128 -13.67 23.54 -20.83
C LEU A 128 -15.13 23.17 -21.06
N VAL A 129 -15.65 22.35 -20.16
CA VAL A 129 -17.04 21.93 -20.15
C VAL A 129 -17.70 22.38 -18.86
N SER A 130 -19.02 22.53 -18.92
CA SER A 130 -19.83 22.84 -17.76
C SER A 130 -21.27 22.44 -18.07
N ASN A 131 -21.95 21.86 -17.08
CA ASN A 131 -23.33 21.36 -17.23
C ASN A 131 -23.45 20.38 -18.39
N GLY A 132 -22.42 19.56 -18.60
CA GLY A 132 -22.50 18.58 -19.65
C GLY A 132 -22.29 19.10 -21.05
N SER A 133 -21.93 20.37 -21.22
CA SER A 133 -21.71 20.93 -22.53
C SER A 133 -20.45 21.79 -22.53
N TYR A 134 -19.88 21.97 -23.72
CA TYR A 134 -18.72 22.86 -23.86
C TYR A 134 -19.11 24.30 -23.60
N LEU A 135 -18.21 25.04 -22.95
CA LEU A 135 -18.42 26.46 -22.73
C LEU A 135 -18.57 27.20 -24.05
N ASN A 136 -19.47 28.16 -24.10
CA ASN A 136 -19.51 29.02 -25.26
C ASN A 136 -18.27 29.91 -25.27
N GLU A 137 -17.80 30.21 -26.49
CA GLU A 137 -16.54 30.92 -26.64
C GLU A 137 -16.53 32.24 -25.88
N THR A 138 -17.69 32.91 -25.82
CA THR A 138 -17.78 34.20 -25.15
C THR A 138 -17.53 34.08 -23.66
N HIS A 139 -17.66 32.89 -23.09
CA HIS A 139 -17.42 32.71 -21.67
C HIS A 139 -15.93 32.72 -21.33
N PHE A 140 -15.07 32.38 -22.31
CA PHE A 140 -13.63 32.40 -22.03
C PHE A 140 -12.87 33.18 -23.09
N SER A 141 -13.55 34.11 -23.77
CA SER A 141 -12.87 34.87 -24.81
C SER A 141 -11.76 35.73 -24.23
N ASP A 142 -11.89 36.13 -22.97
CA ASP A 142 -10.82 36.91 -22.33
C ASP A 142 -9.54 36.09 -22.30
N ASP A 143 -9.64 34.81 -21.95
CA ASP A 143 -8.45 33.98 -21.96
C ASP A 143 -7.88 33.88 -23.36
N ILE A 144 -8.76 33.75 -24.36
CA ILE A 144 -8.29 33.70 -25.74
C ILE A 144 -7.57 34.99 -26.06
N GLU A 145 -8.15 36.12 -25.63
CA GLU A 145 -7.53 37.41 -25.88
C GLU A 145 -6.15 37.45 -25.22
N GLN A 146 -6.05 36.92 -24.00
CA GLN A 146 -4.77 36.90 -23.33
C GLN A 146 -3.76 36.09 -24.12
N GLN A 147 -4.19 34.96 -24.68
CA GLN A 147 -3.25 34.17 -25.46
C GLN A 147 -2.74 34.96 -26.64
N ALA A 148 -3.65 35.69 -27.30
CA ALA A 148 -3.20 36.51 -28.42
C ALA A 148 -2.18 37.53 -27.95
N ASP A 149 -2.45 38.17 -26.80
CA ASP A 149 -1.48 39.14 -26.29
C ASP A 149 -0.14 38.47 -26.06
N ASN A 150 -0.15 37.29 -25.44
CA ASN A 150 1.11 36.61 -25.20
C ASN A 150 1.79 36.28 -26.52
N MET A 151 0.99 35.79 -27.47
CA MET A 151 1.54 35.41 -28.77
C MET A 151 2.18 36.60 -29.46
N ILE A 152 1.69 37.81 -29.17
CA ILE A 152 2.36 38.99 -29.71
C ILE A 152 3.61 39.30 -28.89
N THR A 153 3.45 39.44 -27.57
CA THR A 153 4.51 39.98 -26.74
C THR A 153 5.79 39.16 -26.85
N GLU A 154 5.69 37.85 -26.59
CA GLU A 154 6.90 37.03 -26.61
C GLU A 154 7.59 37.17 -27.95
N MET A 155 6.82 37.12 -29.05
CA MET A 155 7.46 37.21 -30.35
C MET A 155 8.14 38.57 -30.51
N LEU A 156 7.47 39.64 -30.12
CA LEU A 156 8.11 40.95 -30.25
C LEU A 156 9.42 40.97 -29.46
N GLN A 157 9.43 40.36 -28.26
CA GLN A 157 10.65 40.37 -27.47
C GLN A 157 11.74 39.61 -28.19
N LYS A 158 11.38 38.50 -28.85
CA LYS A 158 12.37 37.78 -29.64
C LYS A 158 12.94 38.68 -30.71
N GLU A 159 12.07 39.47 -31.36
CA GLU A 159 12.56 40.38 -32.39
C GLU A 159 13.55 41.36 -31.81
N TYR A 160 13.29 41.84 -30.59
CA TYR A 160 14.24 42.75 -29.96
C TYR A 160 15.61 42.09 -29.87
N MET A 161 15.64 40.87 -29.31
CA MET A 161 16.92 40.19 -29.19
C MET A 161 17.53 39.97 -30.56
N GLU A 162 16.68 39.72 -31.56
CA GLU A 162 17.16 39.56 -32.93
C GLU A 162 17.89 40.82 -33.37
N ARG A 163 17.23 41.96 -33.25
CA ARG A 163 17.88 43.24 -33.53
C ARG A 163 19.22 43.34 -32.81
N GLN A 164 19.26 42.94 -31.54
CA GLN A 164 20.50 42.94 -30.78
C GLN A 164 21.56 42.05 -31.42
N GLY A 165 21.16 40.85 -31.84
CA GLY A 165 22.12 39.90 -32.38
C GLY A 165 22.68 40.32 -33.73
N LYS A 166 21.82 40.79 -34.63
CA LYS A 166 22.29 41.19 -35.96
C LYS A 166 23.26 42.36 -35.87
N THR A 167 22.95 43.35 -35.04
CA THR A 167 23.79 44.52 -34.88
C THR A 167 25.09 44.17 -34.15
N THR B 59 -13.74 31.70 -38.69
CA THR B 59 -14.76 32.73 -38.73
C THR B 59 -14.71 33.61 -37.49
N SER B 60 -13.90 33.21 -36.52
CA SER B 60 -13.74 33.95 -35.27
C SER B 60 -12.32 34.49 -35.22
N LEU B 61 -12.18 35.80 -35.44
CA LEU B 61 -10.89 36.45 -35.59
C LEU B 61 -10.57 37.27 -34.34
N TYR B 62 -9.37 37.07 -33.81
CA TYR B 62 -8.89 37.77 -32.62
C TYR B 62 -7.68 38.63 -32.98
N LYS B 63 -7.66 39.85 -32.44
CA LYS B 63 -6.63 40.84 -32.74
C LYS B 63 -6.50 41.10 -34.25
N GLY B 64 -7.56 40.85 -35.00
CA GLY B 64 -7.59 41.05 -36.43
C GLY B 64 -6.76 40.09 -37.25
N VAL B 65 -5.87 39.30 -36.64
CA VAL B 65 -4.94 38.46 -37.40
C VAL B 65 -4.86 37.03 -36.86
N TYR B 66 -5.54 36.71 -35.77
CA TYR B 66 -5.42 35.41 -35.12
C TYR B 66 -6.76 34.69 -35.25
N GLU B 67 -6.78 33.59 -35.99
CA GLU B 67 -8.01 32.82 -36.16
C GLU B 67 -8.09 31.76 -35.07
N LEU B 68 -9.25 31.68 -34.42
CA LEU B 68 -9.46 30.69 -33.38
C LEU B 68 -9.84 29.36 -34.02
N GLN B 69 -9.00 28.35 -33.82
CA GLN B 69 -9.21 27.04 -34.39
C GLN B 69 -9.20 26.00 -33.29
N THR B 70 -9.78 24.84 -33.58
CA THR B 70 -9.99 23.80 -32.59
C THR B 70 -9.53 22.46 -33.13
N LEU B 71 -9.26 21.54 -32.21
CA LEU B 71 -9.01 20.15 -32.52
C LEU B 71 -9.61 19.28 -31.42
N GLU B 72 -9.95 18.05 -31.76
CA GLU B 72 -10.42 17.07 -30.79
C GLU B 72 -9.63 15.78 -30.97
N LEU B 73 -9.07 15.29 -29.87
CA LEU B 73 -8.22 14.11 -29.94
C LEU B 73 -9.07 12.85 -30.03
N ASN B 74 -8.63 11.91 -30.86
CA ASN B 74 -9.24 10.59 -30.95
C ASN B 74 -8.45 9.68 -30.00
N MET B 75 -8.87 9.65 -28.74
CA MET B 75 -8.19 8.84 -27.74
C MET B 75 -8.39 7.34 -27.99
N GLU B 76 -9.37 6.98 -28.82
CA GLU B 76 -9.60 5.59 -29.18
C GLU B 76 -8.34 4.93 -29.74
N THR B 77 -7.49 5.69 -30.41
CA THR B 77 -6.25 5.16 -30.97
C THR B 77 -5.24 4.71 -29.92
N LEU B 78 -5.44 5.05 -28.65
CA LEU B 78 -4.58 4.60 -27.55
C LEU B 78 -4.94 3.20 -27.07
N ASN B 79 -5.89 2.53 -27.72
CA ASN B 79 -6.52 1.32 -27.22
C ASN B 79 -5.55 0.18 -26.88
N MET B 80 -4.45 0.04 -27.62
CA MET B 80 -3.54 -1.09 -27.40
C MET B 80 -2.61 -0.91 -26.21
N THR B 81 -2.46 0.30 -25.69
CA THR B 81 -1.48 0.51 -24.62
C THR B 81 -2.09 0.99 -23.31
N MET B 82 -3.37 1.33 -23.28
CA MET B 82 -3.99 1.77 -22.03
C MET B 82 -5.50 1.54 -22.09
N PRO B 83 -6.14 1.28 -20.96
CA PRO B 83 -7.61 1.15 -20.96
C PRO B 83 -8.29 2.46 -21.29
N LEU B 84 -9.49 2.35 -21.86
CA LEU B 84 -10.28 3.51 -22.24
C LEU B 84 -11.68 3.37 -21.65
N SER B 85 -12.10 4.36 -20.88
CA SER B 85 -13.42 4.36 -20.25
C SER B 85 -14.34 5.35 -20.96
N CYS B 86 -15.62 4.98 -21.06
CA CYS B 86 -16.63 5.86 -21.62
C CYS B 86 -17.99 5.52 -21.01
N THR B 87 -18.95 6.39 -21.24
CA THR B 87 -20.30 6.27 -20.69
C THR B 87 -21.29 6.05 -21.82
N LYS B 88 -22.13 5.02 -21.68
CA LYS B 88 -23.18 4.79 -22.66
C LYS B 88 -24.43 5.59 -22.30
N ASN B 89 -24.88 5.51 -21.05
CA ASN B 89 -26.02 6.27 -20.57
C ASN B 89 -25.89 6.39 -19.05
N ASN B 90 -26.98 6.80 -18.39
CA ASN B 90 -26.96 6.99 -16.95
C ASN B 90 -26.46 5.76 -16.22
N SER B 91 -26.94 4.58 -16.61
CA SER B 91 -26.70 3.37 -15.85
C SER B 91 -25.48 2.58 -16.32
N HIS B 92 -25.10 2.69 -17.59
CA HIS B 92 -24.10 1.81 -18.18
C HIS B 92 -22.84 2.58 -18.52
N HIS B 93 -21.70 2.05 -18.10
CA HIS B 93 -20.39 2.65 -18.34
C HIS B 93 -19.41 1.52 -18.60
N TYR B 94 -18.31 1.84 -19.27
CA TYR B 94 -17.41 0.81 -19.76
C TYR B 94 -15.96 1.26 -19.60
N ILE B 95 -15.09 0.29 -19.31
CA ILE B 95 -13.64 0.47 -19.42
C ILE B 95 -13.11 -0.69 -20.24
N MET B 96 -12.73 -0.40 -21.48
CA MET B 96 -12.25 -1.39 -22.44
C MET B 96 -10.73 -1.50 -22.39
N VAL B 97 -10.25 -2.72 -22.61
CA VAL B 97 -8.84 -3.06 -22.61
C VAL B 97 -8.56 -3.69 -23.96
N GLY B 98 -7.95 -2.92 -24.87
CA GLY B 98 -7.81 -3.44 -26.21
C GLY B 98 -9.14 -3.43 -26.94
N ASN B 99 -9.19 -4.22 -28.01
CA ASN B 99 -10.38 -4.34 -28.85
C ASN B 99 -11.15 -5.63 -28.61
N GLU B 100 -10.88 -6.35 -27.51
CA GLU B 100 -11.50 -7.65 -27.34
C GLU B 100 -12.22 -7.81 -26.00
N THR B 101 -11.74 -7.15 -24.95
CA THR B 101 -12.28 -7.39 -23.62
C THR B 101 -12.37 -6.08 -22.85
N GLY B 102 -13.13 -6.11 -21.76
CA GLY B 102 -13.28 -4.94 -20.92
C GLY B 102 -14.22 -5.22 -19.78
N LEU B 103 -14.54 -4.16 -19.03
CA LEU B 103 -15.42 -4.21 -17.88
C LEU B 103 -16.63 -3.31 -18.12
N GLU B 104 -17.82 -3.85 -17.89
CA GLU B 104 -19.07 -3.11 -17.85
C GLU B 104 -19.42 -2.80 -16.40
N LEU B 105 -19.58 -1.52 -16.09
CA LEU B 105 -19.99 -1.04 -14.78
C LEU B 105 -21.40 -0.48 -14.89
N THR B 106 -22.31 -1.04 -14.10
CA THR B 106 -23.72 -0.69 -14.16
C THR B 106 -24.18 -0.23 -12.78
N LEU B 107 -24.77 0.95 -12.74
CA LEU B 107 -25.52 1.38 -11.57
C LEU B 107 -26.93 0.82 -11.69
N THR B 108 -27.37 0.08 -10.66
CA THR B 108 -28.64 -0.62 -10.84
C THR B 108 -29.26 -0.95 -9.50
N ASN B 109 -30.58 -1.06 -9.52
CA ASN B 109 -31.36 -1.55 -8.39
C ASN B 109 -31.50 -3.07 -8.39
N THR B 110 -31.07 -3.75 -9.46
CA THR B 110 -31.20 -5.19 -9.61
C THR B 110 -29.85 -5.85 -9.34
N SER B 111 -29.72 -6.49 -8.17
CA SER B 111 -28.50 -7.22 -7.86
C SER B 111 -28.45 -8.55 -8.60
N ILE B 112 -27.24 -9.01 -8.88
CA ILE B 112 -27.05 -10.33 -9.49
C ILE B 112 -26.36 -11.31 -8.56
N ILE B 113 -25.87 -10.87 -7.41
CA ILE B 113 -25.24 -11.74 -6.42
C ILE B 113 -26.01 -11.61 -5.10
N ASN B 114 -26.37 -12.74 -4.53
CA ASN B 114 -27.15 -12.75 -3.29
C ASN B 114 -26.47 -13.62 -2.24
N HIS B 115 -25.16 -13.48 -2.12
CA HIS B 115 -24.36 -14.11 -1.07
C HIS B 115 -23.34 -13.09 -0.59
N LYS B 116 -22.56 -13.46 0.42
CA LYS B 116 -21.58 -12.56 1.01
C LYS B 116 -20.13 -12.95 0.72
N PHE B 117 -19.89 -13.83 -0.25
CA PHE B 117 -18.54 -14.25 -0.56
C PHE B 117 -17.87 -13.35 -1.58
N CYS B 118 -16.54 -13.22 -1.44
CA CYS B 118 -15.67 -12.65 -2.49
C CYS B 118 -14.37 -13.46 -2.39
N ASN B 119 -14.28 -14.51 -3.20
CA ASN B 119 -13.24 -15.53 -3.07
C ASN B 119 -12.00 -15.13 -3.88
N LEU B 120 -11.35 -14.06 -3.44
CA LEU B 120 -10.23 -13.51 -4.17
C LEU B 120 -9.03 -14.46 -4.18
N SER B 121 -8.71 -15.07 -3.03
CA SER B 121 -7.54 -15.93 -2.96
C SER B 121 -7.71 -17.18 -3.82
N ASP B 122 -8.91 -17.76 -3.82
CA ASP B 122 -9.16 -18.91 -4.69
C ASP B 122 -9.03 -18.52 -6.16
N ALA B 123 -9.52 -17.33 -6.51
CA ALA B 123 -9.34 -16.83 -7.87
C ALA B 123 -7.87 -16.70 -8.24
N HIS B 124 -7.05 -16.17 -7.32
CA HIS B 124 -5.61 -16.09 -7.58
C HIS B 124 -5.04 -17.48 -7.81
N LYS B 125 -5.39 -18.43 -6.94
CA LYS B 125 -4.90 -19.80 -7.06
C LYS B 125 -5.28 -20.43 -8.38
N LYS B 126 -6.51 -20.20 -8.83
CA LYS B 126 -6.96 -20.83 -10.06
C LYS B 126 -6.36 -20.14 -11.28
N ASN B 127 -6.14 -18.83 -11.22
CA ASN B 127 -5.38 -18.11 -12.23
C ASN B 127 -6.01 -18.25 -13.62
N LEU B 128 -7.32 -18.11 -13.69
CA LEU B 128 -8.05 -18.21 -14.94
C LEU B 128 -8.51 -16.87 -15.48
N TYR B 129 -8.48 -15.80 -14.68
CA TYR B 129 -9.00 -14.52 -15.11
C TYR B 129 -8.03 -13.79 -16.02
N ASP B 130 -8.52 -12.72 -16.63
CA ASP B 130 -7.71 -11.80 -17.40
C ASP B 130 -6.93 -10.91 -16.44
N HIS B 131 -5.60 -10.90 -16.57
CA HIS B 131 -4.75 -10.21 -15.60
C HIS B 131 -4.97 -8.71 -15.62
N ALA B 132 -5.17 -8.13 -16.80
CA ALA B 132 -5.44 -6.70 -16.91
C ALA B 132 -6.74 -6.32 -16.20
N LEU B 133 -7.79 -7.13 -16.40
CA LEU B 133 -9.07 -6.86 -15.75
C LEU B 133 -8.96 -6.98 -14.23
N MET B 134 -8.24 -8.00 -13.75
CA MET B 134 -8.01 -8.12 -12.32
C MET B 134 -7.25 -6.92 -11.78
N SER B 135 -6.29 -6.41 -12.55
CA SER B 135 -5.57 -5.21 -12.15
C SER B 135 -6.51 -4.03 -12.02
N ILE B 136 -7.44 -3.88 -12.97
CA ILE B 136 -8.39 -2.77 -12.93
C ILE B 136 -9.30 -2.89 -11.71
N ILE B 137 -9.76 -4.12 -11.42
CA ILE B 137 -10.57 -4.36 -10.23
C ILE B 137 -9.81 -3.99 -8.96
N SER B 138 -8.54 -4.43 -8.88
CA SER B 138 -7.73 -4.13 -7.71
C SER B 138 -7.55 -2.63 -7.53
N THR B 139 -7.27 -1.91 -8.61
CA THR B 139 -7.09 -0.47 -8.53
C THR B 139 -8.36 0.22 -8.06
N PHE B 140 -9.50 -0.16 -8.66
CA PHE B 140 -10.79 0.39 -8.24
C PHE B 140 -11.01 0.17 -6.75
N HIS B 141 -10.89 -1.07 -6.28
CA HIS B 141 -11.20 -1.35 -4.89
C HIS B 141 -10.23 -0.65 -3.95
N LEU B 142 -8.93 -0.63 -4.29
CA LEU B 142 -7.94 0.02 -3.45
C LEU B 142 -8.07 1.54 -3.45
N SER B 143 -8.78 2.10 -4.41
CA SER B 143 -8.99 3.54 -4.46
C SER B 143 -10.19 4.03 -3.63
N ILE B 144 -11.04 3.13 -3.17
CA ILE B 144 -12.21 3.54 -2.38
C ILE B 144 -11.75 4.11 -1.04
N PRO B 145 -12.25 5.29 -0.64
CA PRO B 145 -11.86 5.86 0.67
C PRO B 145 -12.67 5.28 1.82
N ASN B 146 -11.96 4.88 2.89
CA ASN B 146 -12.57 4.53 4.17
C ASN B 146 -13.49 3.33 4.07
N PHE B 147 -13.19 2.43 3.13
CA PHE B 147 -13.97 1.21 2.98
C PHE B 147 -13.81 0.34 4.22
N ASN B 148 -14.92 0.10 4.95
CA ASN B 148 -14.82 -0.63 6.20
C ASN B 148 -15.97 -1.60 6.43
N GLN B 149 -16.73 -1.97 5.40
CA GLN B 149 -17.86 -2.90 5.52
C GLN B 149 -17.66 -3.99 4.47
N TYR B 150 -16.94 -5.06 4.83
CA TYR B 150 -16.60 -6.09 3.85
C TYR B 150 -17.82 -6.82 3.30
N GLU B 151 -18.92 -6.86 4.07
CA GLU B 151 -20.14 -7.48 3.56
C GLU B 151 -20.74 -6.72 2.38
N ALA B 152 -20.40 -5.45 2.19
CA ALA B 152 -20.95 -4.68 1.09
C ALA B 152 -20.40 -5.08 -0.28
N MET B 153 -19.37 -5.91 -0.33
CA MET B 153 -18.74 -6.32 -1.58
C MET B 153 -18.88 -7.83 -1.73
N SER B 154 -19.50 -8.24 -2.83
CA SER B 154 -19.62 -9.65 -3.15
C SER B 154 -19.05 -9.88 -4.53
N CYS B 155 -18.59 -11.10 -4.78
CA CYS B 155 -17.89 -11.37 -6.03
C CYS B 155 -18.16 -12.79 -6.49
N ASP B 156 -17.97 -12.99 -7.79
CA ASP B 156 -17.96 -14.30 -8.43
C ASP B 156 -16.82 -14.29 -9.43
N PHE B 157 -15.91 -15.25 -9.30
CA PHE B 157 -14.75 -15.35 -10.18
C PHE B 157 -14.65 -16.73 -10.83
N ASN B 158 -15.68 -17.56 -10.71
CA ASN B 158 -15.60 -18.92 -11.22
C ASN B 158 -15.39 -18.95 -12.72
N GLY B 159 -14.53 -19.85 -13.18
CA GLY B 159 -14.22 -19.98 -14.59
C GLY B 159 -13.42 -18.84 -15.17
N GLY B 160 -12.81 -18.00 -14.34
CA GLY B 160 -12.04 -16.87 -14.80
C GLY B 160 -12.84 -15.62 -15.09
N LYS B 161 -14.17 -15.67 -15.00
CA LYS B 161 -14.99 -14.48 -15.14
C LYS B 161 -14.74 -13.51 -13.99
N ILE B 162 -15.16 -12.27 -14.19
CA ILE B 162 -15.09 -11.24 -13.16
C ILE B 162 -16.48 -10.67 -12.94
N SER B 163 -17.02 -10.86 -11.74
CA SER B 163 -18.25 -10.21 -11.32
C SER B 163 -18.04 -9.67 -9.92
N VAL B 164 -18.20 -8.36 -9.76
CA VAL B 164 -18.03 -7.68 -8.49
C VAL B 164 -19.27 -6.83 -8.27
N GLN B 165 -19.85 -6.89 -7.07
CA GLN B 165 -21.07 -6.18 -6.76
C GLN B 165 -20.89 -5.42 -5.45
N TYR B 166 -20.97 -4.09 -5.53
CA TYR B 166 -20.92 -3.22 -4.37
C TYR B 166 -22.35 -2.86 -4.00
N ASN B 167 -22.71 -3.12 -2.74
CA ASN B 167 -24.05 -2.89 -2.22
C ASN B 167 -24.09 -1.51 -1.59
N LEU B 168 -24.73 -0.56 -2.26
CA LEU B 168 -24.73 0.84 -1.85
C LEU B 168 -25.84 1.21 -0.88
N SER B 169 -26.70 0.27 -0.48
CA SER B 169 -27.81 0.62 0.40
C SER B 169 -27.34 1.04 1.78
N HIS B 170 -28.12 1.93 2.40
CA HIS B 170 -27.79 2.45 3.72
C HIS B 170 -28.64 1.78 4.80
N ASN B 178 -24.96 10.23 8.93
CA ASN B 178 -24.71 10.99 7.72
C ASN B 178 -24.39 10.06 6.55
N HIS B 179 -24.77 10.47 5.34
CA HIS B 179 -24.53 9.66 4.16
C HIS B 179 -23.07 9.67 3.74
N CYS B 180 -22.30 10.65 4.22
CA CYS B 180 -20.90 10.78 3.80
C CYS B 180 -20.04 9.64 4.34
N GLY B 181 -20.27 9.24 5.59
CA GLY B 181 -19.47 8.17 6.17
C GLY B 181 -20.05 6.81 5.91
N THR B 182 -20.31 6.50 4.64
CA THR B 182 -20.90 5.23 4.23
C THR B 182 -20.09 4.65 3.07
N VAL B 183 -20.15 3.33 2.93
CA VAL B 183 -19.50 2.67 1.80
C VAL B 183 -20.03 3.24 0.50
N ALA B 184 -21.33 3.56 0.45
CA ALA B 184 -21.92 4.08 -0.78
C ALA B 184 -21.20 5.32 -1.25
N ASN B 185 -20.88 6.24 -0.33
CA ASN B 185 -20.22 7.48 -0.73
C ASN B 185 -18.82 7.20 -1.30
N GLY B 186 -18.04 6.37 -0.61
CA GLY B 186 -16.70 6.10 -1.09
C GLY B 186 -16.68 5.38 -2.42
N VAL B 187 -17.53 4.36 -2.55
CA VAL B 187 -17.64 3.61 -3.80
C VAL B 187 -18.07 4.52 -4.95
N LEU B 188 -19.05 5.39 -4.70
CA LEU B 188 -19.54 6.25 -5.77
C LEU B 188 -18.53 7.32 -6.15
N GLN B 189 -17.77 7.86 -5.18
CA GLN B 189 -16.68 8.76 -5.54
C GLN B 189 -15.64 8.06 -6.40
N THR B 190 -15.28 6.83 -6.04
CA THR B 190 -14.36 6.07 -6.86
C THR B 190 -14.92 5.84 -8.25
N PHE B 191 -16.21 5.54 -8.34
CA PHE B 191 -16.85 5.36 -9.64
C PHE B 191 -16.82 6.64 -10.46
N MET B 192 -17.06 7.79 -9.81
CA MET B 192 -16.99 9.06 -10.52
C MET B 192 -15.60 9.27 -11.11
N ARG B 193 -14.56 8.95 -10.35
CA ARG B 193 -13.21 9.12 -10.89
C ARG B 193 -12.93 8.11 -12.00
N MET B 194 -13.30 6.84 -11.79
CA MET B 194 -12.98 5.78 -12.76
C MET B 194 -13.72 5.99 -14.07
N ALA B 195 -15.01 6.31 -14.00
CA ALA B 195 -15.85 6.55 -15.16
C ALA B 195 -15.99 8.05 -15.42
N TRP B 196 -14.90 8.78 -15.18
CA TRP B 196 -14.93 10.23 -15.35
C TRP B 196 -15.31 10.59 -16.77
N GLY B 197 -16.25 11.52 -16.90
CA GLY B 197 -16.86 11.80 -18.19
C GLY B 197 -18.09 10.94 -18.37
N GLY B 198 -19.27 11.55 -18.30
CA GLY B 198 -20.51 10.81 -18.35
C GLY B 198 -21.00 10.25 -17.03
N SER B 199 -20.16 10.25 -15.99
CA SER B 199 -20.63 9.85 -14.66
C SER B 199 -21.62 10.87 -14.09
N TYR B 200 -21.38 12.16 -14.35
CA TYR B 200 -22.11 13.22 -13.66
C TYR B 200 -23.63 13.12 -13.84
N ILE B 201 -24.09 12.60 -14.98
CA ILE B 201 -25.53 12.52 -15.21
C ILE B 201 -26.21 11.54 -14.26
N ALA B 202 -25.51 10.49 -13.84
CA ALA B 202 -26.07 9.51 -12.91
C ALA B 202 -25.82 9.85 -11.45
N LEU B 203 -25.06 10.89 -11.16
CA LEU B 203 -24.46 11.09 -9.85
C LEU B 203 -24.95 12.40 -9.24
N ASP B 204 -24.81 12.47 -7.92
CA ASP B 204 -25.14 13.67 -7.14
C ASP B 204 -26.61 14.05 -7.25
N SER B 205 -27.49 13.04 -7.40
CA SER B 205 -28.92 13.31 -7.34
C SER B 205 -29.33 13.85 -5.98
N GLY B 206 -28.88 13.21 -4.91
CA GLY B 206 -28.99 13.77 -3.58
C GLY B 206 -27.72 14.52 -3.20
N ARG B 207 -27.72 15.84 -3.38
CA ARG B 207 -26.52 16.63 -3.16
C ARG B 207 -26.09 16.59 -1.69
N GLY B 208 -24.84 16.21 -1.46
CA GLY B 208 -24.31 16.08 -0.12
C GLY B 208 -23.35 17.19 0.25
N ASN B 209 -22.93 17.15 1.51
CA ASN B 209 -21.96 18.12 2.02
C ASN B 209 -20.57 17.85 1.47
N TRP B 210 -19.80 18.92 1.29
CA TRP B 210 -18.43 18.85 0.77
C TRP B 210 -18.48 18.13 -0.58
N ASP B 211 -17.66 17.10 -0.81
CA ASP B 211 -17.57 16.37 -2.06
C ASP B 211 -18.47 15.13 -2.08
N CYS B 212 -19.45 15.08 -1.18
CA CYS B 212 -20.19 13.86 -0.93
C CYS B 212 -21.19 13.60 -2.07
N ILE B 213 -21.34 12.33 -2.43
CA ILE B 213 -22.17 11.92 -3.55
C ILE B 213 -23.26 10.99 -3.02
N MET B 214 -24.49 11.20 -3.45
CA MET B 214 -25.55 10.24 -3.20
C MET B 214 -26.39 10.04 -4.46
N THR B 215 -26.76 8.79 -4.71
CA THR B 215 -27.63 8.41 -5.81
C THR B 215 -28.77 7.56 -5.27
N SER B 216 -29.73 7.28 -6.15
CA SER B 216 -30.87 6.43 -5.81
C SER B 216 -30.61 4.96 -6.12
N TYR B 217 -29.44 4.61 -6.63
CA TYR B 217 -29.13 3.22 -6.98
C TYR B 217 -28.72 2.42 -5.75
N GLN B 218 -29.06 1.13 -5.75
CA GLN B 218 -28.73 0.25 -4.65
C GLN B 218 -27.47 -0.58 -4.89
N TYR B 219 -26.97 -0.65 -6.12
CA TYR B 219 -25.82 -1.52 -6.39
C TYR B 219 -24.99 -0.95 -7.53
N LEU B 220 -23.69 -1.20 -7.46
CA LEU B 220 -22.75 -0.98 -8.56
C LEU B 220 -22.14 -2.32 -8.94
N ILE B 221 -22.34 -2.75 -10.18
CA ILE B 221 -21.94 -4.07 -10.62
C ILE B 221 -20.91 -3.95 -11.73
N ILE B 222 -19.82 -4.69 -11.61
CA ILE B 222 -18.71 -4.69 -12.55
C ILE B 222 -18.53 -6.11 -13.06
N GLN B 223 -18.77 -6.31 -14.36
CA GLN B 223 -18.64 -7.62 -14.99
C GLN B 223 -17.83 -7.51 -16.27
N ASN B 224 -17.12 -8.58 -16.61
CA ASN B 224 -16.39 -8.54 -17.88
C ASN B 224 -17.36 -8.55 -19.06
N THR B 225 -16.88 -8.02 -20.18
CA THR B 225 -17.68 -7.90 -21.39
C THR B 225 -16.73 -7.85 -22.58
N THR B 226 -17.29 -8.08 -23.76
CA THR B 226 -16.56 -7.99 -25.02
C THR B 226 -16.73 -6.60 -25.61
N TRP B 227 -15.85 -6.29 -26.57
CA TRP B 227 -15.84 -4.96 -27.16
C TRP B 227 -17.10 -4.71 -27.97
N GLU B 228 -17.62 -3.49 -27.88
CA GLU B 228 -18.76 -3.02 -28.65
C GLU B 228 -18.71 -1.51 -28.61
N ASP B 229 -19.38 -0.88 -29.57
CA ASP B 229 -19.36 0.59 -29.64
C ASP B 229 -20.36 1.08 -28.59
N HIS B 230 -19.84 1.33 -27.38
CA HIS B 230 -20.69 1.71 -26.26
C HIS B 230 -20.71 3.19 -25.96
N CYS B 231 -19.86 3.99 -26.59
CA CYS B 231 -19.60 5.36 -26.12
C CYS B 231 -20.58 6.36 -26.75
N GLN B 232 -21.86 6.18 -26.43
CA GLN B 232 -22.90 7.06 -26.93
C GLN B 232 -22.91 8.41 -26.20
N PHE B 233 -22.62 8.42 -24.89
CA PHE B 233 -22.71 9.65 -24.12
C PHE B 233 -21.39 10.40 -23.97
N SER B 234 -20.27 9.70 -23.80
CA SER B 234 -18.97 10.34 -23.68
C SER B 234 -17.95 9.58 -24.53
N ARG B 235 -16.98 10.32 -25.06
CA ARG B 235 -15.94 9.72 -25.87
C ARG B 235 -15.02 8.86 -25.00
N PRO B 236 -14.47 7.79 -25.55
CA PRO B 236 -13.51 6.99 -24.78
C PRO B 236 -12.29 7.81 -24.39
N SER B 237 -11.81 7.58 -23.16
CA SER B 237 -10.71 8.35 -22.62
C SER B 237 -9.98 7.50 -21.59
N PRO B 238 -8.65 7.60 -21.51
CA PRO B 238 -7.91 6.88 -20.47
C PRO B 238 -7.74 7.66 -19.17
N ILE B 239 -8.26 8.90 -19.11
CA ILE B 239 -7.92 9.81 -18.02
C ILE B 239 -8.37 9.26 -16.67
N GLY B 240 -9.59 8.73 -16.59
CA GLY B 240 -10.11 8.28 -15.31
C GLY B 240 -9.25 7.18 -14.70
N TYR B 241 -8.91 6.17 -15.50
CA TYR B 241 -8.08 5.07 -15.01
C TYR B 241 -6.71 5.57 -14.56
N LEU B 242 -6.05 6.36 -15.41
CA LEU B 242 -4.71 6.86 -15.11
C LEU B 242 -4.72 7.69 -13.84
N GLY B 243 -5.71 8.58 -13.70
CA GLY B 243 -5.84 9.36 -12.48
C GLY B 243 -6.06 8.50 -11.25
N LEU B 244 -6.87 7.45 -11.38
CA LEU B 244 -7.10 6.59 -10.23
C LEU B 244 -5.86 5.82 -9.81
N LEU B 245 -4.91 5.60 -10.74
CA LEU B 245 -3.71 4.85 -10.38
C LEU B 245 -2.99 5.45 -9.17
N SER B 246 -2.94 6.78 -9.07
CA SER B 246 -2.26 7.39 -7.93
C SER B 246 -3.08 7.33 -6.65
N GLN B 247 -4.40 7.12 -6.75
CA GLN B 247 -5.24 7.06 -5.55
C GLN B 247 -5.10 5.75 -4.78
N ARG B 248 -4.57 4.70 -5.41
CA ARG B 248 -4.46 3.39 -4.79
C ARG B 248 -3.89 3.46 -3.38
N THR B 249 -4.57 2.80 -2.44
CA THR B 249 -4.19 2.62 -1.03
C THR B 249 -4.07 3.93 -0.26
N ARG B 250 -4.39 5.06 -0.87
CA ARG B 250 -4.19 6.35 -0.19
C ARG B 250 -5.13 6.52 1.00
N ASP B 251 -6.31 5.91 0.98
CA ASP B 251 -7.31 6.13 2.01
C ASP B 251 -7.88 4.81 2.54
N ILE B 252 -7.07 3.76 2.53
CA ILE B 252 -7.48 2.49 3.10
C ILE B 252 -7.25 2.51 4.61
N TYR B 253 -8.15 1.87 5.34
CA TYR B 253 -7.99 1.69 6.77
C TYR B 253 -7.07 0.51 7.08
N ILE B 254 -6.46 0.56 8.26
CA ILE B 254 -5.72 -0.59 8.77
C ILE B 254 -6.72 -1.59 9.34
N SER B 255 -6.56 -2.86 8.99
CA SER B 255 -7.38 -3.91 9.58
C SER B 255 -6.59 -4.86 10.47
N ARG B 256 -5.27 -4.75 10.47
CA ARG B 256 -4.42 -5.48 11.40
C ARG B 256 -3.14 -4.68 11.61
N ARG B 257 -2.38 -5.06 12.63
CA ARG B 257 -1.18 -4.31 12.98
C ARG B 257 -0.03 -4.58 12.02
N LEU B 258 0.08 -5.80 11.50
CA LEU B 258 1.16 -6.17 10.59
C LEU B 258 0.55 -6.35 9.21
N LEU B 259 0.67 -5.33 8.36
CA LEU B 259 0.06 -5.37 7.04
C LEU B 259 0.67 -6.48 6.18
N THR C 59 11.92 50.13 9.92
CA THR C 59 12.92 50.17 10.99
C THR C 59 14.18 49.42 10.58
N SER C 60 14.05 48.54 9.59
CA SER C 60 15.16 47.73 9.08
C SER C 60 15.19 47.88 7.56
N LEU C 61 15.95 48.85 7.08
CA LEU C 61 15.99 49.21 5.67
C LEU C 61 17.18 48.55 4.97
N TYR C 62 16.93 47.98 3.79
CA TYR C 62 17.95 47.37 2.95
C TYR C 62 18.00 48.12 1.64
N LYS C 63 19.22 48.40 1.17
CA LYS C 63 19.46 49.20 -0.03
C LYS C 63 18.81 50.59 0.06
N GLY C 64 18.48 51.03 1.26
CA GLY C 64 17.88 52.34 1.47
C GLY C 64 16.38 52.42 1.27
N VAL C 65 15.83 51.59 0.38
CA VAL C 65 14.45 51.73 -0.05
C VAL C 65 13.63 50.47 0.16
N TYR C 66 14.20 49.45 0.79
CA TYR C 66 13.51 48.17 0.99
C TYR C 66 13.36 47.95 2.49
N GLU C 67 12.14 48.08 2.99
CA GLU C 67 11.87 47.82 4.40
C GLU C 67 11.60 46.33 4.58
N LEU C 68 12.21 45.74 5.59
CA LEU C 68 11.98 44.33 5.89
C LEU C 68 10.72 44.21 6.73
N GLN C 69 9.72 43.52 6.19
CA GLN C 69 8.44 43.35 6.86
C GLN C 69 8.12 41.87 6.93
N THR C 70 7.23 41.52 7.85
CA THR C 70 6.93 40.13 8.16
C THR C 70 5.43 39.92 8.26
N LEU C 71 5.03 38.67 8.09
CA LEU C 71 3.67 38.24 8.35
C LEU C 71 3.71 36.86 8.97
N GLU C 72 2.67 36.53 9.73
CA GLU C 72 2.50 35.19 10.29
C GLU C 72 1.12 34.68 9.91
N LEU C 73 1.07 33.48 9.36
CA LEU C 73 -0.19 32.91 8.90
C LEU C 73 -0.98 32.34 10.07
N ASN C 74 -2.28 32.60 10.06
CA ASN C 74 -3.22 31.99 11.02
C ASN C 74 -3.75 30.73 10.36
N MET C 75 -3.05 29.61 10.57
CA MET C 75 -3.47 28.33 10.00
C MET C 75 -4.71 27.77 10.67
N GLU C 76 -5.07 28.31 11.85
CA GLU C 76 -6.29 27.89 12.52
C GLU C 76 -7.52 28.07 11.63
N THR C 77 -7.48 29.03 10.71
CA THR C 77 -8.58 29.26 9.79
C THR C 77 -8.81 28.12 8.82
N LEU C 78 -7.85 27.20 8.68
CA LEU C 78 -8.00 26.03 7.82
C LEU C 78 -8.77 24.89 8.47
N ASN C 79 -9.28 25.11 9.69
CA ASN C 79 -9.82 24.04 10.54
C ASN C 79 -10.89 23.19 9.85
N MET C 80 -11.72 23.79 9.00
CA MET C 80 -12.85 23.05 8.42
C MET C 80 -12.45 22.12 7.29
N THR C 81 -11.27 22.28 6.70
CA THR C 81 -10.91 21.48 5.54
C THR C 81 -9.72 20.56 5.76
N MET C 82 -8.97 20.72 6.85
CA MET C 82 -7.84 19.85 7.09
C MET C 82 -7.54 19.78 8.57
N PRO C 83 -7.00 18.67 9.06
CA PRO C 83 -6.62 18.60 10.48
C PRO C 83 -5.48 19.55 10.79
N LEU C 84 -5.44 19.99 12.05
CA LEU C 84 -4.41 20.90 12.52
C LEU C 84 -3.75 20.30 13.76
N SER C 85 -2.44 20.14 13.72
CA SER C 85 -1.71 19.62 14.86
C SER C 85 -0.96 20.75 15.57
N CYS C 86 -0.82 20.60 16.89
CA CYS C 86 -0.03 21.52 17.69
C CYS C 86 0.43 20.81 18.96
N THR C 87 1.36 21.45 19.66
CA THR C 87 1.96 20.91 20.88
C THR C 87 1.58 21.80 22.06
N LYS C 88 1.11 21.17 23.13
CA LYS C 88 0.80 21.91 24.35
C LYS C 88 2.03 21.99 25.26
N ASN C 89 2.71 20.87 25.48
CA ASN C 89 3.94 20.84 26.25
C ASN C 89 4.72 19.59 25.83
N ASN C 90 5.74 19.23 26.62
CA ASN C 90 6.60 18.11 26.28
C ASN C 90 5.81 16.83 26.04
N SER C 91 4.79 16.58 26.87
CA SER C 91 4.11 15.29 26.85
C SER C 91 2.80 15.29 26.08
N HIS C 92 2.16 16.44 25.88
CA HIS C 92 0.81 16.50 25.32
C HIS C 92 0.82 17.19 23.97
N HIS C 93 0.21 16.56 22.98
CA HIS C 93 0.17 17.04 21.61
C HIS C 93 -1.22 16.72 21.06
N TYR C 94 -1.66 17.49 20.06
CA TYR C 94 -3.02 17.37 19.58
C TYR C 94 -3.06 17.46 18.06
N ILE C 95 -3.99 16.73 17.46
CA ILE C 95 -4.38 16.90 16.08
C ILE C 95 -5.91 17.03 16.03
N MET C 96 -6.39 18.24 15.79
CA MET C 96 -7.81 18.55 15.79
C MET C 96 -8.41 18.47 14.38
N VAL C 97 -9.63 17.97 14.31
CA VAL C 97 -10.38 17.82 13.06
C VAL C 97 -11.62 18.67 13.23
N GLY C 98 -11.64 19.84 12.61
CA GLY C 98 -12.73 20.76 12.84
C GLY C 98 -12.64 21.38 14.22
N ASN C 99 -13.77 21.92 14.67
CA ASN C 99 -13.87 22.53 16.00
C ASN C 99 -14.57 21.63 17.02
N GLU C 100 -14.77 20.37 16.70
CA GLU C 100 -15.54 19.50 17.60
C GLU C 100 -14.72 18.35 18.16
N THR C 101 -13.85 17.74 17.38
CA THR C 101 -13.20 16.50 17.79
C THR C 101 -11.73 16.54 17.40
N GLY C 102 -10.98 15.58 17.92
CA GLY C 102 -9.58 15.48 17.59
C GLY C 102 -8.93 14.33 18.33
N LEU C 103 -7.62 14.26 18.21
CA LEU C 103 -6.81 13.24 18.84
C LEU C 103 -5.77 13.88 19.76
N GLU C 104 -5.70 13.39 21.00
CA GLU C 104 -4.64 13.73 21.93
C GLU C 104 -3.59 12.64 21.93
N LEU C 105 -2.34 13.02 21.65
CA LEU C 105 -1.19 12.13 21.67
C LEU C 105 -0.31 12.51 22.85
N THR C 106 -0.09 11.54 23.74
CA THR C 106 0.64 11.76 24.98
C THR C 106 1.82 10.81 25.04
N LEU C 107 3.00 11.36 25.30
CA LEU C 107 4.17 10.58 25.65
C LEU C 107 4.14 10.39 27.16
N THR C 108 4.15 9.15 27.62
CA THR C 108 3.94 8.92 29.05
C THR C 108 4.52 7.59 29.47
N ASN C 109 4.97 7.55 30.73
CA ASN C 109 5.28 6.30 31.40
C ASN C 109 4.04 5.56 31.92
N THR C 110 2.88 6.19 31.94
CA THR C 110 1.68 5.60 32.54
C THR C 110 0.83 5.01 31.42
N SER C 111 0.85 3.69 31.29
CA SER C 111 0.03 3.03 30.30
C SER C 111 -1.42 2.96 30.76
N ILE C 112 -2.35 2.97 29.81
CA ILE C 112 -3.76 2.83 30.13
C ILE C 112 -4.36 1.54 29.61
N ILE C 113 -3.64 0.78 28.79
CA ILE C 113 -4.10 -0.52 28.32
C ILE C 113 -3.08 -1.57 28.72
N ASN C 114 -3.55 -2.66 29.31
CA ASN C 114 -2.71 -3.75 29.79
C ASN C 114 -3.16 -5.08 29.21
N HIS C 115 -3.40 -5.10 27.89
CA HIS C 115 -3.70 -6.32 27.15
C HIS C 115 -3.04 -6.22 25.79
N LYS C 116 -3.09 -7.30 25.02
CA LYS C 116 -2.41 -7.38 23.73
C LYS C 116 -3.36 -7.29 22.54
N PHE C 117 -4.62 -6.91 22.75
CA PHE C 117 -5.57 -6.85 21.64
C PHE C 117 -5.53 -5.52 20.93
N CYS C 118 -5.86 -5.55 19.63
CA CYS C 118 -6.20 -4.35 18.85
C CYS C 118 -7.24 -4.81 17.83
N ASN C 119 -8.51 -4.68 18.21
CA ASN C 119 -9.62 -5.30 17.48
C ASN C 119 -10.10 -4.38 16.36
N LEU C 120 -9.23 -4.21 15.37
CA LEU C 120 -9.52 -3.29 14.27
C LEU C 120 -10.67 -3.81 13.41
N SER C 121 -10.67 -5.10 13.10
CA SER C 121 -11.73 -5.65 12.24
C SER C 121 -13.10 -5.53 12.89
N ASP C 122 -13.19 -5.82 14.18
CA ASP C 122 -14.48 -5.67 14.87
C ASP C 122 -14.92 -4.22 14.91
N ALA C 123 -13.99 -3.29 15.13
CA ALA C 123 -14.33 -1.87 15.08
C ALA C 123 -14.87 -1.46 13.71
N HIS C 124 -14.21 -1.91 12.64
CA HIS C 124 -14.74 -1.67 11.28
C HIS C 124 -16.12 -2.27 11.12
N LYS C 125 -16.29 -3.49 11.62
CA LYS C 125 -17.55 -4.20 11.58
C LYS C 125 -18.67 -3.37 12.21
N LYS C 126 -18.42 -2.81 13.40
CA LYS C 126 -19.43 -2.04 14.12
C LYS C 126 -19.63 -0.64 13.55
N ASN C 127 -18.59 -0.02 13.01
CA ASN C 127 -18.70 1.25 12.30
C ASN C 127 -19.29 2.35 13.19
N LEU C 128 -18.76 2.48 14.40
CA LEU C 128 -19.21 3.50 15.33
C LEU C 128 -18.23 4.65 15.52
N TYR C 129 -16.98 4.50 15.11
CA TYR C 129 -15.97 5.52 15.31
C TYR C 129 -16.13 6.68 14.32
N ASP C 130 -15.41 7.76 14.61
CA ASP C 130 -15.32 8.90 13.71
C ASP C 130 -14.40 8.53 12.55
N HIS C 131 -14.91 8.68 11.33
CA HIS C 131 -14.17 8.20 10.15
C HIS C 131 -12.89 8.99 9.93
N ALA C 132 -12.93 10.31 10.14
CA ALA C 132 -11.73 11.13 10.00
C ALA C 132 -10.66 10.72 11.01
N LEU C 133 -11.06 10.48 12.26
CA LEU C 133 -10.10 10.07 13.29
C LEU C 133 -9.50 8.71 12.97
N MET C 134 -10.33 7.77 12.50
CA MET C 134 -9.80 6.47 12.10
C MET C 134 -8.84 6.60 10.92
N SER C 135 -9.15 7.51 9.99
CA SER C 135 -8.23 7.77 8.89
C SER C 135 -6.89 8.27 9.40
N ILE C 136 -6.91 9.18 10.39
CA ILE C 136 -5.67 9.71 10.94
C ILE C 136 -4.88 8.59 11.62
N ILE C 137 -5.57 7.73 12.36
CA ILE C 137 -4.93 6.58 13.00
C ILE C 137 -4.27 5.68 11.94
N SER C 138 -5.00 5.39 10.87
CA SER C 138 -4.48 4.52 9.81
C SER C 138 -3.23 5.12 9.18
N THR C 139 -3.28 6.41 8.87
CA THR C 139 -2.12 7.08 8.27
C THR C 139 -0.92 7.02 9.20
N PHE C 140 -1.14 7.33 10.48
CA PHE C 140 -0.05 7.27 11.46
C PHE C 140 0.58 5.89 11.50
N HIS C 141 -0.24 4.85 11.67
CA HIS C 141 0.33 3.51 11.81
C HIS C 141 1.01 3.05 10.53
N LEU C 142 0.42 3.35 9.37
CA LEU C 142 1.03 2.98 8.11
C LEU C 142 2.31 3.73 7.82
N SER C 143 2.53 4.87 8.48
CA SER C 143 3.75 5.63 8.25
C SER C 143 4.94 5.17 9.09
N ILE C 144 4.73 4.30 10.08
CA ILE C 144 5.84 3.85 10.92
C ILE C 144 6.81 3.00 10.09
N PRO C 145 8.11 3.28 10.13
CA PRO C 145 9.07 2.45 9.40
C PRO C 145 9.36 1.15 10.13
N ASN C 146 9.27 0.04 9.41
CA ASN C 146 9.77 -1.26 9.84
C ASN C 146 9.05 -1.79 11.08
N PHE C 147 7.77 -1.44 11.25
CA PHE C 147 7.00 -1.98 12.37
C PHE C 147 6.90 -3.50 12.22
N ASN C 148 7.42 -4.22 13.20
CA ASN C 148 7.42 -5.67 13.09
C ASN C 148 7.15 -6.38 14.42
N GLN C 149 6.65 -5.66 15.43
CA GLN C 149 6.31 -6.22 16.74
C GLN C 149 4.84 -5.87 17.02
N TYR C 150 3.92 -6.72 16.58
CA TYR C 150 2.50 -6.38 16.71
C TYR C 150 2.08 -6.31 18.18
N GLU C 151 2.76 -7.03 19.08
CA GLU C 151 2.43 -6.91 20.50
C GLU C 151 2.72 -5.52 21.04
N ALA C 152 3.55 -4.74 20.35
CA ALA C 152 3.86 -3.39 20.82
C ALA C 152 2.69 -2.42 20.65
N MET C 153 1.65 -2.81 19.92
CA MET C 153 0.51 -1.93 19.66
C MET C 153 -0.75 -2.58 20.23
N SER C 154 -1.43 -1.86 21.12
CA SER C 154 -2.69 -2.34 21.66
C SER C 154 -3.74 -1.25 21.49
N CYS C 155 -5.01 -1.65 21.46
CA CYS C 155 -6.06 -0.69 21.15
C CYS C 155 -7.34 -1.03 21.89
N ASP C 156 -8.19 0.00 22.03
CA ASP C 156 -9.57 -0.12 22.48
C ASP C 156 -10.42 0.76 21.59
N PHE C 157 -11.45 0.17 20.99
CA PHE C 157 -12.35 0.88 20.09
C PHE C 157 -13.81 0.74 20.52
N ASN C 158 -14.07 0.20 21.71
CA ASN C 158 -15.44 -0.07 22.14
C ASN C 158 -16.25 1.22 22.20
N GLY C 159 -17.49 1.15 21.71
CA GLY C 159 -18.38 2.29 21.70
C GLY C 159 -18.03 3.37 20.69
N GLY C 160 -17.16 3.08 19.74
CA GLY C 160 -16.72 4.07 18.78
C GLY C 160 -15.58 4.94 19.25
N LYS C 161 -15.11 4.77 20.48
CA LYS C 161 -13.95 5.51 20.96
C LYS C 161 -12.70 5.06 20.21
N ILE C 162 -11.66 5.89 20.26
CA ILE C 162 -10.37 5.56 19.69
C ILE C 162 -9.33 5.66 20.79
N SER C 163 -8.74 4.53 21.17
CA SER C 163 -7.61 4.49 22.08
C SER C 163 -6.57 3.54 21.50
N VAL C 164 -5.38 4.08 21.24
CA VAL C 164 -4.27 3.32 20.68
C VAL C 164 -3.05 3.58 21.54
N GLN C 165 -2.32 2.52 21.88
CA GLN C 165 -1.17 2.63 22.77
C GLN C 165 0.01 1.88 22.15
N TYR C 166 1.11 2.60 21.92
CA TYR C 166 2.36 2.05 21.43
C TYR C 166 3.31 1.90 22.60
N ASN C 167 3.80 0.68 22.79
CA ASN C 167 4.74 0.34 23.85
C ASN C 167 6.15 0.56 23.33
N LEU C 168 6.83 1.59 23.85
CA LEU C 168 8.15 1.98 23.39
C LEU C 168 9.29 1.35 24.18
N SER C 169 9.00 0.50 25.17
CA SER C 169 10.06 -0.06 25.99
C SER C 169 10.91 -1.06 25.20
N HIS C 170 12.20 -1.10 25.51
CA HIS C 170 13.13 -1.98 24.83
C HIS C 170 13.26 -3.31 25.56
N ASN C 178 21.61 -1.95 19.81
CA ASN C 178 21.29 -0.66 19.22
C ASN C 178 19.79 -0.36 19.37
N HIS C 179 19.46 0.91 19.57
CA HIS C 179 18.07 1.34 19.75
C HIS C 179 17.41 1.71 18.44
N CYS C 180 18.15 1.69 17.34
CA CYS C 180 17.63 2.18 16.07
C CYS C 180 16.67 1.20 15.42
N GLY C 181 16.98 -0.10 15.47
CA GLY C 181 16.12 -1.09 14.85
C GLY C 181 15.06 -1.59 15.82
N THR C 182 14.33 -0.66 16.43
CA THR C 182 13.31 -0.97 17.41
C THR C 182 12.01 -0.27 17.04
N VAL C 183 10.90 -0.80 17.55
CA VAL C 183 9.61 -0.15 17.35
C VAL C 183 9.64 1.25 17.93
N ALA C 184 10.36 1.44 19.05
CA ALA C 184 10.43 2.76 19.68
C ALA C 184 10.91 3.80 18.69
N ASN C 185 12.01 3.49 17.97
CA ASN C 185 12.55 4.45 17.03
C ASN C 185 11.57 4.79 15.92
N GLY C 186 10.97 3.76 15.30
CA GLY C 186 10.05 4.01 14.21
C GLY C 186 8.82 4.81 14.64
N VAL C 187 8.21 4.40 15.75
CA VAL C 187 7.04 5.10 16.27
C VAL C 187 7.38 6.54 16.60
N LEU C 188 8.52 6.78 17.24
CA LEU C 188 8.89 8.14 17.62
C LEU C 188 9.22 9.00 16.40
N GLN C 189 9.83 8.43 15.37
CA GLN C 189 10.05 9.19 14.14
C GLN C 189 8.71 9.58 13.50
N THR C 190 7.76 8.66 13.47
CA THR C 190 6.43 8.98 12.97
C THR C 190 5.79 10.08 13.81
N PHE C 191 5.92 9.99 15.14
CA PHE C 191 5.38 11.02 16.01
C PHE C 191 6.02 12.37 15.73
N MET C 192 7.33 12.39 15.51
CA MET C 192 8.01 13.64 15.19
C MET C 192 7.46 14.25 13.92
N ARG C 193 7.16 13.42 12.92
CA ARG C 193 6.58 13.98 11.70
C ARG C 193 5.14 14.45 11.91
N MET C 194 4.32 13.63 12.58
CA MET C 194 2.90 13.96 12.73
C MET C 194 2.71 15.16 13.65
N ALA C 195 3.45 15.22 14.74
CA ALA C 195 3.40 16.33 15.68
C ALA C 195 4.56 17.29 15.46
N TRP C 196 4.90 17.49 14.18
CA TRP C 196 6.01 18.35 13.82
C TRP C 196 5.75 19.76 14.30
N GLY C 197 6.83 20.48 14.62
CA GLY C 197 6.65 21.77 15.25
C GLY C 197 6.15 21.61 16.68
N GLY C 198 7.01 21.12 17.57
CA GLY C 198 6.62 20.93 18.94
C GLY C 198 7.11 19.62 19.54
N SER C 199 7.44 18.65 18.68
CA SER C 199 7.96 17.37 19.17
C SER C 199 9.39 17.51 19.68
N TYR C 200 10.17 18.44 19.13
CA TYR C 200 11.61 18.47 19.38
C TYR C 200 11.94 18.59 20.86
N ILE C 201 11.09 19.27 21.64
CA ILE C 201 11.38 19.43 23.07
C ILE C 201 11.29 18.09 23.79
N ALA C 202 10.41 17.20 23.36
CA ALA C 202 10.26 15.89 23.99
C ALA C 202 11.22 14.84 23.44
N LEU C 203 11.96 15.16 22.38
CA LEU C 203 12.68 14.16 21.61
C LEU C 203 14.17 14.49 21.58
N ASP C 204 14.94 13.59 20.98
CA ASP C 204 16.39 13.71 20.84
C ASP C 204 17.11 13.74 22.20
N SER C 205 16.42 13.34 23.27
CA SER C 205 17.07 13.30 24.58
C SER C 205 18.21 12.29 24.60
N GLY C 206 17.94 11.07 24.16
CA GLY C 206 18.99 10.10 23.94
C GLY C 206 19.44 10.14 22.49
N ARG C 207 20.53 10.85 22.21
CA ARG C 207 20.97 11.05 20.84
C ARG C 207 21.37 9.72 20.20
N GLY C 208 21.01 9.55 18.93
CA GLY C 208 21.24 8.30 18.23
C GLY C 208 21.91 8.55 16.89
N ASN C 209 22.39 7.46 16.30
CA ASN C 209 23.08 7.52 15.02
C ASN C 209 22.11 7.85 13.90
N TRP C 210 22.60 8.56 12.89
CA TRP C 210 21.81 8.95 11.72
C TRP C 210 20.60 9.73 12.22
N ASP C 211 19.38 9.38 11.81
CA ASP C 211 18.15 10.09 12.15
C ASP C 211 17.44 9.45 13.35
N CYS C 212 18.15 8.65 14.13
CA CYS C 212 17.56 7.81 15.15
C CYS C 212 17.21 8.63 16.38
N ILE C 213 16.05 8.34 16.98
CA ILE C 213 15.54 9.11 18.11
C ILE C 213 15.39 8.16 19.30
N MET C 214 15.69 8.67 20.50
CA MET C 214 15.41 7.95 21.72
C MET C 214 14.90 8.92 22.78
N THR C 215 13.94 8.45 23.57
CA THR C 215 13.34 9.22 24.66
C THR C 215 13.28 8.37 25.91
N SER C 216 12.98 9.01 27.03
CA SER C 216 12.81 8.33 28.31
C SER C 216 11.39 7.81 28.53
N TYR C 217 10.46 8.08 27.62
CA TYR C 217 9.07 7.65 27.78
C TYR C 217 8.90 6.19 27.40
N GLN C 218 7.99 5.52 28.10
CA GLN C 218 7.70 4.12 27.85
C GLN C 218 6.52 3.88 26.93
N TYR C 219 5.68 4.89 26.67
CA TYR C 219 4.45 4.68 25.92
C TYR C 219 4.08 5.93 25.14
N LEU C 220 3.46 5.72 23.99
CA LEU C 220 2.78 6.79 23.25
C LEU C 220 1.31 6.43 23.13
N ILE C 221 0.44 7.28 23.64
CA ILE C 221 -0.99 7.00 23.73
C ILE C 221 -1.74 8.01 22.87
N ILE C 222 -2.67 7.51 22.06
CA ILE C 222 -3.48 8.30 21.15
C ILE C 222 -4.94 8.04 21.49
N GLN C 223 -5.64 9.06 21.98
CA GLN C 223 -7.05 8.93 22.36
C GLN C 223 -7.83 10.11 21.81
N ASN C 224 -9.09 9.86 21.41
CA ASN C 224 -9.89 10.96 20.91
C ASN C 224 -10.28 11.90 22.04
N THR C 225 -10.51 13.16 21.68
CA THR C 225 -10.76 14.23 22.63
C THR C 225 -11.59 15.30 21.93
N THR C 226 -12.13 16.21 22.72
CA THR C 226 -12.89 17.35 22.22
C THR C 226 -12.00 18.58 22.09
N TRP C 227 -12.49 19.56 21.35
CA TRP C 227 -11.69 20.74 21.07
C TRP C 227 -11.49 21.59 22.33
N GLU C 228 -10.27 22.11 22.47
CA GLU C 228 -9.92 23.02 23.54
C GLU C 228 -8.65 23.74 23.07
N ASP C 229 -8.42 24.93 23.62
CA ASP C 229 -7.27 25.72 23.20
C ASP C 229 -6.04 25.11 23.85
N HIS C 230 -5.41 24.17 23.14
CA HIS C 230 -4.26 23.45 23.64
C HIS C 230 -2.92 23.95 23.11
N CYS C 231 -2.90 24.86 22.15
CA CYS C 231 -1.66 25.14 21.42
C CYS C 231 -0.82 26.20 22.14
N GLN C 232 -0.38 25.81 23.34
CA GLN C 232 0.47 26.69 24.15
C GLN C 232 1.90 26.73 23.65
N PHE C 233 2.43 25.61 23.17
CA PHE C 233 3.85 25.59 22.80
C PHE C 233 4.08 25.86 21.32
N SER C 234 3.19 25.40 20.43
CA SER C 234 3.35 25.65 19.00
C SER C 234 2.00 25.99 18.39
N ARG C 235 2.04 26.75 17.30
CA ARG C 235 0.83 27.14 16.60
C ARG C 235 0.22 25.93 15.88
N PRO C 236 -1.10 25.89 15.78
CA PRO C 236 -1.74 24.83 14.98
C PRO C 236 -1.26 24.90 13.53
N SER C 237 -1.10 23.73 12.91
CA SER C 237 -0.55 23.65 11.57
C SER C 237 -0.99 22.35 10.92
N PRO C 238 -1.37 22.36 9.64
CA PRO C 238 -1.68 21.10 8.95
C PRO C 238 -0.47 20.38 8.39
N ILE C 239 0.73 20.95 8.56
CA ILE C 239 1.89 20.50 7.80
C ILE C 239 2.27 19.06 8.15
N GLY C 240 2.27 18.72 9.43
CA GLY C 240 2.68 17.39 9.83
C GLY C 240 1.83 16.29 9.22
N TYR C 241 0.51 16.46 9.29
CA TYR C 241 -0.41 15.47 8.73
C TYR C 241 -0.25 15.36 7.21
N LEU C 242 -0.24 16.51 6.54
CA LEU C 242 -0.11 16.52 5.08
C LEU C 242 1.19 15.84 4.65
N GLY C 243 2.30 16.17 5.31
CA GLY C 243 3.56 15.52 5.01
C GLY C 243 3.52 14.03 5.25
N LEU C 244 2.84 13.60 6.31
CA LEU C 244 2.77 12.17 6.57
C LEU C 244 1.94 11.41 5.55
N LEU C 245 1.00 12.09 4.88
CA LEU C 245 0.17 11.40 3.90
C LEU C 245 1.01 10.67 2.85
N SER C 246 2.09 11.29 2.37
CA SER C 246 2.93 10.64 1.37
C SER C 246 3.78 9.50 1.94
N GLN C 247 3.94 9.44 3.26
CA GLN C 247 4.76 8.40 3.88
C GLN C 247 4.03 7.06 3.96
N ARG C 248 2.71 7.05 3.82
CA ARG C 248 1.92 5.84 4.01
C ARG C 248 2.45 4.66 3.20
N THR C 249 2.63 3.53 3.89
CA THR C 249 3.04 2.23 3.36
C THR C 249 4.44 2.23 2.74
N ARG C 250 5.18 3.34 2.84
CA ARG C 250 6.48 3.40 2.18
C ARG C 250 7.51 2.47 2.82
N ASP C 251 7.39 2.19 4.12
CA ASP C 251 8.39 1.40 4.83
C ASP C 251 7.78 0.24 5.61
N ILE C 252 6.60 -0.22 5.23
CA ILE C 252 6.01 -1.39 5.87
C ILE C 252 6.72 -2.65 5.38
N TYR C 253 6.75 -3.67 6.24
CA TYR C 253 7.27 -4.98 5.90
C TYR C 253 6.18 -5.86 5.30
N ILE C 254 6.60 -6.84 4.50
CA ILE C 254 5.68 -7.88 4.03
C ILE C 254 5.48 -8.88 5.17
N SER C 255 4.23 -9.27 5.40
CA SER C 255 3.94 -10.30 6.39
C SER C 255 3.31 -11.54 5.76
N ARG C 256 2.99 -11.50 4.48
CA ARG C 256 2.58 -12.68 3.73
C ARG C 256 2.86 -12.40 2.26
N ARG C 257 2.76 -13.47 1.45
CA ARG C 257 3.16 -13.36 0.06
C ARG C 257 2.10 -12.64 -0.78
N LEU C 258 0.83 -12.77 -0.44
CA LEU C 258 -0.25 -12.11 -1.17
C LEU C 258 -0.82 -11.02 -0.26
N LEU C 259 -0.48 -9.76 -0.55
CA LEU C 259 -0.91 -8.64 0.26
C LEU C 259 -2.43 -8.49 0.22
N THR D 59 40.67 15.81 -26.81
CA THR D 59 41.26 15.83 -28.15
C THR D 59 40.19 16.17 -29.20
N SER D 60 38.92 16.07 -28.80
CA SER D 60 37.81 16.35 -29.69
C SER D 60 37.34 17.77 -29.44
N LEU D 61 37.38 18.60 -30.48
CA LEU D 61 37.14 20.04 -30.37
C LEU D 61 35.90 20.42 -31.15
N TYR D 62 35.00 21.15 -30.50
CA TYR D 62 33.74 21.60 -31.09
C TYR D 62 33.71 23.12 -31.15
N LYS D 63 33.22 23.65 -32.27
CA LYS D 63 33.23 25.09 -32.55
C LYS D 63 34.63 25.69 -32.43
N GLY D 64 35.66 24.86 -32.54
CA GLY D 64 37.03 25.29 -32.42
C GLY D 64 37.48 25.76 -31.06
N VAL D 65 36.57 25.89 -30.08
CA VAL D 65 36.95 26.48 -28.81
C VAL D 65 36.41 25.65 -27.65
N TYR D 66 35.55 24.67 -27.94
CA TYR D 66 34.86 23.89 -26.92
C TYR D 66 35.45 22.48 -26.94
N GLU D 67 36.15 22.10 -25.88
CA GLU D 67 36.74 20.77 -25.80
C GLU D 67 35.74 19.83 -25.12
N LEU D 68 35.55 18.65 -25.70
CA LEU D 68 34.67 17.65 -25.10
C LEU D 68 35.44 16.89 -24.04
N GLN D 69 34.92 16.90 -22.82
CA GLN D 69 35.57 16.25 -21.68
C GLN D 69 34.53 15.43 -20.94
N THR D 70 35.00 14.44 -20.21
CA THR D 70 34.13 13.48 -19.56
C THR D 70 34.47 13.37 -18.07
N LEU D 71 33.52 12.85 -17.32
CA LEU D 71 33.72 12.43 -15.94
C LEU D 71 32.87 11.20 -15.68
N GLU D 72 33.31 10.37 -14.75
CA GLU D 72 32.54 9.21 -14.32
C GLU D 72 32.41 9.23 -12.81
N LEU D 73 31.18 9.11 -12.31
CA LEU D 73 30.93 9.18 -10.89
C LEU D 73 31.33 7.88 -10.20
N ASN D 74 31.92 8.01 -9.02
CA ASN D 74 32.25 6.87 -8.17
C ASN D 74 31.09 6.69 -7.21
N MET D 75 30.11 5.87 -7.60
CA MET D 75 28.94 5.63 -6.76
C MET D 75 29.30 4.95 -5.44
N GLU D 76 30.47 4.28 -5.40
CA GLU D 76 30.86 3.52 -4.22
C GLU D 76 30.93 4.40 -2.98
N THR D 77 31.25 5.68 -3.15
CA THR D 77 31.33 6.59 -2.02
C THR D 77 29.98 6.85 -1.36
N LEU D 78 28.87 6.43 -1.97
CA LEU D 78 27.54 6.58 -1.39
C LEU D 78 27.18 5.45 -0.43
N ASN D 79 28.10 4.49 -0.22
CA ASN D 79 27.78 3.21 0.41
C ASN D 79 27.18 3.34 1.80
N MET D 80 27.54 4.39 2.55
CA MET D 80 27.06 4.50 3.92
C MET D 80 25.64 5.02 4.03
N THR D 81 25.05 5.59 2.98
CA THR D 81 23.72 6.15 3.11
C THR D 81 22.69 5.54 2.18
N MET D 82 23.08 4.65 1.26
CA MET D 82 22.11 4.02 0.38
C MET D 82 22.67 2.71 -0.14
N PRO D 83 21.83 1.72 -0.42
CA PRO D 83 22.32 0.46 -0.99
C PRO D 83 22.83 0.67 -2.41
N LEU D 84 23.78 -0.17 -2.80
CA LEU D 84 24.40 -0.11 -4.11
C LEU D 84 24.28 -1.46 -4.80
N SER D 85 23.65 -1.48 -5.96
CA SER D 85 23.51 -2.69 -6.76
C SER D 85 24.57 -2.75 -7.85
N CYS D 86 25.03 -3.97 -8.15
CA CYS D 86 25.92 -4.19 -9.27
C CYS D 86 25.79 -5.64 -9.74
N THR D 87 26.37 -5.92 -10.90
CA THR D 87 26.29 -7.23 -11.53
C THR D 87 27.69 -7.81 -11.64
N LYS D 88 27.86 -9.04 -11.16
CA LYS D 88 29.14 -9.73 -11.31
C LYS D 88 29.24 -10.46 -12.66
N ASN D 89 28.22 -11.23 -13.01
CA ASN D 89 28.18 -11.90 -14.31
C ASN D 89 26.72 -12.19 -14.64
N ASN D 90 26.50 -13.07 -15.63
CA ASN D 90 25.14 -13.37 -16.05
C ASN D 90 24.25 -13.80 -14.89
N SER D 91 24.76 -14.66 -14.01
CA SER D 91 23.94 -15.29 -12.98
C SER D 91 23.99 -14.58 -11.64
N HIS D 92 25.05 -13.85 -11.32
CA HIS D 92 25.27 -13.33 -9.98
C HIS D 92 25.18 -11.81 -9.95
N HIS D 93 24.39 -11.29 -9.03
CA HIS D 93 24.11 -9.87 -8.90
C HIS D 93 24.04 -9.55 -7.41
N TYR D 94 24.33 -8.30 -7.04
CA TYR D 94 24.49 -7.96 -5.64
C TYR D 94 23.84 -6.62 -5.34
N ILE D 95 23.31 -6.49 -4.14
CA ILE D 95 22.94 -5.21 -3.57
C ILE D 95 23.57 -5.11 -2.18
N MET D 96 24.47 -4.16 -2.02
CA MET D 96 25.30 -4.03 -0.82
C MET D 96 24.75 -2.90 0.04
N VAL D 97 24.70 -3.13 1.34
CA VAL D 97 24.26 -2.15 2.32
C VAL D 97 25.47 -1.88 3.22
N GLY D 98 26.12 -0.74 3.02
CA GLY D 98 27.33 -0.48 3.78
C GLY D 98 28.49 -1.34 3.26
N ASN D 99 29.52 -1.45 4.10
CA ASN D 99 30.70 -2.23 3.77
C ASN D 99 30.72 -3.61 4.42
N GLU D 100 29.61 -4.06 4.99
CA GLU D 100 29.62 -5.29 5.78
C GLU D 100 28.57 -6.31 5.39
N THR D 101 27.48 -5.93 4.73
CA THR D 101 26.40 -6.88 4.48
C THR D 101 25.70 -6.53 3.18
N GLY D 102 24.91 -7.47 2.68
CA GLY D 102 24.15 -7.23 1.48
C GLY D 102 23.35 -8.46 1.09
N LEU D 103 22.80 -8.41 -0.11
CA LEU D 103 22.01 -9.49 -0.69
C LEU D 103 22.65 -9.94 -2.00
N GLU D 104 22.74 -11.25 -2.17
CA GLU D 104 23.14 -11.90 -3.40
C GLU D 104 21.90 -12.42 -4.12
N LEU D 105 21.72 -11.96 -5.35
CA LEU D 105 20.63 -12.39 -6.22
C LEU D 105 21.21 -13.23 -7.34
N THR D 106 20.82 -14.50 -7.39
CA THR D 106 21.32 -15.46 -8.37
C THR D 106 20.18 -15.99 -9.21
N LEU D 107 20.35 -15.91 -10.52
CA LEU D 107 19.50 -16.63 -11.45
C LEU D 107 20.09 -18.01 -11.62
N THR D 108 19.30 -19.05 -11.37
CA THR D 108 19.89 -20.38 -11.31
C THR D 108 18.84 -21.45 -11.58
N ASN D 109 19.31 -22.57 -12.11
CA ASN D 109 18.52 -23.77 -12.26
C ASN D 109 18.58 -24.66 -11.01
N THR D 110 19.43 -24.33 -10.04
CA THR D 110 19.60 -25.13 -8.83
C THR D 110 18.87 -24.45 -7.68
N SER D 111 17.73 -25.00 -7.28
CA SER D 111 17.01 -24.47 -6.13
C SER D 111 17.68 -24.91 -4.83
N ILE D 112 17.53 -24.09 -3.79
CA ILE D 112 18.05 -24.44 -2.47
C ILE D 112 16.95 -24.64 -1.45
N ILE D 113 15.70 -24.35 -1.78
CA ILE D 113 14.56 -24.59 -0.89
C ILE D 113 13.57 -25.49 -1.61
N ASN D 114 13.11 -26.53 -0.92
CA ASN D 114 12.20 -27.52 -1.50
C ASN D 114 10.97 -27.69 -0.62
N HIS D 115 10.40 -26.58 -0.16
CA HIS D 115 9.14 -26.58 0.57
C HIS D 115 8.35 -25.35 0.13
N LYS D 116 7.12 -25.23 0.62
CA LYS D 116 6.23 -24.15 0.23
C LYS D 116 6.05 -23.08 1.31
N PHE D 117 6.89 -23.07 2.34
CA PHE D 117 6.75 -22.12 3.44
C PHE D 117 7.51 -20.83 3.17
N CYS D 118 6.96 -19.73 3.71
CA CYS D 118 7.68 -18.45 3.83
C CYS D 118 7.17 -17.80 5.13
N ASN D 119 7.88 -18.09 6.22
CA ASN D 119 7.38 -17.78 7.57
C ASN D 119 7.72 -16.35 7.99
N LEU D 120 7.13 -15.40 7.27
CA LEU D 120 7.45 -13.99 7.47
C LEU D 120 7.06 -13.49 8.86
N SER D 121 5.85 -13.85 9.34
CA SER D 121 5.40 -13.33 10.63
C SER D 121 6.26 -13.85 11.77
N ASP D 122 6.65 -15.12 11.72
CA ASP D 122 7.54 -15.67 12.74
C ASP D 122 8.89 -14.97 12.70
N ALA D 123 9.37 -14.66 11.49
CA ALA D 123 10.61 -13.92 11.35
C ALA D 123 10.50 -12.54 11.99
N HIS D 124 9.37 -11.86 11.77
CA HIS D 124 9.19 -10.53 12.35
C HIS D 124 9.18 -10.59 13.87
N LYS D 125 8.36 -11.47 14.44
CA LYS D 125 8.31 -11.55 15.89
C LYS D 125 9.67 -11.93 16.49
N LYS D 126 10.37 -12.91 15.92
CA LYS D 126 11.68 -13.24 16.47
C LYS D 126 12.65 -12.08 16.33
N ASN D 127 12.51 -11.27 15.28
CA ASN D 127 13.25 -10.01 15.12
C ASN D 127 14.76 -10.24 15.18
N LEU D 128 15.24 -11.23 14.43
CA LEU D 128 16.67 -11.52 14.37
C LEU D 128 17.35 -11.02 13.10
N TYR D 129 16.58 -10.72 12.05
CA TYR D 129 17.16 -10.37 10.76
C TYR D 129 17.70 -8.94 10.76
N ASP D 130 18.46 -8.63 9.71
CA ASP D 130 18.95 -7.28 9.47
C ASP D 130 17.79 -6.45 8.90
N HIS D 131 17.50 -5.33 9.56
CA HIS D 131 16.30 -4.55 9.22
C HIS D 131 16.40 -3.95 7.82
N ALA D 132 17.58 -3.46 7.45
CA ALA D 132 17.77 -2.92 6.11
C ALA D 132 17.56 -4.01 5.04
N LEU D 133 18.10 -5.21 5.28
CA LEU D 133 17.94 -6.29 4.31
C LEU D 133 16.47 -6.72 4.18
N MET D 134 15.76 -6.82 5.30
CA MET D 134 14.33 -7.15 5.23
C MET D 134 13.56 -6.06 4.49
N SER D 135 13.95 -4.80 4.70
CA SER D 135 13.34 -3.70 3.95
C SER D 135 13.55 -3.88 2.45
N ILE D 136 14.77 -4.25 2.05
CA ILE D 136 15.04 -4.46 0.63
C ILE D 136 14.19 -5.59 0.08
N ILE D 137 14.10 -6.69 0.83
CA ILE D 137 13.29 -7.84 0.41
C ILE D 137 11.83 -7.42 0.24
N SER D 138 11.31 -6.66 1.20
CA SER D 138 9.92 -6.21 1.15
C SER D 138 9.67 -5.32 -0.06
N THR D 139 10.58 -4.39 -0.32
CA THR D 139 10.43 -3.51 -1.47
C THR D 139 10.42 -4.31 -2.77
N PHE D 140 11.35 -5.25 -2.89
CA PHE D 140 11.41 -6.12 -4.07
C PHE D 140 10.09 -6.86 -4.27
N HIS D 141 9.60 -7.54 -3.22
CA HIS D 141 8.39 -8.34 -3.39
C HIS D 141 7.18 -7.46 -3.68
N LEU D 142 7.07 -6.31 -3.02
CA LEU D 142 5.95 -5.42 -3.26
C LEU D 142 6.00 -4.76 -4.64
N SER D 143 7.17 -4.75 -5.28
CA SER D 143 7.28 -4.16 -6.61
C SER D 143 6.88 -5.11 -7.73
N ILE D 144 6.69 -6.40 -7.45
CA ILE D 144 6.36 -7.38 -8.49
C ILE D 144 4.97 -7.10 -9.05
N PRO D 145 4.79 -7.04 -10.37
CA PRO D 145 3.45 -6.81 -10.94
C PRO D 145 2.65 -8.10 -11.03
N ASN D 146 1.39 -8.04 -10.55
CA ASN D 146 0.39 -9.09 -10.77
C ASN D 146 0.78 -10.42 -10.11
N PHE D 147 1.53 -10.36 -9.02
CA PHE D 147 1.92 -11.56 -8.31
C PHE D 147 0.68 -12.22 -7.70
N ASN D 148 0.37 -13.44 -8.15
CA ASN D 148 -0.85 -14.09 -7.67
C ASN D 148 -0.68 -15.58 -7.41
N GLN D 149 0.56 -16.06 -7.23
CA GLN D 149 0.84 -17.48 -7.00
C GLN D 149 1.70 -17.60 -5.75
N TYR D 150 1.07 -17.71 -4.58
CA TYR D 150 1.85 -17.72 -3.33
C TYR D 150 2.77 -18.94 -3.24
N GLU D 151 2.45 -20.03 -3.94
CA GLU D 151 3.36 -21.18 -3.96
C GLU D 151 4.69 -20.88 -4.65
N ALA D 152 4.75 -19.88 -5.52
CA ALA D 152 5.98 -19.61 -6.25
C ALA D 152 7.09 -19.01 -5.39
N MET D 153 6.80 -18.56 -4.18
CA MET D 153 7.79 -17.91 -3.33
C MET D 153 7.94 -18.70 -2.04
N SER D 154 9.15 -19.14 -1.74
CA SER D 154 9.42 -19.83 -0.49
C SER D 154 10.59 -19.14 0.18
N CYS D 155 10.70 -19.31 1.49
CA CYS D 155 11.66 -18.55 2.25
C CYS D 155 12.22 -19.38 3.40
N ASP D 156 13.36 -18.92 3.90
CA ASP D 156 13.95 -19.38 5.15
C ASP D 156 14.54 -18.17 5.85
N PHE D 157 14.06 -17.90 7.06
CA PHE D 157 14.55 -16.78 7.86
C PHE D 157 15.11 -17.22 9.21
N ASN D 158 15.27 -18.52 9.43
CA ASN D 158 15.70 -19.02 10.73
C ASN D 158 17.05 -18.42 11.12
N GLY D 159 17.17 -18.02 12.38
CA GLY D 159 18.41 -17.46 12.88
C GLY D 159 18.72 -16.06 12.41
N GLY D 160 17.77 -15.38 11.78
CA GLY D 160 17.98 -14.05 11.27
C GLY D 160 18.57 -13.98 9.87
N LYS D 161 18.92 -15.11 9.27
CA LYS D 161 19.38 -15.09 7.89
C LYS D 161 18.21 -14.80 6.95
N ILE D 162 18.56 -14.44 5.72
CA ILE D 162 17.57 -14.12 4.70
C ILE D 162 17.82 -15.04 3.51
N SER D 163 16.86 -15.92 3.23
CA SER D 163 16.86 -16.73 2.02
C SER D 163 15.46 -16.67 1.42
N VAL D 164 15.35 -16.16 0.20
CA VAL D 164 14.09 -16.06 -0.52
C VAL D 164 14.27 -16.65 -1.91
N GLN D 165 13.38 -17.55 -2.30
CA GLN D 165 13.49 -18.22 -3.60
C GLN D 165 12.18 -18.06 -4.37
N TYR D 166 12.28 -17.52 -5.58
CA TYR D 166 11.16 -17.37 -6.49
C TYR D 166 11.27 -18.44 -7.57
N ASN D 167 10.23 -19.24 -7.69
CA ASN D 167 10.12 -20.30 -8.69
C ASN D 167 9.60 -19.70 -9.99
N LEU D 168 10.43 -19.73 -11.04
CA LEU D 168 10.11 -19.12 -12.33
C LEU D 168 9.57 -20.09 -13.36
N SER D 169 9.37 -21.37 -13.03
CA SER D 169 8.96 -22.33 -14.04
C SER D 169 7.50 -22.13 -14.44
N HIS D 170 7.18 -22.51 -15.68
CA HIS D 170 5.83 -22.35 -16.21
C HIS D 170 5.09 -23.69 -16.20
N ASN D 178 0.72 -18.02 -22.79
CA ASN D 178 1.44 -16.75 -22.85
C ASN D 178 2.34 -16.56 -21.63
N HIS D 179 3.61 -16.24 -21.87
CA HIS D 179 4.58 -16.07 -20.80
C HIS D 179 4.41 -14.75 -20.06
N CYS D 180 3.62 -13.82 -20.61
CA CYS D 180 3.52 -12.49 -20.01
C CYS D 180 2.72 -12.52 -18.72
N GLY D 181 1.63 -13.27 -18.69
CA GLY D 181 0.80 -13.32 -17.50
C GLY D 181 1.23 -14.42 -16.54
N THR D 182 2.51 -14.46 -16.23
CA THR D 182 3.09 -15.48 -15.35
C THR D 182 3.89 -14.80 -14.26
N VAL D 183 4.09 -15.53 -13.15
CA VAL D 183 4.93 -15.04 -12.07
C VAL D 183 6.35 -14.78 -12.59
N ALA D 184 6.81 -15.62 -13.52
CA ALA D 184 8.16 -15.47 -14.04
C ALA D 184 8.36 -14.10 -14.66
N ASN D 185 7.39 -13.63 -15.45
CA ASN D 185 7.52 -12.33 -16.09
C ASN D 185 7.60 -11.21 -15.07
N GLY D 186 6.69 -11.19 -14.10
CA GLY D 186 6.69 -10.13 -13.11
C GLY D 186 7.96 -10.14 -12.28
N VAL D 187 8.36 -11.31 -11.81
CA VAL D 187 9.56 -11.45 -11.00
C VAL D 187 10.80 -10.96 -11.76
N LEU D 188 10.92 -11.37 -13.03
CA LEU D 188 12.09 -10.99 -13.80
C LEU D 188 12.09 -9.50 -14.13
N GLN D 189 10.92 -8.90 -14.39
CA GLN D 189 10.87 -7.45 -14.59
C GLN D 189 11.33 -6.70 -13.34
N THR D 190 10.84 -7.11 -12.17
CA THR D 190 11.31 -6.48 -10.94
C THR D 190 12.81 -6.68 -10.77
N PHE D 191 13.31 -7.88 -11.07
CA PHE D 191 14.75 -8.13 -10.99
C PHE D 191 15.52 -7.22 -11.92
N MET D 192 15.03 -7.03 -13.14
CA MET D 192 15.72 -6.14 -14.07
C MET D 192 15.77 -4.72 -13.54
N ARG D 193 14.69 -4.26 -12.90
CA ARG D 193 14.74 -2.93 -12.32
C ARG D 193 15.68 -2.86 -11.11
N MET D 194 15.63 -3.86 -10.22
CA MET D 194 16.44 -3.87 -9.02
C MET D 194 17.92 -3.97 -9.33
N ALA D 195 18.28 -4.88 -10.23
CA ALA D 195 19.65 -5.08 -10.66
C ALA D 195 19.92 -4.35 -11.96
N TRP D 196 19.31 -3.18 -12.12
CA TRP D 196 19.46 -2.42 -13.35
C TRP D 196 20.92 -2.12 -13.60
N GLY D 197 21.37 -2.39 -14.81
CA GLY D 197 22.79 -2.35 -15.12
C GLY D 197 23.39 -3.73 -14.91
N GLY D 198 23.70 -4.41 -16.00
CA GLY D 198 24.18 -5.78 -15.92
C GLY D 198 23.12 -6.85 -15.86
N SER D 199 21.84 -6.48 -15.77
CA SER D 199 20.77 -7.46 -15.89
C SER D 199 20.55 -7.89 -17.33
N TYR D 200 20.72 -6.97 -18.27
CA TYR D 200 20.33 -7.21 -19.66
C TYR D 200 21.02 -8.44 -20.27
N ILE D 201 22.24 -8.75 -19.83
CA ILE D 201 22.96 -9.88 -20.41
C ILE D 201 22.25 -11.20 -20.10
N ALA D 202 21.66 -11.31 -18.91
CA ALA D 202 20.98 -12.54 -18.51
C ALA D 202 19.52 -12.59 -18.94
N LEU D 203 18.98 -11.51 -19.49
CA LEU D 203 17.54 -11.37 -19.64
C LEU D 203 17.16 -11.20 -21.10
N ASP D 204 15.87 -11.38 -21.37
CA ASP D 204 15.30 -11.23 -22.70
C ASP D 204 15.88 -12.22 -23.70
N SER D 205 16.33 -13.38 -23.22
CA SER D 205 16.75 -14.45 -24.13
C SER D 205 15.60 -14.90 -25.01
N GLY D 206 14.44 -15.18 -24.39
CA GLY D 206 13.23 -15.41 -25.15
C GLY D 206 12.41 -14.14 -25.26
N ARG D 207 12.53 -13.46 -26.40
CA ARG D 207 11.88 -12.16 -26.57
C ARG D 207 10.36 -12.29 -26.47
N GLY D 208 9.75 -11.34 -25.75
CA GLY D 208 8.33 -11.36 -25.48
C GLY D 208 7.65 -10.11 -26.01
N ASN D 209 6.32 -10.17 -26.05
CA ASN D 209 5.51 -9.04 -26.50
C ASN D 209 5.51 -7.92 -25.47
N TRP D 210 5.48 -6.69 -25.95
CA TRP D 210 5.47 -5.48 -25.12
C TRP D 210 6.74 -5.50 -24.27
N ASP D 211 6.64 -5.33 -22.94
CA ASP D 211 7.77 -5.27 -22.03
C ASP D 211 8.11 -6.63 -21.43
N CYS D 212 7.70 -7.71 -22.08
CA CYS D 212 7.74 -9.03 -21.49
C CYS D 212 9.15 -9.61 -21.53
N ILE D 213 9.54 -10.27 -20.46
CA ILE D 213 10.88 -10.83 -20.30
C ILE D 213 10.74 -12.34 -20.12
N MET D 214 11.60 -13.09 -20.79
CA MET D 214 11.71 -14.52 -20.52
C MET D 214 13.17 -14.93 -20.53
N THR D 215 13.52 -15.83 -19.62
CA THR D 215 14.86 -16.40 -19.53
C THR D 215 14.76 -17.91 -19.46
N SER D 216 15.91 -18.58 -19.47
CA SER D 216 15.96 -20.03 -19.35
C SER D 216 16.15 -20.47 -17.90
N TYR D 217 16.15 -19.55 -16.95
CA TYR D 217 16.39 -19.86 -15.54
C TYR D 217 15.11 -20.28 -14.85
N GLN D 218 15.21 -21.28 -13.98
CA GLN D 218 14.05 -21.78 -13.25
C GLN D 218 13.86 -21.12 -11.89
N TYR D 219 14.86 -20.40 -11.37
CA TYR D 219 14.77 -19.88 -10.01
C TYR D 219 15.54 -18.57 -9.89
N LEU D 220 15.00 -17.66 -9.07
CA LEU D 220 15.72 -16.47 -8.62
C LEU D 220 15.88 -16.55 -7.10
N ILE D 221 17.12 -16.54 -6.61
CA ILE D 221 17.40 -16.77 -5.20
C ILE D 221 18.11 -15.57 -4.61
N ILE D 222 17.62 -15.09 -3.48
CA ILE D 222 18.12 -13.91 -2.80
C ILE D 222 18.56 -14.34 -1.40
N GLN D 223 19.85 -14.27 -1.11
CA GLN D 223 20.40 -14.67 0.18
C GLN D 223 21.32 -13.58 0.71
N ASN D 224 21.36 -13.41 2.03
CA ASN D 224 22.29 -12.45 2.60
C ASN D 224 23.73 -12.88 2.35
N THR D 225 24.62 -11.89 2.30
CA THR D 225 26.03 -12.13 2.02
C THR D 225 26.85 -11.02 2.66
N THR D 226 28.15 -11.26 2.80
CA THR D 226 29.07 -10.26 3.29
C THR D 226 29.72 -9.51 2.12
N TRP D 227 30.40 -8.42 2.44
CA TRP D 227 30.94 -7.56 1.40
C TRP D 227 32.13 -8.20 0.72
N GLU D 228 32.20 -8.03 -0.60
CA GLU D 228 33.30 -8.50 -1.43
C GLU D 228 33.24 -7.71 -2.72
N ASP D 229 34.38 -7.59 -3.40
CA ASP D 229 34.44 -6.82 -4.63
C ASP D 229 33.81 -7.67 -5.73
N HIS D 230 32.50 -7.49 -5.92
CA HIS D 230 31.74 -8.30 -6.85
C HIS D 230 31.46 -7.63 -8.19
N CYS D 231 31.74 -6.34 -8.33
CA CYS D 231 31.19 -5.59 -9.47
C CYS D 231 32.12 -5.68 -10.67
N GLN D 232 32.21 -6.88 -11.23
CA GLN D 232 33.06 -7.11 -12.40
C GLN D 232 32.37 -6.67 -13.68
N PHE D 233 31.05 -6.85 -13.79
CA PHE D 233 30.39 -6.53 -15.04
C PHE D 233 29.84 -5.11 -15.10
N SER D 234 29.31 -4.60 -13.98
CA SER D 234 28.76 -3.24 -13.95
C SER D 234 29.19 -2.56 -12.66
N ARG D 235 29.31 -1.24 -12.72
CA ARG D 235 29.72 -0.47 -11.56
C ARG D 235 28.61 -0.45 -10.52
N PRO D 236 28.96 -0.40 -9.23
CA PRO D 236 27.92 -0.25 -8.21
C PRO D 236 27.12 1.03 -8.42
N SER D 237 25.82 0.97 -8.14
CA SER D 237 24.93 2.10 -8.34
C SER D 237 23.71 1.96 -7.44
N PRO D 238 23.19 3.04 -6.88
CA PRO D 238 21.94 2.97 -6.10
C PRO D 238 20.68 3.15 -6.92
N ILE D 239 20.80 3.31 -8.24
CA ILE D 239 19.68 3.80 -9.04
C ILE D 239 18.54 2.79 -9.05
N GLY D 240 18.86 1.49 -9.19
CA GLY D 240 17.80 0.49 -9.28
C GLY D 240 16.93 0.45 -8.03
N TYR D 241 17.56 0.47 -6.85
CA TYR D 241 16.80 0.42 -5.60
C TYR D 241 15.93 1.66 -5.45
N LEU D 242 16.51 2.84 -5.70
CA LEU D 242 15.78 4.09 -5.59
C LEU D 242 14.59 4.11 -6.54
N GLY D 243 14.80 3.67 -7.78
CA GLY D 243 13.70 3.59 -8.73
C GLY D 243 12.60 2.66 -8.27
N LEU D 244 12.96 1.48 -7.76
CA LEU D 244 11.95 0.55 -7.29
C LEU D 244 11.17 1.07 -6.09
N LEU D 245 11.73 2.01 -5.32
CA LEU D 245 11.01 2.52 -4.16
C LEU D 245 9.61 3.03 -4.53
N SER D 246 9.47 3.72 -5.67
CA SER D 246 8.16 4.23 -6.06
C SER D 246 7.25 3.15 -6.67
N GLN D 247 7.80 2.01 -7.07
CA GLN D 247 6.98 0.93 -7.62
C GLN D 247 6.23 0.14 -6.55
N ARG D 248 6.59 0.30 -5.28
CA ARG D 248 6.01 -0.50 -4.20
C ARG D 248 4.50 -0.42 -4.20
N THR D 249 3.86 -1.59 -4.14
CA THR D 249 2.41 -1.79 -4.06
C THR D 249 1.65 -1.27 -5.28
N ARG D 250 2.36 -0.77 -6.30
CA ARG D 250 1.66 -0.13 -7.41
C ARG D 250 0.84 -1.12 -8.23
N ASP D 251 1.27 -2.38 -8.30
CA ASP D 251 0.60 -3.37 -9.15
C ASP D 251 0.26 -4.64 -8.37
N ILE D 252 0.07 -4.53 -7.07
CA ILE D 252 -0.37 -5.66 -6.27
C ILE D 252 -1.86 -5.91 -6.49
N TYR D 253 -2.27 -7.17 -6.35
CA TYR D 253 -3.67 -7.55 -6.41
C TYR D 253 -4.29 -7.49 -5.03
N ILE D 254 -5.61 -7.29 -4.99
CA ILE D 254 -6.35 -7.46 -3.76
C ILE D 254 -6.53 -8.95 -3.49
N SER D 255 -6.24 -9.37 -2.26
CA SER D 255 -6.49 -10.75 -1.85
C SER D 255 -7.62 -10.86 -0.85
N ARG D 256 -8.03 -9.75 -0.25
CA ARG D 256 -9.21 -9.71 0.61
C ARG D 256 -9.81 -8.31 0.51
N ARG D 257 -11.02 -8.18 1.04
CA ARG D 257 -11.76 -6.93 0.89
C ARG D 257 -11.23 -5.83 1.79
N LEU D 258 -10.71 -6.16 2.97
CA LEU D 258 -10.23 -5.15 3.90
C LEU D 258 -8.71 -5.04 3.92
N LEU D 259 -8.03 -5.67 2.96
CA LEU D 259 -6.57 -5.62 2.81
C LEU D 259 -5.83 -6.13 4.05
N GLN E 1 -38.29 -16.56 -30.50
CA GLN E 1 -39.06 -17.73 -30.10
C GLN E 1 -38.34 -18.49 -29.00
N VAL E 2 -38.97 -18.55 -27.81
CA VAL E 2 -38.37 -19.13 -26.63
C VAL E 2 -39.27 -20.24 -26.12
N GLN E 3 -38.68 -21.41 -25.85
CA GLN E 3 -39.40 -22.50 -25.21
C GLN E 3 -38.71 -22.91 -23.91
N LEU E 4 -39.52 -23.27 -22.92
CA LEU E 4 -39.07 -23.89 -21.69
C LEU E 4 -39.78 -25.25 -21.56
N GLN E 5 -39.00 -26.33 -21.54
CA GLN E 5 -39.56 -27.67 -21.38
C GLN E 5 -39.29 -28.16 -19.96
N GLU E 6 -40.36 -28.54 -19.27
CA GLU E 6 -40.30 -29.02 -17.90
C GLU E 6 -40.41 -30.54 -17.87
N SER E 7 -39.58 -31.18 -17.05
CA SER E 7 -39.58 -32.61 -16.88
C SER E 7 -39.48 -32.94 -15.39
N GLY E 8 -40.00 -34.11 -15.03
CA GLY E 8 -39.99 -34.54 -13.64
C GLY E 8 -41.26 -35.26 -13.23
N ALA E 9 -41.13 -36.28 -12.38
CA ALA E 9 -42.28 -37.07 -11.97
C ALA E 9 -43.23 -36.23 -11.11
N GLY E 10 -44.53 -36.37 -11.37
CA GLY E 10 -45.52 -35.66 -10.61
C GLY E 10 -46.28 -36.54 -9.62
N LEU E 11 -46.04 -37.84 -9.67
CA LEU E 11 -46.69 -38.80 -8.78
C LEU E 11 -45.73 -39.10 -7.63
N LEU E 12 -46.07 -38.63 -6.44
CA LEU E 12 -45.20 -38.75 -5.28
C LEU E 12 -46.02 -39.20 -4.07
N LYS E 13 -45.31 -39.77 -3.10
CA LYS E 13 -45.82 -40.16 -1.79
C LYS E 13 -45.21 -39.24 -0.73
N PRO E 14 -45.88 -39.06 0.41
CA PRO E 14 -45.36 -38.16 1.44
C PRO E 14 -43.97 -38.58 1.91
N SER E 15 -43.17 -37.57 2.26
CA SER E 15 -41.79 -37.62 2.73
C SER E 15 -40.80 -37.84 1.59
N GLU E 16 -41.25 -37.97 0.35
CA GLU E 16 -40.34 -38.10 -0.79
C GLU E 16 -39.82 -36.72 -1.19
N THR E 17 -39.12 -36.65 -2.32
CA THR E 17 -38.51 -35.42 -2.79
C THR E 17 -38.94 -35.17 -4.23
N LEU E 18 -39.54 -34.00 -4.47
CA LEU E 18 -39.92 -33.59 -5.81
C LEU E 18 -38.71 -33.03 -6.53
N SER E 19 -38.46 -33.54 -7.73
CA SER E 19 -37.33 -33.10 -8.56
C SER E 19 -37.87 -32.70 -9.92
N LEU E 20 -37.80 -31.42 -10.24
CA LEU E 20 -38.22 -30.91 -11.54
C LEU E 20 -37.05 -30.21 -12.21
N SER E 21 -37.01 -30.30 -13.53
CA SER E 21 -36.00 -29.62 -14.32
C SER E 21 -36.67 -28.87 -15.45
N CYS E 22 -36.10 -27.72 -15.82
CA CYS E 22 -36.62 -26.91 -16.91
C CYS E 22 -35.46 -26.55 -17.82
N THR E 23 -35.59 -26.87 -19.10
CA THR E 23 -34.58 -26.60 -20.10
C THR E 23 -35.05 -25.45 -20.98
N VAL E 24 -34.11 -24.56 -21.34
CA VAL E 24 -34.40 -23.35 -22.07
C VAL E 24 -33.81 -23.48 -23.46
N ASP E 25 -34.65 -23.32 -24.48
CA ASP E 25 -34.19 -23.30 -25.88
C ASP E 25 -34.68 -22.00 -26.50
N GLY E 26 -33.75 -21.12 -26.85
CA GLY E 26 -34.08 -19.85 -27.44
C GLY E 26 -33.61 -18.68 -26.62
N GLU E 27 -32.75 -17.85 -27.21
CA GLU E 27 -32.26 -16.59 -26.63
C GLU E 27 -31.23 -16.89 -25.54
N SER E 28 -30.76 -15.84 -24.86
CA SER E 28 -29.67 -16.00 -23.92
C SER E 28 -30.15 -16.61 -22.60
N PHE E 29 -29.17 -17.04 -21.79
CA PHE E 29 -29.43 -17.60 -20.47
C PHE E 29 -29.02 -16.69 -19.34
N ASN E 30 -28.06 -15.80 -19.57
CA ASN E 30 -27.65 -14.85 -18.55
C ASN E 30 -28.63 -13.67 -18.55
N GLY E 31 -28.68 -12.97 -17.42
CA GLY E 31 -29.50 -11.78 -17.33
C GLY E 31 -30.97 -12.03 -17.07
N PHE E 32 -31.38 -13.28 -16.88
CA PHE E 32 -32.74 -13.63 -16.53
C PHE E 32 -32.74 -14.35 -15.19
N PHE E 33 -33.82 -14.18 -14.45
CA PHE E 33 -34.03 -14.94 -13.22
C PHE E 33 -34.95 -16.10 -13.58
N TRP E 34 -34.37 -17.30 -13.66
CA TRP E 34 -35.16 -18.49 -13.95
C TRP E 34 -35.90 -18.89 -12.68
N THR E 35 -37.22 -18.99 -12.78
CA THR E 35 -38.10 -18.90 -11.64
C THR E 35 -39.00 -20.12 -11.58
N TRP E 36 -39.27 -20.58 -10.37
CA TRP E 36 -40.22 -21.64 -10.12
C TRP E 36 -41.39 -21.04 -9.35
N ILE E 37 -42.60 -21.29 -9.86
CA ILE E 37 -43.86 -20.84 -9.28
C ILE E 37 -44.75 -22.07 -9.18
N ARG E 38 -45.71 -22.03 -8.25
CA ARG E 38 -46.68 -23.11 -8.15
C ARG E 38 -48.05 -22.56 -7.80
N GLN E 39 -49.07 -23.26 -8.26
CA GLN E 39 -50.46 -22.95 -7.92
C GLN E 39 -51.11 -24.17 -7.28
N PRO E 40 -51.41 -24.13 -5.99
CA PRO E 40 -52.17 -25.24 -5.39
C PRO E 40 -53.61 -25.21 -5.87
N PRO E 41 -54.29 -26.34 -5.86
CA PRO E 41 -55.70 -26.36 -6.29
C PRO E 41 -56.55 -25.48 -5.39
N GLY E 42 -57.39 -24.66 -6.01
CA GLY E 42 -58.22 -23.73 -5.26
C GLY E 42 -57.47 -22.60 -4.60
N LYS E 43 -56.29 -22.25 -5.11
CA LYS E 43 -55.49 -21.18 -4.54
C LYS E 43 -54.90 -20.35 -5.68
N GLY E 44 -54.16 -19.31 -5.31
CA GLY E 44 -53.53 -18.43 -6.28
C GLY E 44 -52.10 -18.83 -6.57
N LEU E 45 -51.41 -17.94 -7.28
CA LEU E 45 -50.02 -18.18 -7.62
C LEU E 45 -49.13 -18.00 -6.40
N GLU E 46 -48.11 -18.85 -6.30
CA GLU E 46 -47.16 -18.84 -5.19
C GLU E 46 -45.76 -18.92 -5.74
N TRP E 47 -44.95 -17.92 -5.44
CA TRP E 47 -43.56 -17.89 -5.90
C TRP E 47 -42.74 -18.89 -5.09
N ILE E 48 -42.14 -19.86 -5.78
CA ILE E 48 -41.24 -20.79 -5.11
C ILE E 48 -39.85 -20.17 -4.97
N GLY E 49 -39.28 -19.70 -6.06
CA GLY E 49 -37.97 -19.10 -5.98
C GLY E 49 -37.41 -18.78 -7.35
N GLU E 50 -36.14 -18.36 -7.36
CA GLU E 50 -35.49 -18.00 -8.62
C GLU E 50 -33.99 -18.12 -8.48
N ILE E 51 -33.32 -18.24 -9.63
CA ILE E 51 -31.87 -18.40 -9.71
C ILE E 51 -31.39 -17.75 -10.99
N ASN E 52 -30.18 -17.21 -10.97
CA ASN E 52 -29.56 -16.70 -12.19
C ASN E 52 -28.34 -17.54 -12.55
N HIS E 53 -27.66 -17.13 -13.61
CA HIS E 53 -26.55 -17.91 -14.16
C HIS E 53 -25.32 -17.93 -13.27
N LEU E 54 -25.27 -17.11 -12.22
CA LEU E 54 -24.19 -17.13 -11.26
C LEU E 54 -24.49 -18.03 -10.06
N ALA E 55 -25.60 -18.76 -10.10
CA ALA E 55 -26.07 -19.64 -9.04
C ALA E 55 -26.54 -18.87 -7.81
N SER E 56 -26.66 -17.55 -7.89
CA SER E 56 -27.35 -16.80 -6.84
C SER E 56 -28.82 -17.13 -6.86
N THR E 57 -29.40 -17.28 -5.67
CA THR E 57 -30.77 -17.76 -5.53
C THR E 57 -31.57 -16.87 -4.61
N GLY E 58 -32.90 -16.96 -4.78
CA GLY E 58 -33.84 -16.40 -3.85
C GLY E 58 -34.96 -17.40 -3.61
N TYR E 59 -35.38 -17.57 -2.36
CA TYR E 59 -36.38 -18.56 -2.01
C TYR E 59 -37.53 -17.90 -1.25
N ASN E 60 -38.71 -18.49 -1.40
CA ASN E 60 -39.81 -18.14 -0.52
C ASN E 60 -39.46 -18.56 0.90
N PRO E 61 -39.58 -17.66 1.89
CA PRO E 61 -39.18 -18.03 3.26
C PRO E 61 -39.88 -19.26 3.79
N SER E 62 -41.19 -19.38 3.57
CA SER E 62 -41.98 -20.46 4.15
C SER E 62 -41.53 -21.83 3.68
N LEU E 63 -40.75 -21.91 2.61
CA LEU E 63 -40.24 -23.18 2.12
C LEU E 63 -38.73 -23.29 2.17
N LYS E 64 -38.02 -22.28 2.68
CA LYS E 64 -36.55 -22.23 2.55
C LYS E 64 -35.87 -23.51 3.00
N SER E 65 -36.26 -24.03 4.18
CA SER E 65 -35.60 -25.19 4.74
C SER E 65 -35.74 -26.42 3.86
N ARG E 66 -36.77 -26.46 3.01
CA ARG E 66 -37.09 -27.61 2.19
C ARG E 66 -36.78 -27.44 0.71
N VAL E 67 -36.55 -26.22 0.23
CA VAL E 67 -36.42 -25.95 -1.20
C VAL E 67 -34.95 -25.76 -1.57
N THR E 68 -34.54 -26.36 -2.68
CA THR E 68 -33.22 -26.09 -3.26
C THR E 68 -33.38 -25.89 -4.76
N ILE E 69 -32.83 -24.80 -5.27
CA ILE E 69 -32.85 -24.52 -6.70
C ILE E 69 -31.42 -24.45 -7.20
N SER E 70 -31.15 -25.11 -8.33
CA SER E 70 -29.81 -25.20 -8.89
C SER E 70 -29.87 -24.86 -10.37
N VAL E 71 -28.70 -24.63 -10.95
CA VAL E 71 -28.58 -24.28 -12.36
C VAL E 71 -27.49 -25.13 -13.00
N ASP E 72 -27.60 -25.33 -14.31
CA ASP E 72 -26.58 -25.97 -15.13
C ASP E 72 -26.50 -25.15 -16.41
N THR E 73 -25.50 -24.27 -16.48
CA THR E 73 -25.32 -23.37 -17.62
C THR E 73 -24.76 -24.08 -18.84
N SER E 74 -24.20 -25.28 -18.68
CA SER E 74 -23.64 -25.99 -19.82
C SER E 74 -24.72 -26.35 -20.84
N LYS E 75 -25.89 -26.75 -20.34
CA LYS E 75 -27.02 -27.09 -21.21
C LYS E 75 -28.24 -26.20 -20.96
N ASN E 76 -28.04 -25.05 -20.31
CA ASN E 76 -29.08 -24.04 -20.10
C ASN E 76 -30.32 -24.65 -19.44
N GLN E 77 -30.12 -25.26 -18.29
CA GLN E 77 -31.25 -25.81 -17.55
C GLN E 77 -31.18 -25.36 -16.09
N PHE E 78 -32.31 -25.46 -15.40
CA PHE E 78 -32.34 -25.18 -13.98
C PHE E 78 -33.35 -26.10 -13.32
N SER E 79 -33.08 -26.45 -12.06
CA SER E 79 -33.77 -27.53 -11.38
C SER E 79 -34.26 -27.10 -10.01
N LEU E 80 -35.38 -27.68 -9.60
CA LEU E 80 -36.01 -27.46 -8.31
C LEU E 80 -36.17 -28.78 -7.57
N LYS E 81 -35.73 -28.82 -6.32
CA LYS E 81 -35.95 -29.96 -5.44
C LYS E 81 -36.67 -29.51 -4.18
N LEU E 82 -37.76 -30.21 -3.84
CA LEU E 82 -38.51 -30.00 -2.61
C LEU E 82 -38.47 -31.29 -1.82
N THR E 83 -37.80 -31.28 -0.67
CA THR E 83 -37.58 -32.50 0.10
C THR E 83 -38.65 -32.66 1.18
N SER E 84 -39.02 -33.92 1.43
CA SER E 84 -40.01 -34.28 2.46
C SER E 84 -41.37 -33.63 2.17
N VAL E 85 -41.91 -33.98 1.00
CA VAL E 85 -43.16 -33.38 0.53
C VAL E 85 -44.34 -33.90 1.34
N THR E 86 -45.20 -32.99 1.76
CA THR E 86 -46.45 -33.32 2.45
C THR E 86 -47.63 -32.87 1.59
N ALA E 87 -48.84 -33.08 2.10
CA ALA E 87 -50.05 -32.82 1.32
C ALA E 87 -50.16 -31.36 0.87
N ALA E 88 -49.49 -30.44 1.55
CA ALA E 88 -49.52 -29.03 1.16
C ALA E 88 -48.76 -28.75 -0.12
N ASP E 89 -48.02 -29.71 -0.65
CA ASP E 89 -47.21 -29.52 -1.84
C ASP E 89 -47.89 -30.01 -3.12
N THR E 90 -49.14 -30.47 -3.05
CA THR E 90 -49.88 -30.78 -4.27
C THR E 90 -50.22 -29.47 -4.98
N ALA E 91 -49.81 -29.36 -6.25
CA ALA E 91 -49.96 -28.10 -6.97
C ALA E 91 -49.51 -28.32 -8.41
N VAL E 92 -49.84 -27.36 -9.27
CA VAL E 92 -49.26 -27.28 -10.61
C VAL E 92 -48.02 -26.41 -10.53
N TYR E 93 -46.91 -26.91 -11.07
CA TYR E 93 -45.62 -26.25 -10.96
C TYR E 93 -45.19 -25.73 -12.32
N TYR E 94 -44.83 -24.45 -12.37
CA TYR E 94 -44.40 -23.78 -13.58
C TYR E 94 -42.96 -23.32 -13.43
N CYS E 95 -42.19 -23.48 -14.49
CA CYS E 95 -40.95 -22.73 -14.63
C CYS E 95 -41.21 -21.54 -15.55
N ALA E 96 -40.49 -20.45 -15.31
CA ALA E 96 -40.73 -19.21 -16.03
C ALA E 96 -39.44 -18.41 -16.11
N ARG E 97 -39.38 -17.57 -17.14
CA ARG E 97 -38.27 -16.66 -17.33
C ARG E 97 -38.67 -15.30 -16.79
N GLY E 98 -37.92 -14.79 -15.83
CA GLY E 98 -38.16 -13.48 -15.26
C GLY E 98 -37.09 -12.51 -15.72
N TYR E 99 -37.49 -11.27 -15.95
CA TYR E 99 -36.57 -10.22 -16.32
C TYR E 99 -36.82 -9.03 -15.40
N SER E 100 -35.76 -8.53 -14.80
CA SER E 100 -35.84 -7.40 -13.89
C SER E 100 -35.07 -6.24 -14.51
N TYR E 101 -35.70 -5.07 -14.53
CA TYR E 101 -35.09 -3.85 -15.03
C TYR E 101 -34.93 -2.90 -13.86
N GLY E 102 -33.69 -2.62 -13.49
CA GLY E 102 -33.43 -1.72 -12.39
C GLY E 102 -32.49 -0.59 -12.75
N PHE E 103 -32.39 -0.28 -14.04
CA PHE E 103 -31.46 0.74 -14.51
C PHE E 103 -32.05 2.14 -14.50
N ALA E 104 -33.37 2.28 -14.46
CA ALA E 104 -34.02 3.59 -14.43
C ALA E 104 -35.40 3.43 -13.84
N TRP E 105 -35.88 4.51 -13.22
CA TRP E 105 -37.22 4.48 -12.63
C TRP E 105 -38.27 4.81 -13.69
N PRO E 106 -39.41 4.10 -13.70
CA PRO E 106 -39.79 3.02 -12.78
C PRO E 106 -39.15 1.67 -13.09
N ASN E 107 -38.60 1.02 -12.07
CA ASN E 107 -38.15 -0.36 -12.24
C ASN E 107 -39.34 -1.27 -12.49
N TYR E 108 -39.08 -2.40 -13.15
CA TYR E 108 -40.14 -3.34 -13.42
C TYR E 108 -39.57 -4.75 -13.47
N HIS E 109 -40.47 -5.72 -13.34
CA HIS E 109 -40.11 -7.13 -13.43
C HIS E 109 -41.30 -7.90 -13.98
N TYR E 110 -41.01 -8.96 -14.72
CA TYR E 110 -42.10 -9.74 -15.28
C TYR E 110 -41.62 -11.16 -15.55
N LEU E 111 -42.58 -12.05 -15.68
CA LEU E 111 -42.36 -13.41 -16.13
C LEU E 111 -43.06 -13.51 -17.48
N ASP E 112 -42.29 -13.50 -18.56
CA ASP E 112 -42.86 -13.38 -19.89
C ASP E 112 -42.94 -14.70 -20.64
N VAL E 113 -42.06 -15.66 -20.36
CA VAL E 113 -42.08 -16.96 -21.01
C VAL E 113 -42.31 -18.01 -19.94
N TRP E 114 -43.37 -18.80 -20.10
CA TRP E 114 -43.77 -19.81 -19.13
C TRP E 114 -43.73 -21.19 -19.76
N GLY E 115 -43.39 -22.18 -18.93
CA GLY E 115 -43.53 -23.56 -19.34
C GLY E 115 -44.98 -24.03 -19.24
N LYS E 116 -45.21 -25.24 -19.75
CA LYS E 116 -46.57 -25.79 -19.78
C LYS E 116 -47.11 -26.00 -18.37
N GLY E 117 -46.29 -26.49 -17.46
CA GLY E 117 -46.72 -26.78 -16.11
C GLY E 117 -46.84 -28.27 -15.88
N THR E 118 -46.46 -28.70 -14.67
CA THR E 118 -46.48 -30.11 -14.30
C THR E 118 -47.33 -30.26 -13.04
N THR E 119 -48.35 -31.11 -13.11
CA THR E 119 -49.14 -31.43 -11.92
C THR E 119 -48.34 -32.32 -10.99
N VAL E 120 -48.38 -32.00 -9.70
CA VAL E 120 -47.68 -32.77 -8.67
C VAL E 120 -48.68 -33.06 -7.56
N THR E 121 -48.94 -34.35 -7.31
CA THR E 121 -49.84 -34.79 -6.26
C THR E 121 -49.10 -35.72 -5.32
N VAL E 122 -49.36 -35.56 -4.02
CA VAL E 122 -48.80 -36.42 -2.99
C VAL E 122 -49.95 -37.09 -2.24
N SER E 123 -49.90 -38.41 -2.14
CA SER E 123 -50.94 -39.17 -1.47
C SER E 123 -50.37 -40.52 -1.05
N SER E 124 -51.17 -41.26 -0.28
CA SER E 124 -50.76 -42.58 0.20
C SER E 124 -51.16 -43.70 -0.74
N ALA E 125 -51.91 -43.41 -1.80
CA ALA E 125 -52.35 -44.43 -2.74
C ALA E 125 -51.44 -44.48 -3.96
N GLU F 1 -41.30 -6.93 4.17
CA GLU F 1 -41.79 -7.63 2.99
C GLU F 1 -43.01 -6.91 2.42
N ILE F 2 -43.08 -6.82 1.10
CA ILE F 2 -44.19 -6.14 0.41
C ILE F 2 -45.21 -7.19 0.00
N VAL F 3 -46.47 -6.95 0.38
CA VAL F 3 -47.57 -7.83 0.00
C VAL F 3 -48.52 -7.08 -0.92
N LEU F 4 -49.27 -7.85 -1.70
CA LEU F 4 -50.24 -7.30 -2.64
C LEU F 4 -51.62 -7.82 -2.31
N THR F 5 -52.57 -6.91 -2.15
CA THR F 5 -53.97 -7.26 -1.95
C THR F 5 -54.77 -6.77 -3.15
N GLN F 6 -55.50 -7.67 -3.78
CA GLN F 6 -56.26 -7.33 -4.97
C GLN F 6 -57.71 -7.04 -4.61
N SER F 7 -58.30 -6.10 -5.34
CA SER F 7 -59.69 -5.69 -5.14
C SER F 7 -60.41 -5.66 -6.47
N PRO F 8 -61.63 -6.22 -6.55
CA PRO F 8 -62.31 -6.95 -5.48
C PRO F 8 -61.95 -8.43 -5.53
N ALA F 9 -62.59 -9.27 -4.71
CA ALA F 9 -62.34 -10.71 -4.79
C ALA F 9 -62.85 -11.27 -6.11
N THR F 10 -64.03 -10.84 -6.55
CA THR F 10 -64.62 -11.31 -7.79
C THR F 10 -65.37 -10.17 -8.45
N LEU F 11 -65.51 -10.27 -9.78
CA LEU F 11 -66.23 -9.28 -10.56
C LEU F 11 -67.24 -9.98 -11.46
N SER F 12 -68.43 -9.41 -11.54
CA SER F 12 -69.49 -9.90 -12.43
C SER F 12 -69.76 -8.79 -13.44
N LEU F 13 -69.40 -9.03 -14.70
CA LEU F 13 -69.53 -8.02 -15.73
C LEU F 13 -70.00 -8.66 -17.02
N SER F 14 -70.63 -7.84 -17.87
CA SER F 14 -71.13 -8.22 -19.17
C SER F 14 -70.10 -7.92 -20.26
N PRO F 15 -70.11 -8.69 -21.36
CA PRO F 15 -69.22 -8.37 -22.48
C PRO F 15 -69.47 -6.96 -23.00
N GLY F 16 -68.38 -6.26 -23.33
CA GLY F 16 -68.44 -4.89 -23.76
C GLY F 16 -68.36 -3.86 -22.65
N GLU F 17 -68.42 -4.29 -21.39
CA GLU F 17 -68.30 -3.40 -20.24
C GLU F 17 -66.83 -3.13 -19.93
N ARG F 18 -66.59 -2.11 -19.12
CA ARG F 18 -65.24 -1.73 -18.70
C ARG F 18 -64.91 -2.41 -17.37
N ALA F 19 -63.77 -3.08 -17.33
CA ALA F 19 -63.32 -3.81 -16.15
C ALA F 19 -62.16 -3.07 -15.50
N THR F 20 -62.26 -2.86 -14.19
CA THR F 20 -61.21 -2.19 -13.44
C THR F 20 -60.85 -3.02 -12.22
N LEU F 21 -59.58 -3.40 -12.11
CA LEU F 21 -59.08 -4.22 -11.02
C LEU F 21 -57.97 -3.46 -10.30
N SER F 22 -57.95 -3.53 -8.98
CA SER F 22 -57.00 -2.76 -8.20
C SER F 22 -56.05 -3.69 -7.45
N CYS F 23 -54.82 -3.22 -7.25
CA CYS F 23 -53.81 -3.92 -6.47
C CYS F 23 -53.18 -2.92 -5.51
N ARG F 24 -53.20 -3.25 -4.22
CA ARG F 24 -52.71 -2.40 -3.16
C ARG F 24 -51.47 -3.03 -2.55
N ALA F 25 -50.39 -2.26 -2.45
CA ALA F 25 -49.15 -2.71 -1.83
C ALA F 25 -49.08 -2.22 -0.40
N SER F 26 -48.51 -3.04 0.48
CA SER F 26 -48.38 -2.68 1.88
C SER F 26 -47.43 -1.50 2.09
N GLN F 27 -46.61 -1.17 1.10
CA GLN F 27 -45.74 -0.01 1.16
C GLN F 27 -45.41 0.40 -0.26
N SER F 28 -44.75 1.54 -0.40
CA SER F 28 -44.37 2.04 -1.71
C SER F 28 -43.51 1.00 -2.43
N VAL F 29 -43.83 0.73 -3.70
CA VAL F 29 -43.30 -0.44 -4.39
C VAL F 29 -41.83 -0.25 -4.71
N SER F 30 -41.07 -1.34 -4.61
CA SER F 30 -39.70 -1.36 -5.09
C SER F 30 -39.64 -1.27 -6.61
N SER F 31 -40.62 -1.85 -7.30
CA SER F 31 -40.74 -1.76 -8.74
C SER F 31 -42.21 -1.85 -9.10
N TYR F 32 -42.57 -1.27 -10.24
CA TYR F 32 -43.95 -1.24 -10.68
C TYR F 32 -44.47 -2.65 -10.95
N LEU F 33 -45.75 -2.85 -10.66
CA LEU F 33 -46.33 -4.18 -10.69
C LEU F 33 -46.48 -4.69 -12.12
N ALA F 34 -46.71 -5.99 -12.24
CA ALA F 34 -47.05 -6.62 -13.50
C ALA F 34 -48.37 -7.36 -13.34
N TRP F 35 -49.07 -7.54 -14.45
CA TRP F 35 -50.40 -8.14 -14.44
C TRP F 35 -50.42 -9.32 -15.39
N TYR F 36 -50.95 -10.45 -14.88
CA TYR F 36 -51.03 -11.70 -15.61
C TYR F 36 -52.48 -12.16 -15.70
N GLN F 37 -52.79 -12.85 -16.79
CA GLN F 37 -54.08 -13.49 -17.00
C GLN F 37 -53.89 -15.00 -16.96
N HIS F 38 -54.78 -15.69 -16.24
CA HIS F 38 -54.66 -17.12 -16.03
C HIS F 38 -56.02 -17.78 -16.25
N LYS F 39 -56.02 -18.80 -17.10
CA LYS F 39 -57.18 -19.63 -17.38
C LYS F 39 -56.90 -21.06 -16.93
N PRO F 40 -57.93 -21.82 -16.56
CA PRO F 40 -57.71 -23.23 -16.20
C PRO F 40 -57.15 -24.03 -17.37
N GLY F 41 -56.22 -24.92 -17.06
CA GLY F 41 -55.64 -25.80 -18.05
C GLY F 41 -54.54 -25.21 -18.89
N GLN F 42 -54.03 -24.04 -18.54
CA GLN F 42 -52.96 -23.41 -19.32
C GLN F 42 -52.18 -22.46 -18.42
N ALA F 43 -50.99 -22.10 -18.90
CA ALA F 43 -50.07 -21.30 -18.09
C ALA F 43 -50.52 -19.85 -18.01
N PRO F 44 -50.13 -19.14 -16.95
CA PRO F 44 -50.41 -17.71 -16.87
C PRO F 44 -49.71 -16.97 -18.01
N ARG F 45 -50.35 -15.89 -18.46
CA ARG F 45 -49.88 -15.09 -19.58
C ARG F 45 -49.60 -13.68 -19.10
N LEU F 46 -48.40 -13.18 -19.40
CA LEU F 46 -48.06 -11.82 -19.01
C LEU F 46 -48.84 -10.81 -19.85
N LEU F 47 -49.65 -10.00 -19.19
CA LEU F 47 -50.42 -8.95 -19.85
C LEU F 47 -49.69 -7.61 -19.79
N ILE F 48 -49.39 -7.14 -18.59
CA ILE F 48 -48.84 -5.80 -18.40
C ILE F 48 -47.59 -5.88 -17.53
N TYR F 49 -46.66 -4.97 -17.76
CA TYR F 49 -45.47 -4.82 -16.92
C TYR F 49 -45.13 -3.35 -16.83
N GLY F 50 -44.36 -3.01 -15.80
CA GLY F 50 -44.11 -1.60 -15.53
C GLY F 50 -45.36 -0.81 -15.22
N ALA F 51 -46.46 -1.50 -14.90
CA ALA F 51 -47.75 -0.96 -14.52
C ALA F 51 -48.50 -0.33 -15.69
N SER F 52 -47.85 -0.14 -16.84
CA SER F 52 -48.56 0.46 -17.96
C SER F 52 -48.16 -0.06 -19.33
N LYS F 53 -47.26 -1.03 -19.44
CA LYS F 53 -46.73 -1.48 -20.72
C LYS F 53 -47.30 -2.84 -21.07
N ARG F 54 -47.86 -2.96 -22.28
CA ARG F 54 -48.37 -4.24 -22.75
C ARG F 54 -47.23 -5.16 -23.17
N ALA F 55 -47.39 -6.44 -22.88
CA ALA F 55 -46.45 -7.44 -23.36
C ALA F 55 -46.73 -7.75 -24.83
N THR F 56 -45.93 -8.66 -25.40
CA THR F 56 -46.08 -9.01 -26.80
C THR F 56 -47.40 -9.74 -27.03
N GLY F 57 -48.12 -9.35 -28.07
CA GLY F 57 -49.36 -9.99 -28.43
C GLY F 57 -50.55 -9.64 -27.57
N ILE F 58 -50.44 -8.63 -26.71
CA ILE F 58 -51.52 -8.22 -25.82
C ILE F 58 -52.36 -7.19 -26.56
N PRO F 59 -53.68 -7.41 -26.70
CA PRO F 59 -54.51 -6.44 -27.42
C PRO F 59 -54.53 -5.10 -26.70
N SER F 60 -54.76 -4.04 -27.49
CA SER F 60 -54.73 -2.67 -26.97
C SER F 60 -55.82 -2.39 -25.96
N ARG F 61 -56.86 -3.24 -25.87
CA ARG F 61 -57.90 -3.03 -24.87
C ARG F 61 -57.41 -3.22 -23.45
N PHE F 62 -56.23 -3.81 -23.26
CA PHE F 62 -55.65 -3.95 -21.92
C PHE F 62 -54.77 -2.74 -21.64
N SER F 63 -55.06 -2.04 -20.54
CA SER F 63 -54.31 -0.87 -20.12
C SER F 63 -54.00 -0.99 -18.64
N GLY F 64 -53.01 -0.22 -18.18
CA GLY F 64 -52.66 -0.22 -16.77
C GLY F 64 -52.23 1.16 -16.33
N SER F 65 -52.26 1.36 -15.01
CA SER F 65 -51.83 2.62 -14.43
C SER F 65 -51.51 2.38 -12.96
N GLY F 66 -50.90 3.39 -12.34
CA GLY F 66 -50.70 3.38 -10.90
C GLY F 66 -49.29 3.77 -10.51
N SER F 67 -49.12 3.96 -9.21
CA SER F 67 -47.84 4.35 -8.62
C SER F 67 -47.98 4.22 -7.11
N GLY F 68 -46.89 4.46 -6.40
CA GLY F 68 -46.88 4.39 -4.95
C GLY F 68 -47.32 3.04 -4.42
N THR F 69 -48.53 3.01 -3.85
CA THR F 69 -49.12 1.78 -3.35
C THR F 69 -50.34 1.34 -4.14
N ASP F 70 -50.86 2.18 -5.04
CA ASP F 70 -52.12 1.91 -5.73
C ASP F 70 -51.81 1.64 -7.20
N PHE F 71 -52.26 0.48 -7.70
CA PHE F 71 -52.12 0.18 -9.12
C PHE F 71 -53.44 -0.40 -9.63
N SER F 72 -53.68 -0.25 -10.93
CA SER F 72 -54.93 -0.69 -11.52
C SER F 72 -54.71 -1.22 -12.92
N LEU F 73 -55.49 -2.25 -13.26
CA LEU F 73 -55.57 -2.80 -14.60
C LEU F 73 -56.97 -2.57 -15.15
N THR F 74 -57.05 -2.13 -16.41
CA THR F 74 -58.30 -1.75 -17.04
C THR F 74 -58.47 -2.51 -18.36
N ILE F 75 -59.66 -3.04 -18.57
CA ILE F 75 -60.07 -3.58 -19.86
C ILE F 75 -61.20 -2.70 -20.38
N SER F 76 -60.93 -1.97 -21.46
CA SER F 76 -61.88 -0.98 -21.97
C SER F 76 -63.19 -1.65 -22.39
N SER F 77 -63.13 -2.51 -23.40
CA SER F 77 -64.28 -3.28 -23.86
C SER F 77 -63.90 -4.75 -23.79
N LEU F 78 -64.31 -5.41 -22.69
CA LEU F 78 -63.86 -6.77 -22.44
C LEU F 78 -64.56 -7.75 -23.38
N GLU F 79 -63.77 -8.61 -23.99
CA GLU F 79 -64.19 -9.66 -24.91
C GLU F 79 -64.58 -10.91 -24.14
N PRO F 80 -65.32 -11.84 -24.77
CA PRO F 80 -65.66 -13.08 -24.06
C PRO F 80 -64.45 -13.89 -23.63
N GLU F 81 -63.32 -13.75 -24.32
CA GLU F 81 -62.10 -14.45 -23.92
C GLU F 81 -61.33 -13.74 -22.83
N ASP F 82 -61.80 -12.59 -22.36
CA ASP F 82 -61.16 -11.87 -21.27
C ASP F 82 -61.60 -12.34 -19.89
N PHE F 83 -62.50 -13.31 -19.82
CA PHE F 83 -62.97 -13.82 -18.52
C PHE F 83 -61.96 -14.85 -18.02
N ALA F 84 -61.25 -14.52 -16.96
CA ALA F 84 -60.17 -15.34 -16.42
C ALA F 84 -59.84 -14.81 -15.03
N VAL F 85 -58.73 -15.28 -14.46
CA VAL F 85 -58.25 -14.82 -13.16
C VAL F 85 -57.03 -13.95 -13.39
N TYR F 86 -57.00 -12.77 -12.77
CA TYR F 86 -55.95 -11.80 -12.99
C TYR F 86 -55.10 -11.62 -11.74
N TYR F 87 -53.79 -11.57 -11.92
CA TYR F 87 -52.84 -11.47 -10.81
C TYR F 87 -51.95 -10.25 -10.99
N CYS F 88 -51.74 -9.51 -9.90
CA CYS F 88 -50.70 -8.50 -9.84
C CYS F 88 -49.48 -9.10 -9.16
N GLN F 89 -48.30 -8.71 -9.62
CA GLN F 89 -47.07 -9.28 -9.09
C GLN F 89 -46.05 -8.16 -8.88
N HIS F 90 -45.26 -8.31 -7.83
CA HIS F 90 -44.22 -7.35 -7.45
C HIS F 90 -42.93 -8.12 -7.20
N ARG F 91 -41.80 -7.44 -7.37
CA ARG F 91 -40.51 -8.04 -7.04
C ARG F 91 -39.66 -7.01 -6.32
N SER F 92 -39.30 -7.32 -5.08
CA SER F 92 -38.16 -6.67 -4.44
C SER F 92 -36.93 -7.54 -4.69
N ASP F 93 -35.77 -7.06 -4.25
CA ASP F 93 -34.52 -7.75 -4.55
C ASP F 93 -34.56 -9.20 -4.10
N TRP F 94 -34.57 -10.12 -5.07
CA TRP F 94 -34.57 -11.56 -4.83
C TRP F 94 -35.81 -12.03 -4.06
N ARG F 95 -36.94 -11.33 -4.20
CA ARG F 95 -38.20 -11.79 -3.61
C ARG F 95 -39.35 -11.36 -4.51
N THR F 96 -40.05 -12.34 -5.09
CA THR F 96 -41.20 -12.09 -5.94
C THR F 96 -42.47 -12.47 -5.20
N THR F 97 -43.47 -11.59 -5.23
CA THR F 97 -44.74 -11.82 -4.55
C THR F 97 -45.90 -11.61 -5.50
N PHE F 98 -46.95 -12.40 -5.28
CA PHE F 98 -48.17 -12.36 -6.08
C PHE F 98 -49.34 -11.86 -5.24
N GLY F 99 -50.26 -11.15 -5.89
CA GLY F 99 -51.56 -10.92 -5.29
C GLY F 99 -52.41 -12.17 -5.28
N GLN F 100 -53.44 -12.16 -4.42
CA GLN F 100 -54.28 -13.34 -4.28
C GLN F 100 -55.13 -13.62 -5.52
N GLY F 101 -55.28 -12.65 -6.40
CA GLY F 101 -56.01 -12.89 -7.64
C GLY F 101 -57.43 -12.36 -7.58
N THR F 102 -57.94 -11.98 -8.75
CA THR F 102 -59.31 -11.51 -8.91
C THR F 102 -59.97 -12.27 -10.04
N ARG F 103 -61.15 -12.84 -9.78
CA ARG F 103 -61.88 -13.62 -10.76
C ARG F 103 -62.85 -12.72 -11.53
N LEU F 104 -62.72 -12.70 -12.85
CA LEU F 104 -63.59 -11.94 -13.73
C LEU F 104 -64.48 -12.92 -14.47
N GLU F 105 -65.79 -12.85 -14.21
CA GLU F 105 -66.76 -13.77 -14.79
C GLU F 105 -67.94 -13.00 -15.34
N ILE F 106 -68.68 -13.66 -16.23
CA ILE F 106 -69.87 -13.06 -16.84
C ILE F 106 -70.93 -12.79 -15.78
N GLU G 1 10.62 -6.98 40.16
CA GLU G 1 9.57 -6.34 40.95
C GLU G 1 10.17 -5.48 42.06
N ILE G 2 9.69 -4.25 42.17
CA ILE G 2 10.18 -3.31 43.17
C ILE G 2 9.41 -3.53 44.46
N VAL G 3 10.13 -3.82 45.54
CA VAL G 3 9.54 -4.01 46.86
C VAL G 3 10.10 -2.97 47.80
N LEU G 4 9.39 -2.74 48.89
CA LEU G 4 9.73 -1.66 49.83
C LEU G 4 9.97 -2.24 51.21
N THR G 5 11.09 -1.85 51.81
CA THR G 5 11.41 -2.15 53.20
C THR G 5 11.46 -0.86 53.99
N GLN G 6 10.68 -0.78 55.06
CA GLN G 6 10.65 0.40 55.91
C GLN G 6 11.55 0.21 57.13
N SER G 7 12.17 1.31 57.55
CA SER G 7 13.09 1.32 58.67
C SER G 7 12.81 2.52 59.56
N PRO G 8 12.79 2.32 60.87
CA PRO G 8 12.84 1.03 61.56
C PRO G 8 11.44 0.44 61.70
N ALA G 9 11.26 -0.60 62.51
CA ALA G 9 9.92 -1.16 62.71
C ALA G 9 9.08 -0.27 63.61
N THR G 10 9.67 0.25 64.68
CA THR G 10 8.95 1.07 65.65
C THR G 10 9.86 2.18 66.14
N LEU G 11 9.26 3.32 66.47
CA LEU G 11 9.97 4.43 67.09
C LEU G 11 9.27 4.83 68.38
N SER G 12 10.07 5.11 69.42
CA SER G 12 9.57 5.63 70.68
C SER G 12 10.04 7.07 70.80
N LEU G 13 9.12 8.01 70.60
CA LEU G 13 9.47 9.43 70.59
C LEU G 13 8.44 10.21 71.40
N SER G 14 8.94 11.18 72.18
CA SER G 14 8.07 12.10 72.89
C SER G 14 7.54 13.16 71.92
N PRO G 15 6.36 13.70 72.18
CA PRO G 15 5.84 14.78 71.33
C PRO G 15 6.78 15.98 71.31
N GLY G 16 6.90 16.59 70.13
CA GLY G 16 7.81 17.69 69.91
C GLY G 16 9.17 17.31 69.36
N GLU G 17 9.53 16.04 69.39
CA GLU G 17 10.80 15.60 68.79
C GLU G 17 10.67 15.53 67.27
N ARG G 18 11.73 15.05 66.63
CA ARG G 18 11.80 14.92 65.18
C ARG G 18 11.76 13.45 64.81
N ALA G 19 10.80 13.06 63.97
CA ALA G 19 10.61 11.69 63.54
C ALA G 19 11.10 11.52 62.12
N THR G 20 11.96 10.52 61.88
CA THR G 20 12.48 10.23 60.55
C THR G 20 12.24 8.76 60.23
N LEU G 21 11.61 8.50 59.09
CA LEU G 21 11.29 7.15 58.64
C LEU G 21 11.88 6.93 57.26
N SER G 22 12.47 5.76 57.03
CA SER G 22 13.14 5.47 55.77
C SER G 22 12.43 4.35 55.02
N CYS G 23 12.43 4.46 53.69
CA CYS G 23 11.91 3.41 52.82
C CYS G 23 12.93 3.12 51.72
N ARG G 24 13.27 1.84 51.58
CA ARG G 24 14.28 1.37 50.63
C ARG G 24 13.60 0.46 49.62
N ALA G 25 13.78 0.75 48.34
CA ALA G 25 13.21 -0.04 47.27
C ALA G 25 14.25 -1.02 46.75
N SER G 26 13.79 -2.20 46.34
CA SER G 26 14.73 -3.24 45.89
C SER G 26 15.55 -2.78 44.69
N GLN G 27 15.05 -1.83 43.91
CA GLN G 27 15.80 -1.26 42.81
C GLN G 27 15.39 0.20 42.67
N SER G 28 16.04 0.90 41.75
CA SER G 28 15.72 2.31 41.53
C SER G 28 14.26 2.42 41.12
N VAL G 29 13.53 3.32 41.79
CA VAL G 29 12.07 3.33 41.68
C VAL G 29 11.63 3.76 40.29
N SER G 30 10.48 3.23 39.87
CA SER G 30 9.84 3.68 38.64
C SER G 30 9.15 5.02 38.83
N SER G 31 8.65 5.28 40.04
CA SER G 31 8.07 6.57 40.39
C SER G 31 8.35 6.83 41.87
N TYR G 32 8.41 8.11 42.22
CA TYR G 32 8.69 8.49 43.59
C TYR G 32 7.58 8.02 44.53
N LEU G 33 7.96 7.69 45.76
CA LEU G 33 7.06 7.00 46.66
C LEU G 33 6.02 7.95 47.24
N ALA G 34 4.95 7.36 47.76
CA ALA G 34 3.94 8.07 48.52
C ALA G 34 3.97 7.58 49.97
N TRP G 35 3.57 8.46 50.87
CA TRP G 35 3.54 8.16 52.30
C TRP G 35 2.13 8.36 52.82
N TYR G 36 1.63 7.35 53.53
CA TYR G 36 0.29 7.33 54.09
C TYR G 36 0.37 7.19 55.60
N GLN G 37 -0.56 7.84 56.29
CA GLN G 37 -0.77 7.67 57.72
C GLN G 37 -2.04 6.86 57.93
N HIS G 38 -2.02 5.95 58.91
CA HIS G 38 -3.16 5.08 59.14
C HIS G 38 -3.30 4.84 60.64
N LYS G 39 -4.51 5.04 61.14
CA LYS G 39 -4.90 4.84 62.52
C LYS G 39 -5.92 3.71 62.61
N PRO G 40 -5.98 3.00 63.74
CA PRO G 40 -7.02 1.99 63.90
C PRO G 40 -8.42 2.60 63.84
N GLY G 41 -9.32 1.90 63.17
CA GLY G 41 -10.71 2.32 63.11
C GLY G 41 -11.04 3.33 62.03
N GLN G 42 -10.14 3.58 61.08
CA GLN G 42 -10.41 4.53 60.01
C GLN G 42 -9.50 4.21 58.83
N ALA G 43 -9.80 4.87 57.70
CA ALA G 43 -9.09 4.59 56.47
C ALA G 43 -7.73 5.27 56.44
N PRO G 44 -6.78 4.73 55.68
CA PRO G 44 -5.49 5.40 55.53
C PRO G 44 -5.65 6.75 54.84
N ARG G 45 -4.78 7.69 55.20
CA ARG G 45 -4.81 9.04 54.70
C ARG G 45 -3.53 9.32 53.92
N LEU G 46 -3.67 9.84 52.71
CA LEU G 46 -2.50 10.20 51.92
C LEU G 46 -1.82 11.42 52.53
N LEU G 47 -0.55 11.28 52.89
CA LEU G 47 0.24 12.35 53.47
C LEU G 47 1.13 13.02 52.44
N ILE G 48 1.98 12.25 51.76
CA ILE G 48 3.00 12.78 50.87
C ILE G 48 2.95 12.01 49.55
N TYR G 49 3.17 12.71 48.44
CA TYR G 49 3.29 12.07 47.15
C TYR G 49 4.39 12.75 46.36
N GLY G 50 4.91 12.05 45.36
CA GLY G 50 6.07 12.52 44.63
C GLY G 50 7.29 12.61 45.52
N ALA G 51 7.19 11.97 46.68
CA ALA G 51 8.26 11.84 47.68
C ALA G 51 8.57 13.13 48.42
N SER G 52 8.04 14.28 47.99
CA SER G 52 8.34 15.50 48.73
C SER G 52 7.22 16.53 48.82
N LYS G 53 6.07 16.35 48.20
CA LYS G 53 5.03 17.37 48.23
C LYS G 53 3.82 16.89 49.03
N ARG G 54 3.32 17.77 49.90
CA ARG G 54 2.21 17.46 50.78
C ARG G 54 0.88 17.43 50.04
N ALA G 55 0.03 16.49 50.43
CA ALA G 55 -1.32 16.41 49.89
C ALA G 55 -2.20 17.46 50.56
N THR G 56 -3.47 17.50 50.15
CA THR G 56 -4.40 18.50 50.68
C THR G 56 -4.66 18.25 52.17
N GLY G 57 -4.63 19.33 52.95
CA GLY G 57 -4.92 19.25 54.36
C GLY G 57 -3.83 18.67 55.23
N ILE G 58 -2.64 18.46 54.68
CA ILE G 58 -1.53 17.87 55.42
C ILE G 58 -0.73 18.99 56.07
N PRO G 59 -0.54 18.97 57.39
CA PRO G 59 0.21 20.04 58.05
C PRO G 59 1.66 20.10 57.58
N SER G 60 2.23 21.31 57.66
CA SER G 60 3.56 21.58 57.12
C SER G 60 4.67 20.81 57.82
N ARG G 61 4.42 20.25 59.02
CA ARG G 61 5.46 19.48 59.68
C ARG G 61 5.85 18.24 58.90
N PHE G 62 4.96 17.73 58.05
CA PHE G 62 5.28 16.58 57.21
C PHE G 62 6.10 17.02 56.02
N SER G 63 7.28 16.41 55.87
CA SER G 63 8.17 16.68 54.76
C SER G 63 8.64 15.34 54.21
N GLY G 64 9.07 15.35 52.96
CA GLY G 64 9.61 14.15 52.36
C GLY G 64 10.85 14.47 51.55
N SER G 65 11.62 13.43 51.28
CA SER G 65 12.79 13.58 50.43
C SER G 65 13.21 12.20 49.93
N GLY G 66 14.12 12.19 48.97
CA GLY G 66 14.74 10.97 48.52
C GLY G 66 14.74 10.86 47.01
N SER G 67 15.44 9.83 46.55
CA SER G 67 15.59 9.53 45.13
C SER G 67 16.23 8.17 45.02
N GLY G 68 16.34 7.68 43.79
CA GLY G 68 16.97 6.40 43.53
C GLY G 68 16.30 5.27 44.28
N THR G 69 16.97 4.77 45.32
CA THR G 69 16.44 3.72 46.17
C THR G 69 16.10 4.17 47.57
N ASP G 70 16.52 5.36 47.99
CA ASP G 70 16.38 5.82 49.37
C ASP G 70 15.35 6.94 49.44
N PHE G 71 14.33 6.76 50.28
CA PHE G 71 13.35 7.81 50.49
C PHE G 71 13.09 7.95 51.98
N SER G 72 12.70 9.15 52.40
CA SER G 72 12.48 9.43 53.82
C SER G 72 11.31 10.36 54.03
N LEU G 73 10.59 10.12 55.13
CA LEU G 73 9.52 10.98 55.61
C LEU G 73 9.92 11.56 56.95
N THR G 74 9.70 12.86 57.13
CA THR G 74 10.15 13.58 58.31
C THR G 74 8.97 14.34 58.93
N ILE G 75 8.83 14.22 60.25
CA ILE G 75 7.92 15.04 61.03
C ILE G 75 8.78 15.91 61.95
N SER G 76 8.76 17.22 61.70
CA SER G 76 9.63 18.13 62.43
C SER G 76 9.32 18.11 63.93
N SER G 77 8.11 18.52 64.31
CA SER G 77 7.64 18.44 65.68
C SER G 77 6.32 17.68 65.67
N LEU G 78 6.31 16.49 66.26
CA LEU G 78 5.16 15.60 66.16
C LEU G 78 4.17 15.87 67.30
N GLU G 79 2.92 16.10 66.93
CA GLU G 79 1.83 16.30 67.88
C GLU G 79 1.35 14.94 68.39
N PRO G 80 0.58 14.93 69.49
CA PRO G 80 0.07 13.64 70.00
C PRO G 80 -0.77 12.87 69.00
N GLU G 81 -1.43 13.54 68.06
CA GLU G 81 -2.24 12.85 67.06
C GLU G 81 -1.42 12.30 65.91
N ASP G 82 -0.10 12.49 65.92
CA ASP G 82 0.77 11.97 64.87
C ASP G 82 1.22 10.55 65.12
N PHE G 83 0.87 9.97 66.26
CA PHE G 83 1.29 8.61 66.57
C PHE G 83 0.33 7.64 65.88
N ALA G 84 0.83 6.95 64.86
CA ALA G 84 0.03 6.09 64.00
C ALA G 84 0.97 5.14 63.27
N VAL G 85 0.47 4.48 62.23
CA VAL G 85 1.29 3.61 61.40
C VAL G 85 1.47 4.26 60.04
N TYR G 86 2.70 4.28 59.55
CA TYR G 86 3.05 4.99 58.33
C TYR G 86 3.53 4.01 57.28
N TYR G 87 3.05 4.19 56.05
CA TYR G 87 3.36 3.30 54.94
C TYR G 87 3.98 4.08 53.79
N CYS G 88 5.04 3.53 53.21
CA CYS G 88 5.51 4.00 51.92
C CYS G 88 4.89 3.13 50.83
N GLN G 89 4.74 3.71 49.64
CA GLN G 89 4.03 3.03 48.56
C GLN G 89 4.68 3.39 47.24
N HIS G 90 4.78 2.39 46.36
CA HIS G 90 5.38 2.52 45.05
C HIS G 90 4.43 1.95 44.03
N ARG G 91 4.51 2.44 42.79
CA ARG G 91 3.75 1.87 41.69
C ARG G 91 4.66 1.76 40.48
N SER G 92 4.84 0.55 39.97
CA SER G 92 5.29 0.34 38.61
C SER G 92 4.06 0.09 37.75
N ASP G 93 4.27 -0.03 36.43
CA ASP G 93 3.15 -0.15 35.51
C ASP G 93 2.23 -1.30 35.90
N TRP G 94 1.02 -0.95 36.34
CA TRP G 94 -0.02 -1.91 36.73
C TRP G 94 0.40 -2.81 37.89
N ARG G 95 1.23 -2.31 38.81
CA ARG G 95 1.59 -3.04 40.01
C ARG G 95 1.89 -2.04 41.13
N THR G 96 1.08 -2.05 42.17
CA THR G 96 1.28 -1.20 43.33
C THR G 96 1.78 -2.04 44.50
N THR G 97 2.79 -1.55 45.20
CA THR G 97 3.36 -2.23 46.35
C THR G 97 3.44 -1.30 47.55
N PHE G 98 3.31 -1.87 48.73
CA PHE G 98 3.36 -1.15 50.00
C PHE G 98 4.56 -1.63 50.82
N GLY G 99 5.13 -0.70 51.59
CA GLY G 99 6.05 -1.09 52.64
C GLY G 99 5.32 -1.78 53.78
N GLN G 100 6.08 -2.54 54.58
CA GLN G 100 5.47 -3.28 55.67
C GLN G 100 4.90 -2.37 56.75
N GLY G 101 5.34 -1.13 56.82
CA GLY G 101 4.78 -0.19 57.77
C GLY G 101 5.72 0.07 58.93
N THR G 102 5.58 1.25 59.53
CA THR G 102 6.36 1.66 60.68
C THR G 102 5.43 2.30 61.71
N ARG G 103 5.57 1.89 62.97
CA ARG G 103 4.69 2.35 64.04
C ARG G 103 5.38 3.42 64.85
N LEU G 104 4.74 4.58 64.98
CA LEU G 104 5.19 5.65 65.87
C LEU G 104 4.34 5.60 67.13
N GLU G 105 5.00 5.46 68.28
CA GLU G 105 4.31 5.44 69.56
C GLU G 105 5.06 6.30 70.55
N ILE G 106 4.33 6.81 71.55
CA ILE G 106 4.90 7.66 72.57
C ILE G 106 5.90 6.88 73.43
N GLU H 1 10.04 -38.00 -14.77
CA GLU H 1 11.31 -38.38 -14.15
C GLU H 1 12.31 -38.86 -15.20
N ILE H 2 13.55 -38.40 -15.08
CA ILE H 2 14.60 -38.73 -16.04
C ILE H 2 15.34 -39.96 -15.53
N VAL H 3 15.30 -41.04 -16.30
CA VAL H 3 16.00 -42.27 -15.96
C VAL H 3 17.12 -42.50 -16.97
N LEU H 4 18.10 -43.31 -16.56
CA LEU H 4 19.29 -43.58 -17.36
C LEU H 4 19.43 -45.07 -17.60
N THR H 5 19.63 -45.45 -18.86
CA THR H 5 19.93 -46.82 -19.25
C THR H 5 21.32 -46.85 -19.88
N GLN H 6 22.18 -47.72 -19.37
CA GLN H 6 23.54 -47.82 -19.87
C GLN H 6 23.67 -48.95 -20.88
N SER H 7 24.59 -48.77 -21.82
CA SER H 7 24.82 -49.72 -22.89
C SER H 7 26.33 -49.86 -23.12
N PRO H 8 26.84 -51.09 -23.26
CA PRO H 8 26.12 -52.36 -23.11
C PRO H 8 26.13 -52.81 -21.65
N ALA H 9 25.72 -54.03 -21.35
CA ALA H 9 25.81 -54.51 -19.98
C ALA H 9 27.24 -54.84 -19.59
N THR H 10 27.97 -55.50 -20.48
CA THR H 10 29.35 -55.90 -20.21
C THR H 10 30.19 -55.66 -21.46
N LEU H 11 31.43 -55.20 -21.25
CA LEU H 11 32.40 -55.02 -22.32
C LEU H 11 33.62 -55.89 -22.04
N SER H 12 34.03 -56.67 -23.03
CA SER H 12 35.20 -57.55 -22.91
C SER H 12 36.32 -56.99 -23.78
N LEU H 13 37.36 -56.47 -23.13
CA LEU H 13 38.49 -55.87 -23.84
C LEU H 13 39.78 -56.18 -23.10
N SER H 14 40.88 -56.19 -23.85
CA SER H 14 42.22 -56.37 -23.35
C SER H 14 42.86 -55.03 -23.07
N PRO H 15 43.86 -54.98 -22.17
CA PRO H 15 44.55 -53.72 -21.92
C PRO H 15 45.14 -53.13 -23.20
N GLY H 16 45.06 -51.80 -23.32
CA GLY H 16 45.48 -51.09 -24.50
C GLY H 16 44.40 -50.89 -25.55
N GLU H 17 43.21 -51.46 -25.36
CA GLU H 17 42.11 -51.24 -26.28
C GLU H 17 41.28 -50.02 -25.88
N ARG H 18 40.43 -49.59 -26.80
CA ARG H 18 39.56 -48.44 -26.61
C ARG H 18 38.19 -48.89 -26.11
N ALA H 19 37.76 -48.34 -24.98
CA ALA H 19 36.47 -48.68 -24.36
C ALA H 19 35.50 -47.52 -24.55
N THR H 20 34.29 -47.84 -25.00
CA THR H 20 33.24 -46.84 -25.19
C THR H 20 31.96 -47.31 -24.53
N LEU H 21 31.40 -46.48 -23.65
CA LEU H 21 30.17 -46.80 -22.94
C LEU H 21 29.16 -45.69 -23.18
N SER H 22 27.89 -46.07 -23.34
CA SER H 22 26.84 -45.10 -23.64
C SER H 22 25.82 -45.06 -22.50
N CYS H 23 25.24 -43.88 -22.31
CA CYS H 23 24.17 -43.66 -21.35
C CYS H 23 23.05 -42.91 -22.06
N ARG H 24 21.83 -43.46 -21.98
CA ARG H 24 20.66 -42.93 -22.66
C ARG H 24 19.64 -42.48 -21.63
N ALA H 25 19.19 -41.23 -21.75
CA ALA H 25 18.20 -40.69 -20.83
C ALA H 25 16.81 -40.75 -21.47
N SER H 26 15.80 -40.96 -20.63
CA SER H 26 14.43 -41.08 -21.13
C SER H 26 13.92 -39.79 -21.74
N GLN H 27 14.57 -38.67 -21.48
CA GLN H 27 14.25 -37.39 -22.10
C GLN H 27 15.50 -36.53 -22.07
N SER H 28 15.42 -35.39 -22.76
CA SER H 28 16.54 -34.46 -22.80
C SER H 28 16.91 -34.05 -21.37
N VAL H 29 18.20 -34.18 -21.03
CA VAL H 29 18.62 -34.09 -19.64
C VAL H 29 18.46 -32.67 -19.11
N SER H 30 18.15 -32.57 -17.82
CA SER H 30 18.17 -31.28 -17.13
C SER H 30 19.59 -30.85 -16.80
N SER H 31 20.55 -31.77 -16.87
CA SER H 31 21.91 -31.53 -16.43
C SER H 31 22.78 -32.60 -17.07
N TYR H 32 23.96 -32.19 -17.56
CA TYR H 32 24.87 -33.14 -18.19
C TYR H 32 25.33 -34.19 -17.19
N LEU H 33 25.52 -35.40 -17.69
CA LEU H 33 25.71 -36.55 -16.81
C LEU H 33 27.13 -36.58 -16.23
N ALA H 34 27.26 -37.30 -15.12
CA ALA H 34 28.55 -37.58 -14.52
C ALA H 34 28.84 -39.07 -14.65
N TRP H 35 30.12 -39.42 -14.67
CA TRP H 35 30.57 -40.79 -14.80
C TRP H 35 31.46 -41.13 -13.61
N TYR H 36 31.14 -42.25 -12.95
CA TYR H 36 31.84 -42.76 -11.79
C TYR H 36 32.42 -44.14 -12.09
N GLN H 37 33.57 -44.42 -11.50
CA GLN H 37 34.19 -45.73 -11.53
C GLN H 37 34.07 -46.36 -10.15
N HIS H 38 33.78 -47.66 -10.10
CA HIS H 38 33.50 -48.35 -8.85
C HIS H 38 34.18 -49.70 -8.87
N LYS H 39 35.04 -49.95 -7.88
CA LYS H 39 35.73 -51.20 -7.65
C LYS H 39 35.26 -51.82 -6.35
N PRO H 40 35.27 -53.15 -6.24
CA PRO H 40 34.90 -53.77 -4.96
C PRO H 40 35.85 -53.36 -3.85
N GLY H 41 35.28 -53.13 -2.67
CA GLY H 41 36.07 -52.82 -1.49
C GLY H 41 36.41 -51.36 -1.29
N GLN H 42 35.85 -50.46 -2.09
CA GLN H 42 36.12 -49.03 -1.93
C GLN H 42 34.98 -48.24 -2.51
N ALA H 43 34.96 -46.94 -2.18
CA ALA H 43 33.88 -46.07 -2.62
C ALA H 43 34.02 -45.75 -4.10
N PRO H 44 32.92 -45.39 -4.75
CA PRO H 44 33.00 -44.96 -6.16
C PRO H 44 33.82 -43.69 -6.29
N ARG H 45 34.48 -43.56 -7.43
CA ARG H 45 35.35 -42.42 -7.73
C ARG H 45 34.74 -41.61 -8.86
N LEU H 46 34.62 -40.30 -8.65
CA LEU H 46 34.11 -39.43 -9.70
C LEU H 46 35.14 -39.32 -10.81
N LEU H 47 34.77 -39.73 -12.02
CA LEU H 47 35.64 -39.64 -13.19
C LEU H 47 35.36 -38.39 -14.02
N ILE H 48 34.11 -38.22 -14.45
CA ILE H 48 33.74 -37.16 -15.37
C ILE H 48 32.50 -36.45 -14.85
N TYR H 49 32.43 -35.14 -15.08
CA TYR H 49 31.23 -34.37 -14.76
C TYR H 49 31.01 -33.38 -15.90
N GLY H 50 29.77 -32.91 -16.00
CA GLY H 50 29.41 -32.08 -17.14
C GLY H 50 29.57 -32.77 -18.47
N ALA H 51 29.65 -34.10 -18.46
CA ALA H 51 29.71 -34.97 -19.63
C ALA H 51 31.04 -34.90 -20.37
N SER H 52 31.90 -33.93 -20.03
CA SER H 52 33.18 -33.82 -20.73
C SER H 52 34.33 -33.35 -19.85
N LYS H 53 34.13 -33.15 -18.55
CA LYS H 53 35.11 -32.51 -17.70
C LYS H 53 35.73 -33.55 -16.78
N ARG H 54 37.06 -33.65 -16.80
CA ARG H 54 37.73 -34.60 -15.92
C ARG H 54 37.81 -34.04 -14.51
N ALA H 55 37.62 -34.93 -13.53
CA ALA H 55 37.81 -34.56 -12.14
C ALA H 55 39.30 -34.55 -11.79
N THR H 56 39.61 -34.09 -10.59
CA THR H 56 40.99 -34.04 -10.14
C THR H 56 41.53 -35.46 -9.95
N GLY H 57 42.77 -35.66 -10.40
CA GLY H 57 43.42 -36.96 -10.29
C GLY H 57 42.99 -37.97 -11.31
N ILE H 58 42.16 -37.59 -12.29
CA ILE H 58 41.67 -38.52 -13.30
C ILE H 58 42.64 -38.49 -14.48
N PRO H 59 43.19 -39.64 -14.87
CA PRO H 59 44.14 -39.64 -16.00
C PRO H 59 43.49 -39.21 -17.30
N SER H 60 44.32 -38.66 -18.20
CA SER H 60 43.84 -38.05 -19.43
C SER H 60 43.15 -39.03 -20.37
N ARG H 61 43.34 -40.34 -20.19
CA ARG H 61 42.68 -41.29 -21.08
C ARG H 61 41.17 -41.24 -20.97
N PHE H 62 40.64 -40.72 -19.86
CA PHE H 62 39.19 -40.64 -19.67
C PHE H 62 38.65 -39.40 -20.36
N SER H 63 37.75 -39.59 -21.32
CA SER H 63 37.10 -38.49 -22.00
C SER H 63 35.60 -38.76 -22.01
N GLY H 64 34.83 -37.70 -22.24
CA GLY H 64 33.39 -37.82 -22.31
C GLY H 64 32.83 -36.91 -23.38
N SER H 65 31.63 -37.25 -23.82
CA SER H 65 30.93 -36.44 -24.81
C SER H 65 29.44 -36.71 -24.69
N GLY H 66 28.66 -35.89 -25.38
CA GLY H 66 27.23 -36.12 -25.49
C GLY H 66 26.42 -34.89 -25.16
N SER H 67 25.12 -35.01 -25.43
CA SER H 67 24.15 -33.94 -25.22
C SER H 67 22.77 -34.56 -25.40
N GLY H 68 21.74 -33.76 -25.17
CA GLY H 68 20.37 -34.20 -25.35
C GLY H 68 20.04 -35.43 -24.52
N THR H 69 19.90 -36.57 -25.19
CA THR H 69 19.63 -37.83 -24.54
C THR H 69 20.81 -38.80 -24.59
N ASP H 70 21.81 -38.53 -25.41
CA ASP H 70 22.89 -39.47 -25.67
C ASP H 70 24.18 -38.97 -25.04
N PHE H 71 24.80 -39.79 -24.19
CA PHE H 71 26.09 -39.43 -23.61
C PHE H 71 27.01 -40.64 -23.67
N SER H 72 28.32 -40.38 -23.71
CA SER H 72 29.28 -41.46 -23.86
C SER H 72 30.55 -41.16 -23.06
N LEU H 73 31.10 -42.21 -22.48
CA LEU H 73 32.39 -42.20 -21.80
C LEU H 73 33.38 -43.04 -22.61
N THR H 74 34.58 -42.51 -22.81
CA THR H 74 35.60 -43.15 -23.64
C THR H 74 36.88 -43.29 -22.85
N ILE H 75 37.48 -44.48 -22.91
CA ILE H 75 38.83 -44.73 -22.40
C ILE H 75 39.69 -45.08 -23.61
N SER H 76 40.60 -44.17 -23.96
CA SER H 76 41.40 -44.33 -25.17
C SER H 76 42.24 -45.60 -25.12
N SER H 77 43.15 -45.68 -24.16
CA SER H 77 43.98 -46.87 -23.94
C SER H 77 43.86 -47.27 -22.49
N LEU H 78 43.20 -48.39 -22.23
CA LEU H 78 42.84 -48.77 -20.87
C LEU H 78 43.93 -49.62 -20.23
N GLU H 79 44.36 -49.21 -19.05
CA GLU H 79 45.29 -49.98 -18.23
C GLU H 79 44.52 -51.04 -17.44
N PRO H 80 45.22 -52.03 -16.86
CA PRO H 80 44.52 -53.03 -16.05
C PRO H 80 43.75 -52.45 -14.88
N GLU H 81 44.12 -51.25 -14.40
CA GLU H 81 43.38 -50.63 -13.32
C GLU H 81 42.01 -50.10 -13.77
N ASP H 82 41.71 -50.13 -15.06
CA ASP H 82 40.45 -49.60 -15.57
C ASP H 82 39.33 -50.62 -15.56
N PHE H 83 39.58 -51.85 -15.15
CA PHE H 83 38.54 -52.87 -15.14
C PHE H 83 37.73 -52.71 -13.86
N ALA H 84 36.51 -52.21 -13.99
CA ALA H 84 35.64 -51.90 -12.86
C ALA H 84 34.22 -51.75 -13.40
N VAL H 85 33.33 -51.22 -12.57
CA VAL H 85 31.95 -50.95 -12.97
C VAL H 85 31.78 -49.44 -13.11
N TYR H 86 31.19 -49.01 -14.21
CA TYR H 86 31.06 -47.60 -14.51
C TYR H 86 29.59 -47.18 -14.49
N TYR H 87 29.32 -46.05 -13.85
CA TYR H 87 27.96 -45.54 -13.69
C TYR H 87 27.82 -44.14 -14.27
N CYS H 88 26.74 -43.92 -15.01
CA CYS H 88 26.33 -42.57 -15.37
C CYS H 88 25.31 -42.07 -14.36
N GLN H 89 25.30 -40.77 -14.13
CA GLN H 89 24.47 -40.18 -13.09
C GLN H 89 23.90 -38.87 -13.59
N HIS H 90 22.63 -38.64 -13.27
CA HIS H 90 21.90 -37.44 -13.66
C HIS H 90 21.26 -36.85 -12.41
N ARG H 91 21.03 -35.54 -12.44
CA ARG H 91 20.29 -34.89 -11.36
C ARG H 91 19.33 -33.87 -11.96
N SER H 92 18.04 -34.04 -11.70
CA SER H 92 17.08 -32.97 -11.83
C SER H 92 16.89 -32.36 -10.45
N ASP H 93 16.10 -31.29 -10.39
CA ASP H 93 15.95 -30.55 -9.14
C ASP H 93 15.52 -31.46 -7.99
N TRP H 94 16.42 -31.67 -7.03
CA TRP H 94 16.17 -32.49 -5.85
C TRP H 94 15.85 -33.95 -6.19
N ARG H 95 16.41 -34.47 -7.29
CA ARG H 95 16.25 -35.89 -7.63
C ARG H 95 17.50 -36.35 -8.38
N THR H 96 18.26 -37.26 -7.77
CA THR H 96 19.46 -37.82 -8.39
C THR H 96 19.17 -39.25 -8.81
N THR H 97 19.53 -39.59 -10.06
CA THR H 97 19.32 -40.93 -10.59
C THR H 97 20.63 -41.49 -11.13
N PHE H 98 20.76 -42.82 -11.03
CA PHE H 98 21.93 -43.55 -11.50
C PHE H 98 21.54 -44.50 -12.63
N GLY H 99 22.47 -44.70 -13.55
CA GLY H 99 22.36 -45.81 -14.47
C GLY H 99 22.66 -47.14 -13.81
N GLN H 100 22.17 -48.22 -14.42
CA GLN H 100 22.34 -49.53 -13.81
C GLN H 100 23.79 -49.99 -13.77
N GLY H 101 24.66 -49.40 -14.58
CA GLY H 101 26.07 -49.71 -14.52
C GLY H 101 26.49 -50.66 -15.63
N THR H 102 27.77 -50.56 -16.03
CA THR H 102 28.35 -51.42 -17.04
C THR H 102 29.64 -52.01 -16.50
N ARG H 103 29.80 -53.33 -16.66
CA ARG H 103 31.00 -54.02 -16.21
C ARG H 103 32.02 -54.07 -17.35
N LEU H 104 33.16 -53.42 -17.14
CA LEU H 104 34.28 -53.47 -18.08
C LEU H 104 35.28 -54.49 -17.55
N GLU H 105 35.38 -55.64 -18.22
CA GLU H 105 36.23 -56.72 -17.78
C GLU H 105 37.13 -57.16 -18.93
N ILE H 106 38.15 -57.95 -18.57
CA ILE H 106 39.13 -58.43 -19.54
C ILE H 106 38.49 -59.43 -20.49
N GLN I 1 -15.35 17.55 46.27
CA GLN I 1 -15.84 16.61 47.28
C GLN I 1 -16.20 15.28 46.61
N VAL I 2 -15.42 14.23 46.90
CA VAL I 2 -15.58 12.93 46.29
C VAL I 2 -15.76 11.90 47.38
N GLN I 3 -16.77 11.05 47.23
CA GLN I 3 -16.99 9.91 48.12
C GLN I 3 -16.94 8.61 47.32
N LEU I 4 -16.50 7.56 47.99
CA LEU I 4 -16.45 6.21 47.43
C LEU I 4 -17.31 5.32 48.32
N GLN I 5 -18.60 5.21 47.98
CA GLN I 5 -19.49 4.35 48.73
C GLN I 5 -19.16 2.89 48.47
N GLU I 6 -19.18 2.08 49.53
CA GLU I 6 -18.78 0.68 49.48
C GLU I 6 -19.92 -0.20 49.97
N SER I 7 -20.13 -1.32 49.28
CA SER I 7 -21.20 -2.25 49.62
C SER I 7 -20.73 -3.67 49.38
N GLY I 8 -21.38 -4.61 50.07
CA GLY I 8 -21.02 -6.01 49.96
C GLY I 8 -21.01 -6.71 51.30
N ALA I 9 -21.44 -7.97 51.32
CA ALA I 9 -21.51 -8.72 52.56
C ALA I 9 -20.11 -9.02 53.09
N GLY I 10 -19.93 -8.84 54.40
CA GLY I 10 -18.65 -9.09 55.02
C GLY I 10 -18.60 -10.40 55.78
N LEU I 11 -19.75 -11.06 55.91
CA LEU I 11 -19.85 -12.32 56.63
C LEU I 11 -19.91 -13.46 55.61
N LEU I 12 -18.91 -14.33 55.64
CA LEU I 12 -18.78 -15.39 54.66
C LEU I 12 -18.27 -16.66 55.33
N LYS I 13 -18.54 -17.78 54.68
CA LYS I 13 -18.01 -19.09 55.02
C LYS I 13 -16.93 -19.48 54.03
N PRO I 14 -16.00 -20.36 54.42
CA PRO I 14 -14.94 -20.77 53.48
C PRO I 14 -15.51 -21.38 52.21
N SER I 15 -14.82 -21.11 51.10
CA SER I 15 -15.08 -21.52 49.72
C SER I 15 -16.17 -20.68 49.06
N GLU I 16 -16.72 -19.67 49.73
CA GLU I 16 -17.66 -18.76 49.09
C GLU I 16 -16.91 -17.72 48.27
N THR I 17 -17.63 -16.74 47.74
CA THR I 17 -17.06 -15.69 46.90
C THR I 17 -17.39 -14.34 47.49
N LEU I 18 -16.35 -13.62 47.93
CA LEU I 18 -16.50 -12.24 48.35
C LEU I 18 -16.81 -11.37 47.15
N SER I 19 -17.85 -10.54 47.27
CA SER I 19 -18.32 -9.68 46.19
C SER I 19 -18.53 -8.28 46.76
N LEU I 20 -17.59 -7.39 46.46
CA LEU I 20 -17.62 -6.01 46.95
C LEU I 20 -17.79 -5.06 45.79
N SER I 21 -18.46 -3.94 46.04
CA SER I 21 -18.70 -2.94 45.02
C SER I 21 -18.41 -1.57 45.60
N CYS I 22 -17.92 -0.66 44.75
CA CYS I 22 -17.60 0.69 45.15
C CYS I 22 -18.07 1.64 44.07
N THR I 23 -18.93 2.58 44.44
CA THR I 23 -19.47 3.58 43.54
C THR I 23 -18.89 4.95 43.88
N VAL I 24 -18.49 5.68 42.85
CA VAL I 24 -17.80 6.95 42.98
C VAL I 24 -18.79 8.09 42.78
N ASP I 25 -18.87 8.99 43.75
CA ASP I 25 -19.69 10.18 43.66
C ASP I 25 -18.77 11.39 43.74
N GLY I 26 -18.61 12.08 42.62
CA GLY I 26 -17.74 13.25 42.65
C GLY I 26 -16.61 13.12 41.64
N GLU I 27 -16.48 14.15 40.81
CA GLU I 27 -15.42 14.28 39.82
C GLU I 27 -15.41 13.12 38.81
N SER I 28 -14.42 13.09 37.92
CA SER I 28 -14.49 12.19 36.78
C SER I 28 -14.13 10.75 37.15
N PHE I 29 -14.61 9.82 36.33
CA PHE I 29 -14.29 8.41 36.46
C PHE I 29 -13.07 8.01 35.65
N ASN I 30 -12.83 8.64 34.51
CA ASN I 30 -11.68 8.32 33.68
C ASN I 30 -10.42 8.96 34.26
N GLY I 31 -9.28 8.48 33.80
CA GLY I 31 -8.01 9.02 34.23
C GLY I 31 -7.57 8.61 35.62
N PHE I 32 -8.27 7.68 36.25
CA PHE I 32 -7.93 7.20 37.57
C PHE I 32 -7.81 5.68 37.53
N PHE I 33 -7.08 5.13 38.48
CA PHE I 33 -6.99 3.69 38.67
C PHE I 33 -7.80 3.39 39.94
N TRP I 34 -8.98 2.84 39.76
CA TRP I 34 -9.83 2.47 40.89
C TRP I 34 -9.27 1.18 41.47
N THR I 35 -8.94 1.23 42.76
CA THR I 35 -8.03 0.28 43.38
C THR I 35 -8.71 -0.40 44.56
N TRP I 36 -8.40 -1.68 44.73
CA TRP I 36 -8.82 -2.45 45.89
C TRP I 36 -7.57 -2.79 46.68
N ILE I 37 -7.62 -2.50 47.99
CA ILE I 37 -6.56 -2.76 48.96
C ILE I 37 -7.19 -3.49 50.13
N ARG I 38 -6.38 -4.27 50.86
CA ARG I 38 -6.89 -4.92 52.07
C ARG I 38 -5.80 -4.95 53.14
N GLN I 39 -6.24 -4.94 54.39
CA GLN I 39 -5.38 -5.10 55.56
C GLN I 39 -5.86 -6.27 56.41
N PRO I 40 -5.15 -7.38 56.46
CA PRO I 40 -5.48 -8.45 57.41
C PRO I 40 -5.16 -8.01 58.84
N PRO I 41 -5.83 -8.58 59.84
CA PRO I 41 -5.53 -8.21 61.23
C PRO I 41 -4.08 -8.51 61.58
N GLY I 42 -3.44 -7.57 62.27
CA GLY I 42 -2.04 -7.70 62.60
C GLY I 42 -1.14 -7.80 61.40
N LYS I 43 -1.39 -7.00 60.37
CA LYS I 43 -0.66 -7.08 59.12
C LYS I 43 -0.72 -5.72 58.43
N GLY I 44 0.20 -5.50 57.50
CA GLY I 44 0.27 -4.25 56.78
C GLY I 44 -0.68 -4.21 55.60
N LEU I 45 -0.62 -3.10 54.87
CA LEU I 45 -1.46 -2.92 53.70
C LEU I 45 -1.04 -3.87 52.58
N GLU I 46 -2.04 -4.37 51.85
CA GLU I 46 -1.83 -5.28 50.73
C GLU I 46 -2.64 -4.79 49.54
N TRP I 47 -1.96 -4.57 48.42
CA TRP I 47 -2.62 -4.14 47.20
C TRP I 47 -3.32 -5.34 46.57
N ILE I 48 -4.64 -5.25 46.42
CA ILE I 48 -5.37 -6.30 45.72
C ILE I 48 -5.28 -6.11 44.22
N GLY I 49 -5.62 -4.93 43.74
CA GLY I 49 -5.53 -4.69 42.31
C GLY I 49 -6.11 -3.35 41.93
N GLU I 50 -6.20 -3.13 40.62
CA GLU I 50 -6.72 -1.86 40.13
C GLU I 50 -7.27 -2.03 38.71
N ILE I 51 -8.14 -1.11 38.33
CA ILE I 51 -8.78 -1.12 37.01
C ILE I 51 -9.04 0.32 36.60
N ASN I 52 -9.04 0.56 35.29
CA ASN I 52 -9.41 1.89 34.79
C ASN I 52 -10.68 1.77 33.95
N HIS I 53 -11.10 2.92 33.41
CA HIS I 53 -12.38 2.99 32.70
C HIS I 53 -12.38 2.20 31.38
N LEU I 54 -11.22 1.76 30.92
CA LEU I 54 -11.15 0.92 29.73
C LEU I 54 -11.20 -0.57 30.06
N ALA I 55 -11.36 -0.91 31.34
CA ALA I 55 -11.40 -2.28 31.86
C ALA I 55 -10.03 -2.95 31.84
N SER I 56 -8.97 -2.21 31.58
CA SER I 56 -7.62 -2.74 31.80
C SER I 56 -7.39 -2.91 33.30
N THR I 57 -6.75 -4.02 33.66
CA THR I 57 -6.62 -4.39 35.06
C THR I 57 -5.18 -4.73 35.42
N GLY I 58 -4.89 -4.61 36.71
CA GLY I 58 -3.67 -5.13 37.28
C GLY I 58 -3.99 -5.84 38.58
N TYR I 59 -3.39 -7.00 38.81
CA TYR I 59 -3.70 -7.82 39.98
C TYR I 59 -2.41 -8.15 40.74
N ASN I 60 -2.58 -8.37 42.03
CA ASN I 60 -1.48 -8.92 42.83
C ASN I 60 -1.15 -10.32 42.33
N PRO I 61 0.11 -10.63 42.04
CA PRO I 61 0.44 -11.96 41.50
C PRO I 61 0.07 -13.11 42.41
N SER I 62 0.07 -12.89 43.72
CA SER I 62 -0.28 -13.97 44.65
C SER I 62 -1.77 -14.29 44.64
N LEU I 63 -2.59 -13.47 43.99
CA LEU I 63 -4.03 -13.71 43.92
C LEU I 63 -4.59 -13.71 42.51
N LYS I 64 -3.75 -13.55 41.48
CA LYS I 64 -4.23 -13.29 40.12
C LYS I 64 -5.26 -14.32 39.68
N SER I 65 -4.96 -15.61 39.87
CA SER I 65 -5.85 -16.66 39.41
C SER I 65 -7.20 -16.60 40.10
N ARG I 66 -7.25 -16.08 41.32
CA ARG I 66 -8.43 -16.17 42.16
C ARG I 66 -9.21 -14.85 42.28
N VAL I 67 -8.68 -13.75 41.76
CA VAL I 67 -9.25 -12.42 41.92
C VAL I 67 -9.74 -11.90 40.58
N THR I 68 -10.90 -11.23 40.60
CA THR I 68 -11.42 -10.55 39.41
C THR I 68 -11.93 -9.15 39.78
N ILE I 69 -11.59 -8.16 38.96
CA ILE I 69 -12.07 -6.79 39.16
C ILE I 69 -12.75 -6.33 37.87
N SER I 70 -13.91 -5.68 38.02
CA SER I 70 -14.71 -5.22 36.89
C SER I 70 -15.15 -3.79 37.08
N VAL I 71 -15.59 -3.15 35.99
CA VAL I 71 -16.11 -1.79 36.03
C VAL I 71 -17.44 -1.69 35.28
N ASP I 72 -18.20 -0.66 35.62
CA ASP I 72 -19.38 -0.23 34.87
C ASP I 72 -19.36 1.29 34.86
N THR I 73 -18.99 1.88 33.72
CA THR I 73 -18.86 3.31 33.59
C THR I 73 -20.21 4.02 33.45
N SER I 74 -21.30 3.27 33.27
CA SER I 74 -22.62 3.89 33.22
C SER I 74 -22.97 4.56 34.55
N LYS I 75 -22.71 3.87 35.66
CA LYS I 75 -22.98 4.40 36.99
C LYS I 75 -21.70 4.61 37.79
N ASN I 76 -20.55 4.67 37.12
CA ASN I 76 -19.26 4.93 37.74
C ASN I 76 -19.02 4.02 38.94
N GLN I 77 -18.99 2.71 38.67
CA GLN I 77 -18.82 1.74 39.75
C GLN I 77 -17.76 0.74 39.35
N PHE I 78 -17.13 0.13 40.36
CA PHE I 78 -16.18 -0.95 40.12
C PHE I 78 -16.29 -1.97 41.24
N SER I 79 -16.05 -3.23 40.89
CA SER I 79 -16.37 -4.35 41.75
C SER I 79 -15.20 -5.31 41.84
N LEU I 80 -15.11 -5.97 43.00
CA LEU I 80 -14.08 -6.94 43.31
C LEU I 80 -14.73 -8.26 43.70
N LYS I 81 -14.30 -9.35 43.07
CA LYS I 81 -14.73 -10.69 43.44
C LYS I 81 -13.52 -11.56 43.76
N LEU I 82 -13.53 -12.15 44.95
CA LEU I 82 -12.54 -13.13 45.37
C LEU I 82 -13.24 -14.46 45.59
N THR I 83 -12.84 -15.48 44.84
CA THR I 83 -13.54 -16.76 44.86
C THR I 83 -12.83 -17.76 45.76
N SER I 84 -13.61 -18.65 46.38
CA SER I 84 -13.07 -19.71 47.25
C SER I 84 -12.25 -19.11 48.39
N VAL I 85 -12.89 -18.22 49.15
CA VAL I 85 -12.20 -17.51 50.22
C VAL I 85 -11.85 -18.48 51.35
N THR I 86 -10.64 -18.35 51.86
CA THR I 86 -10.16 -19.12 53.02
C THR I 86 -9.82 -18.15 54.14
N ALA I 87 -9.33 -18.72 55.25
CA ALA I 87 -9.08 -17.93 56.46
C ALA I 87 -8.09 -16.79 56.23
N ALA I 88 -7.24 -16.90 55.21
CA ALA I 88 -6.28 -15.84 54.92
C ALA I 88 -6.92 -14.59 54.33
N ASP I 89 -8.21 -14.64 54.00
CA ASP I 89 -8.91 -13.51 53.39
C ASP I 89 -9.70 -12.68 54.38
N THR I 90 -9.59 -12.96 55.68
CA THR I 90 -10.19 -12.09 56.68
C THR I 90 -9.38 -10.81 56.77
N ALA I 91 -10.02 -9.67 56.50
CA ALA I 91 -9.31 -8.40 56.41
C ALA I 91 -10.32 -7.27 56.29
N VAL I 92 -9.81 -6.05 56.45
CA VAL I 92 -10.57 -4.85 56.10
C VAL I 92 -10.25 -4.51 54.66
N TYR I 93 -11.28 -4.29 53.86
CA TYR I 93 -11.14 -4.07 52.42
C TYR I 93 -11.53 -2.63 52.09
N TYR I 94 -10.65 -1.95 51.35
CA TYR I 94 -10.81 -0.56 50.99
C TYR I 94 -10.86 -0.43 49.47
N CYS I 95 -11.76 0.40 48.98
CA CYS I 95 -11.67 0.91 47.63
C CYS I 95 -11.06 2.31 47.68
N ALA I 96 -10.28 2.63 46.67
CA ALA I 96 -9.54 3.90 46.66
C ALA I 96 -9.37 4.38 45.24
N ARG I 97 -9.17 5.68 45.11
CA ARG I 97 -8.89 6.30 43.83
C ARG I 97 -7.39 6.54 43.72
N GLY I 98 -6.77 5.98 42.69
CA GLY I 98 -5.36 6.15 42.44
C GLY I 98 -5.17 7.07 41.26
N TYR I 99 -4.13 7.90 41.32
CA TYR I 99 -3.75 8.75 40.22
C TYR I 99 -2.27 8.55 39.94
N SER I 100 -1.93 8.27 38.70
CA SER I 100 -0.56 8.05 38.28
C SER I 100 -0.16 9.17 37.33
N TYR I 101 0.95 9.83 37.63
CA TYR I 101 1.49 10.88 36.80
C TYR I 101 2.77 10.35 36.16
N GLY I 102 2.74 10.18 34.84
CA GLY I 102 3.90 9.69 34.12
C GLY I 102 4.32 10.61 32.99
N PHE I 103 3.92 11.88 33.08
CA PHE I 103 4.18 12.84 32.01
C PHE I 103 5.51 13.56 32.17
N ALA I 104 6.11 13.55 33.36
CA ALA I 104 7.41 14.19 33.56
C ALA I 104 8.06 13.59 34.80
N TRP I 105 9.39 13.61 34.81
CA TRP I 105 10.12 13.12 35.97
C TRP I 105 10.19 14.20 37.05
N PRO I 106 10.02 13.82 38.33
CA PRO I 106 9.75 12.46 38.83
C PRO I 106 8.30 12.03 38.66
N ASN I 107 8.07 10.83 38.15
CA ASN I 107 6.73 10.28 38.15
C ASN I 107 6.26 10.02 39.57
N TYR I 108 4.96 9.98 39.76
CA TYR I 108 4.41 9.75 41.08
C TYR I 108 3.06 9.06 40.95
N HIS I 109 2.63 8.44 42.05
CA HIS I 109 1.33 7.81 42.13
C HIS I 109 0.85 7.88 43.57
N TYR I 110 -0.46 8.04 43.73
CA TYR I 110 -1.01 8.10 45.07
C TYR I 110 -2.46 7.60 45.07
N LEU I 111 -2.93 7.24 46.24
CA LEU I 111 -4.32 6.93 46.50
C LEU I 111 -4.82 8.05 47.42
N ASP I 112 -5.56 9.00 46.86
CA ASP I 112 -5.91 10.20 47.61
C ASP I 112 -7.29 10.16 48.23
N VAL I 113 -8.25 9.46 47.63
CA VAL I 113 -9.60 9.36 48.17
C VAL I 113 -9.87 7.89 48.47
N TRP I 114 -10.17 7.60 49.75
CA TRP I 114 -10.41 6.25 50.22
C TRP I 114 -11.85 6.11 50.69
N GLY I 115 -12.41 4.92 50.47
CA GLY I 115 -13.67 4.57 51.09
C GLY I 115 -13.50 4.22 52.55
N LYS I 116 -14.63 4.07 53.24
CA LYS I 116 -14.59 3.81 54.68
C LYS I 116 -13.95 2.45 54.96
N GLY I 117 -14.29 1.44 54.19
CA GLY I 117 -13.75 0.12 54.43
C GLY I 117 -14.82 -0.86 54.92
N THR I 118 -14.65 -2.13 54.56
CA THR I 118 -15.59 -3.18 54.92
C THR I 118 -14.82 -4.32 55.56
N THR I 119 -15.20 -4.70 56.78
CA THR I 119 -14.61 -5.86 57.44
C THR I 119 -15.17 -7.14 56.83
N VAL I 120 -14.28 -8.06 56.48
CA VAL I 120 -14.66 -9.34 55.89
C VAL I 120 -14.02 -10.43 56.73
N THR I 121 -14.86 -11.29 57.31
CA THR I 121 -14.40 -12.42 58.10
C THR I 121 -14.98 -13.71 57.53
N VAL I 122 -14.15 -14.74 57.48
CA VAL I 122 -14.56 -16.07 57.02
C VAL I 122 -14.34 -17.05 58.16
N SER I 123 -15.37 -17.86 58.43
CA SER I 123 -15.31 -18.82 59.53
C SER I 123 -16.34 -19.90 59.27
N SER I 124 -16.23 -20.99 60.02
CA SER I 124 -17.18 -22.09 59.92
C SER I 124 -18.44 -21.86 60.74
N ALA I 125 -18.44 -20.86 61.63
CA ALA I 125 -19.60 -20.57 62.47
C ALA I 125 -20.57 -19.64 61.77
N GLN J 1 41.93 -30.81 1.48
CA GLN J 1 41.61 -32.14 1.98
C GLN J 1 40.22 -32.16 2.61
N VAL J 2 39.32 -32.97 2.07
CA VAL J 2 37.96 -33.10 2.55
C VAL J 2 37.74 -34.55 2.98
N GLN J 3 37.20 -34.73 4.18
CA GLN J 3 36.94 -36.07 4.71
C GLN J 3 35.49 -36.17 5.16
N LEU J 4 34.87 -37.31 4.86
CA LEU J 4 33.53 -37.63 5.34
C LEU J 4 33.63 -38.85 6.25
N GLN J 5 33.47 -38.64 7.56
CA GLN J 5 33.56 -39.72 8.53
C GLN J 5 32.17 -40.27 8.81
N GLU J 6 32.00 -41.57 8.58
CA GLU J 6 30.70 -42.23 8.74
C GLU J 6 30.66 -43.00 10.06
N SER J 7 29.48 -43.06 10.65
CA SER J 7 29.27 -43.82 11.88
C SER J 7 27.83 -44.31 11.92
N GLY J 8 27.62 -45.38 12.68
CA GLY J 8 26.30 -45.98 12.82
C GLY J 8 26.39 -47.50 12.80
N ALA J 9 25.49 -48.13 13.55
CA ALA J 9 25.49 -49.59 13.63
C ALA J 9 25.06 -50.20 12.31
N GLY J 10 25.73 -51.28 11.93
CA GLY J 10 25.42 -51.95 10.68
C GLY J 10 24.70 -53.27 10.88
N LEU J 11 24.62 -53.73 12.13
CA LEU J 11 23.94 -54.98 12.46
C LEU J 11 22.54 -54.67 12.94
N LEU J 12 21.54 -55.12 12.19
CA LEU J 12 20.15 -54.78 12.47
C LEU J 12 19.28 -56.02 12.34
N LYS J 13 18.14 -55.97 13.03
CA LYS J 13 17.06 -56.94 12.95
C LYS J 13 15.86 -56.33 12.23
N PRO J 14 15.04 -57.15 11.57
CA PRO J 14 13.89 -56.59 10.84
C PRO J 14 12.96 -55.81 11.75
N SER J 15 12.36 -54.76 11.18
CA SER J 15 11.46 -53.79 11.79
C SER J 15 12.21 -52.76 12.63
N GLU J 16 13.53 -52.85 12.74
CA GLU J 16 14.31 -51.84 13.46
C GLU J 16 14.48 -50.61 12.58
N THR J 17 15.27 -49.64 13.05
CA THR J 17 15.55 -48.41 12.33
C THR J 17 17.04 -48.25 12.16
N LEU J 18 17.47 -48.02 10.92
CA LEU J 18 18.86 -47.74 10.62
C LEU J 18 19.16 -46.27 10.88
N SER J 19 20.24 -46.02 11.60
CA SER J 19 20.63 -44.66 11.97
C SER J 19 22.10 -44.49 11.65
N LEU J 20 22.39 -43.74 10.59
CA LEU J 20 23.75 -43.44 10.17
C LEU J 20 23.99 -41.94 10.24
N SER J 21 25.24 -41.57 10.52
CA SER J 21 25.64 -40.18 10.57
C SER J 21 26.93 -39.99 9.80
N CYS J 22 27.08 -38.81 9.19
CA CYS J 22 28.27 -38.48 8.43
C CYS J 22 28.71 -37.08 8.83
N THR J 23 29.97 -36.96 9.25
CA THR J 23 30.55 -35.71 9.69
C THR J 23 31.56 -35.23 8.66
N VAL J 24 31.47 -33.95 8.29
CA VAL J 24 32.32 -33.38 7.25
C VAL J 24 33.47 -32.63 7.92
N ASP J 25 34.69 -32.96 7.52
CA ASP J 25 35.89 -32.28 7.99
C ASP J 25 36.60 -31.71 6.77
N GLY J 26 36.53 -30.39 6.61
CA GLY J 26 37.18 -29.78 5.45
C GLY J 26 36.19 -28.98 4.62
N GLU J 27 36.57 -27.72 4.37
CA GLU J 27 35.81 -26.79 3.55
C GLU J 27 34.40 -26.53 4.09
N SER J 28 33.64 -25.68 3.41
CA SER J 28 32.39 -25.22 3.98
C SER J 28 31.30 -26.28 3.88
N PHE J 29 30.28 -26.08 4.71
CA PHE J 29 29.10 -26.94 4.73
C PHE J 29 28.00 -26.42 3.80
N ASN J 30 27.95 -25.12 3.58
CA ASN J 30 26.93 -24.56 2.71
C ASN J 30 27.29 -24.79 1.24
N GLY J 31 26.30 -24.66 0.37
CA GLY J 31 26.52 -24.81 -1.05
C GLY J 31 26.62 -26.23 -1.57
N PHE J 32 26.46 -27.23 -0.72
CA PHE J 32 26.54 -28.62 -1.15
C PHE J 32 25.26 -29.35 -0.79
N PHE J 33 25.01 -30.44 -1.50
CA PHE J 33 23.92 -31.36 -1.18
C PHE J 33 24.57 -32.59 -0.56
N TRP J 34 24.45 -32.71 0.76
CA TRP J 34 24.97 -33.86 1.46
C TRP J 34 24.03 -35.03 1.22
N THR J 35 24.57 -36.11 0.68
CA THR J 35 23.79 -37.11 -0.03
C THR J 35 24.04 -38.48 0.59
N TRP J 36 22.98 -39.29 0.64
CA TRP J 36 23.05 -40.67 1.03
C TRP J 36 22.73 -41.54 -0.18
N ILE J 37 23.61 -42.51 -0.45
CA ILE J 37 23.49 -43.46 -1.55
C ILE J 37 23.68 -44.85 -0.94
N ARG J 38 23.12 -45.87 -1.61
CA ARG J 38 23.35 -47.23 -1.16
C ARG J 38 23.50 -48.15 -2.37
N GLN J 39 24.26 -49.22 -2.17
CA GLN J 39 24.45 -50.28 -3.16
C GLN J 39 24.07 -51.61 -2.53
N PRO J 40 22.98 -52.23 -2.95
CA PRO J 40 22.67 -53.58 -2.48
C PRO J 40 23.60 -54.60 -3.13
N PRO J 41 23.82 -55.75 -2.50
CA PRO J 41 24.67 -56.77 -3.11
C PRO J 41 24.10 -57.22 -4.44
N GLY J 42 24.99 -57.37 -5.42
CA GLY J 42 24.56 -57.72 -6.78
C GLY J 42 23.63 -56.71 -7.39
N LYS J 43 23.89 -55.42 -7.16
CA LYS J 43 22.99 -54.36 -7.61
C LYS J 43 23.83 -53.10 -7.82
N GLY J 44 23.26 -52.16 -8.57
CA GLY J 44 23.92 -50.91 -8.87
C GLY J 44 23.68 -49.87 -7.79
N LEU J 45 24.17 -48.66 -8.06
CA LEU J 45 24.00 -47.56 -7.12
C LEU J 45 22.55 -47.10 -7.07
N GLU J 46 22.08 -46.77 -5.87
CA GLU J 46 20.72 -46.30 -5.65
C GLU J 46 20.79 -45.04 -4.79
N TRP J 47 20.21 -43.96 -5.28
CA TRP J 47 20.20 -42.69 -4.56
C TRP J 47 19.17 -42.76 -3.45
N ILE J 48 19.61 -42.58 -2.21
CA ILE J 48 18.68 -42.52 -1.09
C ILE J 48 18.08 -41.12 -0.98
N GLY J 49 18.92 -40.11 -0.89
CA GLY J 49 18.40 -38.76 -0.76
C GLY J 49 19.50 -37.75 -0.53
N GLU J 50 19.10 -36.51 -0.30
CA GLU J 50 20.07 -35.44 -0.08
C GLU J 50 19.44 -34.31 0.72
N ILE J 51 20.30 -33.51 1.35
CA ILE J 51 19.87 -32.39 2.18
C ILE J 51 20.92 -31.30 2.09
N ASN J 52 20.49 -30.05 2.21
CA ASN J 52 21.42 -28.93 2.28
C ASN J 52 21.35 -28.28 3.66
N HIS J 53 22.10 -27.19 3.81
CA HIS J 53 22.22 -26.52 5.10
C HIS J 53 20.95 -25.80 5.53
N LEU J 54 19.95 -25.67 4.65
CA LEU J 54 18.66 -25.10 5.02
C LEU J 54 17.66 -26.15 5.46
N ALA J 55 18.08 -27.41 5.55
CA ALA J 55 17.24 -28.56 5.88
C ALA J 55 16.25 -28.90 4.78
N SER J 56 16.39 -28.31 3.61
CA SER J 56 15.63 -28.76 2.45
C SER J 56 16.14 -30.13 2.02
N THR J 57 15.22 -31.02 1.68
CA THR J 57 15.55 -32.42 1.42
C THR J 57 14.96 -32.89 0.10
N GLY J 58 15.60 -33.90 -0.45
CA GLY J 58 15.02 -34.67 -1.54
C GLY J 58 15.19 -36.14 -1.26
N TYR J 59 14.14 -36.92 -1.54
CA TYR J 59 14.11 -38.34 -1.23
C TYR J 59 13.78 -39.15 -2.47
N ASN J 60 14.28 -40.38 -2.50
CA ASN J 60 13.84 -41.35 -3.48
C ASN J 60 12.37 -41.67 -3.25
N PRO J 61 11.52 -41.57 -4.27
CA PRO J 61 10.08 -41.82 -4.03
C PRO J 61 9.77 -43.22 -3.54
N SER J 62 10.54 -44.23 -3.92
CA SER J 62 10.29 -45.59 -3.48
C SER J 62 10.59 -45.81 -2.00
N LEU J 63 11.27 -44.87 -1.34
CA LEU J 63 11.56 -44.97 0.09
C LEU J 63 11.04 -43.77 0.87
N LYS J 64 10.42 -42.79 0.20
CA LYS J 64 10.09 -41.50 0.80
C LYS J 64 9.34 -41.64 2.13
N SER J 65 8.34 -42.52 2.17
CA SER J 65 7.50 -42.61 3.36
C SER J 65 8.28 -43.04 4.61
N ARG J 66 9.28 -43.90 4.44
CA ARG J 66 9.99 -44.48 5.56
C ARG J 66 11.35 -43.85 5.85
N VAL J 67 11.85 -42.98 4.98
CA VAL J 67 13.21 -42.44 5.07
C VAL J 67 13.16 -41.00 5.58
N THR J 68 14.09 -40.65 6.46
CA THR J 68 14.26 -39.29 6.94
C THR J 68 15.73 -38.90 6.95
N ILE J 69 16.04 -37.70 6.47
CA ILE J 69 17.39 -37.17 6.49
C ILE J 69 17.38 -35.85 7.22
N SER J 70 18.37 -35.64 8.09
CA SER J 70 18.46 -34.46 8.93
C SER J 70 19.86 -33.87 8.85
N VAL J 71 19.99 -32.63 9.32
CA VAL J 71 21.27 -31.91 9.26
C VAL J 71 21.51 -31.23 10.60
N ASP J 72 22.80 -31.01 10.91
CA ASP J 72 23.21 -30.19 12.06
C ASP J 72 24.40 -29.36 11.59
N THR J 73 24.15 -28.08 11.29
CA THR J 73 25.18 -27.18 10.79
C THR J 73 26.15 -26.74 11.89
N SER J 74 25.77 -26.92 13.16
CA SER J 74 26.66 -26.52 14.25
C SER J 74 27.95 -27.34 14.24
N LYS J 75 27.85 -28.64 13.98
CA LYS J 75 29.02 -29.50 13.88
C LYS J 75 29.19 -30.12 12.49
N ASN J 76 28.51 -29.57 11.49
CA ASN J 76 28.64 -29.98 10.09
C ASN J 76 28.44 -31.49 9.93
N GLN J 77 27.28 -31.97 10.35
CA GLN J 77 26.97 -33.38 10.20
C GLN J 77 25.60 -33.52 9.55
N PHE J 78 25.35 -34.71 8.99
CA PHE J 78 24.03 -35.01 8.46
C PHE J 78 23.76 -36.49 8.69
N SER J 79 22.49 -36.81 8.90
CA SER J 79 22.09 -38.12 9.39
C SER J 79 20.97 -38.70 8.55
N LEU J 80 20.98 -40.02 8.45
CA LEU J 80 19.99 -40.80 7.74
C LEU J 80 19.34 -41.79 8.70
N LYS J 81 18.01 -41.77 8.76
CA LYS J 81 17.24 -42.76 9.49
C LYS J 81 16.28 -43.44 8.54
N LEU J 82 16.33 -44.76 8.51
CA LEU J 82 15.45 -45.58 7.68
C LEU J 82 14.68 -46.53 8.60
N THR J 83 13.39 -46.31 8.72
CA THR J 83 12.58 -47.01 9.71
C THR J 83 11.95 -48.28 9.13
N SER J 84 11.79 -49.29 9.99
CA SER J 84 11.16 -50.56 9.65
C SER J 84 11.91 -51.27 8.53
N VAL J 85 13.17 -51.58 8.81
CA VAL J 85 14.04 -52.19 7.81
C VAL J 85 13.65 -53.64 7.57
N THR J 86 13.67 -54.05 6.31
CA THR J 86 13.47 -55.43 5.90
C THR J 86 14.70 -55.89 5.12
N ALA J 87 14.66 -57.15 4.66
CA ALA J 87 15.82 -57.73 3.99
C ALA J 87 16.24 -56.96 2.75
N ALA J 88 15.35 -56.18 2.16
CA ALA J 88 15.68 -55.38 0.99
C ALA J 88 16.60 -54.20 1.31
N ASP J 89 16.84 -53.91 2.59
CA ASP J 89 17.68 -52.79 2.99
C ASP J 89 19.11 -53.20 3.34
N THR J 90 19.49 -54.46 3.09
CA THR J 90 20.88 -54.86 3.26
C THR J 90 21.69 -54.29 2.10
N ALA J 91 22.69 -53.47 2.41
CA ALA J 91 23.45 -52.78 1.38
C ALA J 91 24.66 -52.10 2.01
N VAL J 92 25.56 -51.63 1.16
CA VAL J 92 26.61 -50.71 1.57
C VAL J 92 26.08 -49.29 1.43
N TYR J 93 26.22 -48.49 2.48
CA TYR J 93 25.66 -47.15 2.53
C TYR J 93 26.79 -46.13 2.54
N TYR J 94 26.70 -45.15 1.64
CA TYR J 94 27.71 -44.12 1.46
C TYR J 94 27.10 -42.76 1.74
N CYS J 95 27.84 -41.91 2.43
CA CYS J 95 27.57 -40.49 2.42
C CYS J 95 28.52 -39.82 1.44
N ALA J 96 28.02 -38.78 0.79
CA ALA J 96 28.80 -38.13 -0.25
C ALA J 96 28.46 -36.65 -0.29
N ARG J 97 29.40 -35.88 -0.82
CA ARG J 97 29.20 -34.46 -1.05
C ARG J 97 28.80 -34.26 -2.51
N GLY J 98 27.65 -33.66 -2.74
CA GLY J 98 27.18 -33.36 -4.08
C GLY J 98 27.29 -31.87 -4.32
N TYR J 99 27.63 -31.51 -5.55
CA TYR J 99 27.69 -30.12 -5.96
C TYR J 99 26.91 -29.99 -7.25
N SER J 100 25.99 -29.03 -7.29
CA SER J 100 25.17 -28.78 -8.46
C SER J 100 25.50 -27.40 -8.99
N TYR J 101 25.71 -27.30 -10.29
CA TYR J 101 25.98 -26.04 -10.96
C TYR J 101 24.82 -25.76 -11.91
N GLY J 102 24.05 -24.73 -11.61
CA GLY J 102 22.93 -24.35 -12.45
C GLY J 102 22.98 -22.90 -12.88
N PHE J 103 24.17 -22.31 -12.87
CA PHE J 103 24.35 -20.91 -13.22
C PHE J 103 24.56 -20.68 -14.71
N ALA J 104 24.93 -21.71 -15.47
CA ALA J 104 25.13 -21.57 -16.90
C ALA J 104 25.05 -22.94 -17.55
N TRP J 105 24.62 -22.96 -18.81
CA TRP J 105 24.53 -24.21 -19.55
C TRP J 105 25.89 -24.59 -20.13
N PRO J 106 26.26 -25.88 -20.08
CA PRO J 106 25.51 -27.01 -19.52
C PRO J 106 25.57 -27.08 -18.00
N ASN J 107 24.42 -27.26 -17.36
CA ASN J 107 24.41 -27.54 -15.93
C ASN J 107 25.02 -28.90 -15.67
N TYR J 108 25.57 -29.06 -14.47
CA TYR J 108 26.19 -30.34 -14.10
C TYR J 108 26.04 -30.56 -12.61
N HIS J 109 26.16 -31.82 -12.22
CA HIS J 109 26.13 -32.21 -10.82
C HIS J 109 27.04 -33.41 -10.64
N TYR J 110 27.68 -33.48 -9.47
CA TYR J 110 28.57 -34.60 -9.21
C TYR J 110 28.65 -34.85 -7.71
N LEU J 111 29.10 -36.05 -7.37
CA LEU J 111 29.45 -36.43 -6.01
C LEU J 111 30.95 -36.66 -6.02
N ASP J 112 31.70 -35.70 -5.48
CA ASP J 112 33.16 -35.73 -5.62
C ASP J 112 33.89 -36.27 -4.39
N VAL J 113 33.33 -36.13 -3.21
CA VAL J 113 33.95 -36.63 -1.97
C VAL J 113 33.01 -37.67 -1.37
N TRP J 114 33.54 -38.87 -1.17
CA TRP J 114 32.76 -40.00 -0.66
C TRP J 114 33.34 -40.48 0.65
N GLY J 115 32.45 -40.91 1.55
CA GLY J 115 32.88 -41.59 2.75
C GLY J 115 33.31 -43.02 2.49
N LYS J 116 33.86 -43.66 3.52
CA LYS J 116 34.36 -45.02 3.37
C LYS J 116 33.22 -45.99 3.03
N GLY J 117 32.07 -45.84 3.67
CA GLY J 117 30.96 -46.73 3.46
C GLY J 117 30.75 -47.66 4.63
N THR J 118 29.48 -47.97 4.91
CA THR J 118 29.11 -48.84 6.02
C THR J 118 28.25 -49.98 5.50
N THR J 119 28.66 -51.21 5.79
CA THR J 119 27.86 -52.37 5.44
C THR J 119 26.71 -52.50 6.44
N VAL J 120 25.49 -52.66 5.93
CA VAL J 120 24.30 -52.80 6.76
C VAL J 120 23.61 -54.09 6.35
N THR J 121 23.56 -55.04 7.27
CA THR J 121 22.90 -56.33 7.06
C THR J 121 21.78 -56.47 8.06
N VAL J 122 20.62 -56.92 7.59
CA VAL J 122 19.45 -57.13 8.44
C VAL J 122 19.03 -58.59 8.31
N SER J 123 18.82 -59.24 9.47
CA SER J 123 18.44 -60.64 9.49
C SER J 123 17.91 -60.96 10.89
N SER J 124 17.41 -62.19 11.04
CA SER J 124 16.87 -62.65 12.31
C SER J 124 17.91 -63.32 13.20
N ALA J 125 19.12 -63.51 12.72
CA ALA J 125 20.17 -64.16 13.50
C ALA J 125 21.09 -63.14 14.14
N GLY K 1 3.48 13.68 -9.13
CA GLY K 1 3.31 14.79 -10.04
C GLY K 1 3.66 16.13 -9.44
N THR K 2 3.09 17.19 -9.99
CA THR K 2 3.39 18.55 -9.57
C THR K 2 2.08 19.24 -9.20
N PHE K 3 2.17 20.22 -8.31
CA PHE K 3 0.98 20.99 -7.94
C PHE K 3 0.37 21.66 -9.16
N THR K 4 -0.94 21.89 -9.11
CA THR K 4 -1.69 22.45 -10.23
C THR K 4 -2.72 23.50 -9.86
N TRP K 5 -3.08 23.66 -8.58
CA TRP K 5 -4.13 24.58 -8.16
C TRP K 5 -3.84 26.01 -8.59
N THR K 6 -4.74 26.57 -9.40
CA THR K 6 -4.69 27.99 -9.74
C THR K 6 -5.24 28.85 -8.61
N LEU K 7 -4.50 29.89 -8.24
CA LEU K 7 -4.98 30.86 -7.26
C LEU K 7 -6.20 31.59 -7.80
N SER K 8 -7.21 31.77 -6.94
CA SER K 8 -8.38 32.56 -7.31
C SER K 8 -8.02 34.04 -7.43
N ASP K 9 -8.83 34.77 -8.19
CA ASP K 9 -8.56 36.18 -8.44
C ASP K 9 -8.55 36.98 -7.13
N SER K 10 -7.58 37.87 -7.01
CA SER K 10 -7.46 38.70 -5.82
C SER K 10 -8.66 39.64 -5.68
N GLU K 11 -9.18 39.73 -4.45
CA GLU K 11 -10.29 40.63 -4.18
C GLU K 11 -9.87 42.09 -4.37
N GLY K 12 -8.68 42.45 -3.88
CA GLY K 12 -8.22 43.82 -3.98
C GLY K 12 -7.85 44.18 -5.41
N LYS K 13 -8.37 45.30 -5.90
CA LYS K 13 -8.02 45.79 -7.23
C LYS K 13 -6.64 46.42 -7.27
N ASP K 14 -6.07 46.76 -6.12
CA ASP K 14 -4.72 47.33 -6.09
C ASP K 14 -3.70 46.40 -6.73
N THR K 15 -3.85 45.09 -6.51
CA THR K 15 -3.01 44.07 -7.12
C THR K 15 -3.85 43.31 -8.15
N PRO K 16 -3.89 43.77 -9.40
CA PRO K 16 -4.78 43.14 -10.39
C PRO K 16 -4.63 41.63 -10.53
N GLY K 17 -3.40 41.13 -10.66
CA GLY K 17 -3.21 39.70 -10.83
C GLY K 17 -2.49 39.03 -9.67
N GLY K 18 -2.51 39.65 -8.50
CA GLY K 18 -1.85 39.13 -7.32
C GLY K 18 -2.77 38.32 -6.43
N TYR K 19 -2.48 38.36 -5.13
CA TYR K 19 -3.29 37.62 -4.17
C TYR K 19 -3.32 38.40 -2.85
N CYS K 20 -4.44 38.33 -2.15
CA CYS K 20 -4.62 39.07 -0.91
C CYS K 20 -4.90 38.10 0.22
N LEU K 21 -4.21 38.30 1.35
CA LEU K 21 -4.47 37.57 2.59
C LEU K 21 -5.31 38.48 3.49
N THR K 22 -6.53 38.03 3.78
CA THR K 22 -7.48 38.80 4.57
C THR K 22 -7.10 38.79 6.05
N ARG K 23 -7.87 39.53 6.84
CA ARG K 23 -7.58 39.67 8.27
C ARG K 23 -7.62 38.32 9.00
N TRP K 24 -8.43 37.39 8.51
CA TRP K 24 -8.53 36.10 9.17
C TRP K 24 -7.30 35.23 8.94
N MET K 25 -6.66 35.37 7.77
CA MET K 25 -5.53 34.51 7.44
C MET K 25 -4.24 34.93 8.12
N LEU K 26 -4.22 36.05 8.82
CA LEU K 26 -3.01 36.58 9.42
C LEU K 26 -3.19 36.76 10.91
N ILE K 27 -2.07 36.64 11.65
CA ILE K 27 -2.12 36.79 13.10
C ILE K 27 -2.36 38.24 13.48
N GLU K 28 -1.77 39.18 12.75
CA GLU K 28 -2.01 40.59 13.03
C GLU K 28 -3.38 41.06 12.59
N ALA K 29 -4.24 40.16 12.12
CA ALA K 29 -5.62 40.47 11.75
C ALA K 29 -5.71 41.71 10.87
N GLU K 30 -4.85 41.77 9.86
CA GLU K 30 -4.84 42.84 8.88
C GLU K 30 -4.86 42.25 7.47
N LEU K 31 -4.90 43.12 6.48
CA LEU K 31 -4.96 42.72 5.07
C LEU K 31 -3.59 42.94 4.43
N LYS K 32 -3.06 41.91 3.78
CA LYS K 32 -1.79 42.02 3.07
C LYS K 32 -1.98 41.56 1.65
N CYS K 33 -1.81 42.46 0.69
CA CYS K 33 -1.99 42.14 -0.73
C CYS K 33 -0.63 42.14 -1.42
N PHE K 34 -0.33 41.05 -2.13
CA PHE K 34 0.89 40.92 -2.91
C PHE K 34 0.58 41.00 -4.39
N GLY K 35 1.44 41.68 -5.13
CA GLY K 35 1.20 41.98 -6.53
C GLY K 35 1.36 40.79 -7.45
N ASN K 36 1.01 41.03 -8.71
CA ASN K 36 1.04 39.97 -9.71
C ASN K 36 2.45 39.43 -9.93
N THR K 37 3.47 40.30 -9.89
CA THR K 37 4.84 39.84 -10.14
C THR K 37 5.26 38.77 -9.13
N ALA K 38 5.05 39.04 -7.84
CA ALA K 38 5.42 38.08 -6.80
C ALA K 38 4.60 36.81 -6.91
N VAL K 39 3.31 36.94 -7.24
CA VAL K 39 2.40 35.82 -7.30
C VAL K 39 2.64 34.94 -8.53
N ALA K 40 3.19 35.51 -9.60
CA ALA K 40 3.51 34.71 -10.78
C ALA K 40 4.60 33.68 -10.51
N LYS K 41 5.53 34.01 -9.61
CA LYS K 41 6.57 33.04 -9.25
C LYS K 41 5.98 31.78 -8.62
N CYS K 42 4.84 31.90 -7.94
CA CYS K 42 4.20 30.76 -7.31
C CYS K 42 3.73 29.72 -8.33
N ASN K 43 3.57 30.10 -9.59
CA ASN K 43 3.22 29.13 -10.63
C ASN K 43 4.38 28.29 -11.12
N GLU K 44 5.63 28.74 -10.96
CA GLU K 44 6.76 28.02 -11.51
C GLU K 44 7.73 27.46 -10.48
N LYS K 45 7.80 28.02 -9.28
CA LYS K 45 8.75 27.54 -8.29
C LYS K 45 8.23 26.31 -7.57
N HIS K 46 9.15 25.45 -7.15
CA HIS K 46 8.82 24.23 -6.42
C HIS K 46 9.27 24.23 -4.97
N ASP K 47 10.07 25.20 -4.53
CA ASP K 47 10.63 25.19 -3.19
C ASP K 47 10.21 26.39 -2.35
N GLU K 48 9.12 27.06 -2.73
CA GLU K 48 8.59 28.22 -2.00
C GLU K 48 7.45 27.80 -1.07
N GLU K 49 7.77 27.63 0.22
CA GLU K 49 6.76 27.30 1.23
C GLU K 49 5.56 28.25 1.20
N PHE K 50 5.82 29.55 0.98
CA PHE K 50 4.76 30.54 0.99
C PHE K 50 3.74 30.27 -0.12
N CYS K 51 4.21 29.86 -1.30
CA CYS K 51 3.28 29.57 -2.39
C CYS K 51 2.44 28.33 -2.12
N ASP K 52 2.95 27.41 -1.30
CA ASP K 52 2.18 26.24 -0.93
C ASP K 52 1.11 26.62 0.09
N MET K 53 1.47 27.51 1.01
CA MET K 53 0.47 27.99 1.96
C MET K 53 -0.61 28.83 1.27
N LEU K 54 -0.22 29.63 0.27
CA LEU K 54 -1.21 30.35 -0.52
C LEU K 54 -2.18 29.38 -1.17
N ARG K 55 -1.66 28.30 -1.76
CA ARG K 55 -2.55 27.32 -2.38
C ARG K 55 -3.45 26.66 -1.33
N LEU K 56 -2.92 26.33 -0.15
CA LEU K 56 -3.73 25.77 0.92
C LEU K 56 -4.87 26.70 1.33
N PHE K 57 -4.55 27.96 1.61
CA PHE K 57 -5.58 28.91 2.04
C PHE K 57 -6.62 29.14 0.94
N ASP K 58 -6.17 29.24 -0.31
CA ASP K 58 -7.11 29.46 -1.41
C ASP K 58 -8.04 28.27 -1.59
N PHE K 59 -7.49 27.06 -1.55
CA PHE K 59 -8.32 25.85 -1.60
C PHE K 59 -9.33 25.86 -0.46
N ASN K 60 -8.88 26.19 0.75
CA ASN K 60 -9.78 26.26 1.90
C ASN K 60 -10.95 27.19 1.63
N LYS K 61 -10.65 28.42 1.22
CA LYS K 61 -11.70 29.41 0.97
C LYS K 61 -12.66 28.93 -0.13
N GLN K 62 -12.10 28.46 -1.26
CA GLN K 62 -12.96 28.02 -2.36
C GLN K 62 -13.83 26.84 -1.98
N ALA K 63 -13.27 25.87 -1.24
CA ALA K 63 -14.05 24.74 -0.79
C ALA K 63 -15.18 25.18 0.13
N ILE K 64 -14.90 26.13 1.04
CA ILE K 64 -15.95 26.60 1.92
C ILE K 64 -17.03 27.34 1.14
N GLN K 65 -16.68 27.98 0.05
CA GLN K 65 -17.70 28.77 -0.66
C GLN K 65 -18.51 27.94 -1.65
N ARG K 66 -17.89 26.99 -2.35
CA ARG K 66 -18.58 26.25 -3.39
C ARG K 66 -19.18 24.93 -2.91
N LEU K 67 -18.68 24.37 -1.82
CA LEU K 67 -19.25 23.16 -1.23
C LEU K 67 -20.02 23.51 0.03
N LYS K 68 -21.09 22.76 0.28
CA LYS K 68 -21.88 22.94 1.49
C LYS K 68 -21.07 22.43 2.68
N ALA K 69 -20.52 23.37 3.45
CA ALA K 69 -19.69 23.02 4.59
C ALA K 69 -20.54 22.41 5.72
N GLU K 70 -20.01 21.37 6.34
CA GLU K 70 -20.56 20.80 7.56
C GLU K 70 -19.44 20.58 8.57
N ALA K 71 -19.83 20.40 9.83
CA ALA K 71 -18.83 20.31 10.90
C ALA K 71 -18.01 19.03 10.78
N GLN K 72 -18.68 17.90 10.56
CA GLN K 72 -17.99 16.68 10.16
C GLN K 72 -17.13 16.94 8.93
N MET K 73 -15.89 16.48 8.97
CA MET K 73 -14.94 16.80 7.93
C MET K 73 -14.83 15.69 6.89
N SER K 74 -14.63 16.09 5.65
CA SER K 74 -14.36 15.17 4.55
C SER K 74 -12.84 15.02 4.40
N ILE K 75 -12.25 14.28 5.33
CA ILE K 75 -10.81 14.03 5.27
C ILE K 75 -10.40 13.58 3.88
N GLN K 76 -11.25 12.78 3.21
CA GLN K 76 -10.98 12.33 1.85
C GLN K 76 -10.67 13.49 0.92
N LEU K 77 -11.41 14.59 1.05
CA LEU K 77 -11.26 15.72 0.13
C LEU K 77 -9.84 16.30 0.17
N ILE K 78 -9.36 16.64 1.37
CA ILE K 78 -8.00 17.17 1.46
C ILE K 78 -6.99 16.08 1.12
N ASN K 79 -7.28 14.83 1.50
CA ASN K 79 -6.37 13.73 1.17
C ASN K 79 -6.16 13.63 -0.35
N LYS K 80 -7.22 13.79 -1.13
CA LYS K 80 -7.09 13.75 -2.57
C LYS K 80 -6.54 15.05 -3.17
N ALA K 81 -6.84 16.21 -2.58
CA ALA K 81 -6.36 17.49 -3.14
C ALA K 81 -4.94 17.87 -2.74
N VAL K 82 -4.37 17.23 -1.71
CA VAL K 82 -3.14 17.73 -1.08
C VAL K 82 -2.02 17.93 -2.10
N ASN K 83 -1.71 16.90 -2.88
CA ASN K 83 -0.59 16.99 -3.81
C ASN K 83 -0.89 17.94 -4.97
N ALA K 84 -2.15 18.21 -5.25
CA ALA K 84 -2.47 19.28 -6.19
C ALA K 84 -2.25 20.65 -5.56
N LEU K 85 -2.15 20.73 -4.23
CA LEU K 85 -2.00 22.02 -3.57
C LEU K 85 -0.57 22.33 -3.14
N ILE K 86 0.19 21.35 -2.65
CA ILE K 86 1.50 21.59 -2.07
C ILE K 86 2.49 20.54 -2.54
N ASN K 87 3.78 20.90 -2.47
CA ASN K 87 4.86 19.95 -2.68
C ASN K 87 5.21 19.29 -1.34
N ASP K 88 4.83 18.02 -1.18
CA ASP K 88 5.16 17.31 0.04
C ASP K 88 6.67 17.16 0.25
N GLN K 89 7.45 17.34 -0.80
CA GLN K 89 8.90 17.21 -0.70
C GLN K 89 9.52 18.43 -0.04
N LEU K 90 9.02 19.63 -0.32
CA LEU K 90 9.31 20.81 0.50
C LEU K 90 9.19 20.52 1.99
N ILE K 91 8.09 19.87 2.40
CA ILE K 91 7.94 19.44 3.79
C ILE K 91 9.05 18.49 4.18
N MET K 92 9.32 17.50 3.32
CA MET K 92 10.37 16.54 3.67
C MET K 92 11.71 17.22 3.83
N LYS K 93 12.02 18.19 2.97
CA LYS K 93 13.28 18.92 3.08
C LYS K 93 13.36 19.68 4.39
N ASN K 94 12.26 20.30 4.80
CA ASN K 94 12.28 20.99 6.10
C ASN K 94 12.46 20.00 7.25
N HIS K 95 11.88 18.81 7.13
CA HIS K 95 12.12 17.77 8.13
C HIS K 95 13.59 17.37 8.19
N LEU K 96 14.20 17.17 7.02
CA LEU K 96 15.61 16.78 6.97
C LEU K 96 16.51 17.87 7.54
N ARG K 97 16.21 19.12 7.23
CA ARG K 97 16.96 20.22 7.82
C ARG K 97 16.81 20.23 9.34
N ASP K 98 15.60 19.95 9.82
CA ASP K 98 15.38 19.89 11.27
C ASP K 98 16.22 18.80 11.91
N ILE K 99 16.17 17.58 11.38
CA ILE K 99 16.86 16.47 12.03
C ILE K 99 18.38 16.60 11.91
N MET K 100 18.89 17.36 10.95
CA MET K 100 20.32 17.57 10.81
C MET K 100 20.82 18.79 11.57
N GLY K 101 19.97 19.46 12.34
CA GLY K 101 20.39 20.63 13.07
C GLY K 101 20.55 21.88 12.23
N ILE K 102 20.03 21.87 11.01
CA ILE K 102 20.07 23.01 10.09
C ILE K 102 18.82 23.85 10.33
N PRO K 103 18.90 25.18 10.29
CA PRO K 103 17.68 25.99 10.39
C PRO K 103 16.69 25.63 9.30
N TYR K 104 15.41 25.58 9.68
CA TYR K 104 14.36 25.04 8.83
C TYR K 104 13.11 25.91 8.92
N CYS K 105 12.21 25.69 7.97
CA CYS K 105 10.95 26.41 7.90
C CYS K 105 9.85 25.62 8.60
N ASN K 106 9.18 26.26 9.57
CA ASN K 106 8.04 25.62 10.22
C ASN K 106 6.72 26.25 9.77
N TYR K 107 6.74 26.89 8.60
CA TYR K 107 5.60 27.44 7.86
C TYR K 107 4.78 28.50 8.63
N SER K 108 5.24 28.95 9.79
CA SER K 108 4.47 29.97 10.51
C SER K 108 4.76 31.39 10.01
N LYS K 109 6.02 31.74 9.87
CA LYS K 109 6.42 33.13 9.72
C LYS K 109 7.16 33.34 8.41
N TYR K 110 6.94 34.50 7.78
CA TYR K 110 7.55 34.80 6.49
C TYR K 110 8.00 36.25 6.48
N TRP K 111 9.11 36.50 5.79
CA TRP K 111 9.62 37.85 5.60
C TRP K 111 9.65 38.19 4.13
N TYR K 112 9.53 39.49 3.84
CA TYR K 112 9.60 40.00 2.49
C TYR K 112 10.05 41.45 2.56
N LEU K 113 10.53 41.95 1.44
CA LEU K 113 10.90 43.35 1.36
C LEU K 113 9.75 44.15 0.78
N ASN K 114 9.66 45.40 1.22
CA ASN K 114 8.63 46.33 0.75
C ASN K 114 9.32 47.60 0.29
N HIS K 115 9.14 47.95 -0.97
CA HIS K 115 9.62 49.22 -1.49
C HIS K 115 8.58 50.28 -1.14
N THR K 116 8.79 50.89 0.04
CA THR K 116 7.83 51.81 0.65
C THR K 116 7.13 52.72 -0.36
N THR K 117 7.91 53.48 -1.13
CA THR K 117 7.36 54.47 -2.05
C THR K 117 6.29 53.86 -2.96
N THR K 118 6.60 52.73 -3.59
CA THR K 118 5.68 52.13 -4.56
C THR K 118 4.70 51.15 -3.93
N GLY K 119 5.09 50.49 -2.85
CA GLY K 119 4.29 49.45 -2.25
C GLY K 119 4.53 48.07 -2.81
N ARG K 120 5.40 47.95 -3.82
CA ARG K 120 5.77 46.66 -4.37
C ARG K 120 6.60 45.86 -3.38
N THR K 121 6.43 44.55 -3.41
CA THR K 121 7.12 43.66 -2.48
C THR K 121 7.72 42.48 -3.24
N SER K 122 8.49 41.67 -2.51
CA SER K 122 9.01 40.42 -3.02
C SER K 122 8.16 39.27 -2.49
N LEU K 123 8.35 38.10 -3.09
CA LEU K 123 7.64 36.91 -2.63
C LEU K 123 8.13 36.54 -1.25
N PRO K 124 7.26 36.47 -0.25
CA PRO K 124 7.73 36.15 1.11
C PRO K 124 8.46 34.82 1.16
N LYS K 125 9.52 34.78 1.95
CA LYS K 125 10.28 33.58 2.21
C LYS K 125 10.14 33.22 3.68
N CYS K 126 10.13 31.93 3.97
CA CYS K 126 9.89 31.47 5.33
C CYS K 126 10.98 31.97 6.27
N TRP K 127 10.58 32.44 7.43
CA TRP K 127 11.50 32.79 8.52
C TRP K 127 11.94 31.52 9.23
N LEU K 128 13.23 31.20 9.11
CA LEU K 128 13.73 29.94 9.63
C LEU K 128 13.78 29.94 11.16
N VAL K 129 13.72 28.74 11.73
CA VAL K 129 13.82 28.53 13.16
C VAL K 129 15.03 27.66 13.42
N SER K 130 15.55 27.77 14.65
CA SER K 130 16.63 26.91 15.11
C SER K 130 16.64 26.92 16.62
N ASN K 131 16.82 25.73 17.20
CA ASN K 131 16.87 25.55 18.65
C ASN K 131 15.65 26.15 19.34
N GLY K 132 14.48 25.99 18.72
CA GLY K 132 13.23 26.43 19.30
C GLY K 132 12.93 27.90 19.20
N SER K 133 13.75 28.68 18.48
CA SER K 133 13.50 30.10 18.32
C SER K 133 13.74 30.51 16.87
N TYR K 134 13.12 31.62 16.47
CA TYR K 134 13.36 32.18 15.15
C TYR K 134 14.78 32.70 15.06
N LEU K 135 15.41 32.54 13.89
CA LEU K 135 16.74 33.08 13.67
C LEU K 135 16.72 34.58 13.85
N ASN K 136 17.77 35.11 14.46
CA ASN K 136 17.91 36.56 14.49
C ASN K 136 18.21 37.06 13.08
N GLU K 137 17.69 38.25 12.78
CA GLU K 137 17.74 38.79 11.43
C GLU K 137 19.17 38.84 10.89
N THR K 138 20.16 39.08 11.75
CA THR K 138 21.54 39.15 11.30
C THR K 138 22.09 37.82 10.79
N HIS K 139 21.47 36.69 11.17
CA HIS K 139 21.97 35.39 10.76
C HIS K 139 21.65 35.08 9.30
N PHE K 140 20.61 35.70 8.72
CA PHE K 140 20.25 35.47 7.33
C PHE K 140 20.15 36.77 6.56
N SER K 141 20.84 37.81 6.99
CA SER K 141 20.81 39.09 6.29
C SER K 141 21.37 38.97 4.87
N ASP K 142 22.23 37.99 4.63
CA ASP K 142 22.74 37.76 3.28
C ASP K 142 21.62 37.39 2.32
N ASP K 143 20.68 36.54 2.75
CA ASP K 143 19.54 36.21 1.92
C ASP K 143 18.65 37.42 1.65
N ILE K 144 18.47 38.30 2.65
CA ILE K 144 17.69 39.52 2.45
C ILE K 144 18.38 40.41 1.43
N GLU K 145 19.70 40.53 1.52
CA GLU K 145 20.46 41.32 0.54
C GLU K 145 20.31 40.71 -0.86
N GLN K 146 20.35 39.38 -0.94
CA GLN K 146 20.16 38.70 -2.21
C GLN K 146 18.79 39.00 -2.79
N GLN K 147 17.75 38.99 -1.95
CA GLN K 147 16.41 39.30 -2.44
C GLN K 147 16.31 40.74 -2.93
N ALA K 148 16.93 41.68 -2.22
CA ALA K 148 16.93 43.07 -2.68
C ALA K 148 17.66 43.20 -4.02
N ASP K 149 18.81 42.56 -4.14
CA ASP K 149 19.55 42.57 -5.41
C ASP K 149 18.71 41.97 -6.54
N ASN K 150 18.03 40.86 -6.27
CA ASN K 150 17.18 40.25 -7.28
C ASN K 150 16.06 41.18 -7.70
N MET K 151 15.40 41.84 -6.75
CA MET K 151 14.34 42.77 -7.10
C MET K 151 14.87 43.94 -7.93
N ILE K 152 16.10 44.35 -7.68
CA ILE K 152 16.70 45.42 -8.47
C ILE K 152 17.00 44.93 -9.88
N THR K 153 17.61 43.75 -9.99
CA THR K 153 18.02 43.26 -11.30
C THR K 153 16.80 43.01 -12.18
N GLU K 154 15.78 42.33 -11.62
CA GLU K 154 14.59 42.06 -12.41
C GLU K 154 13.91 43.36 -12.84
N MET K 155 13.84 44.36 -11.94
CA MET K 155 13.23 45.62 -12.35
C MET K 155 14.03 46.29 -13.46
N LEU K 156 15.36 46.33 -13.33
CA LEU K 156 16.18 46.95 -14.36
C LEU K 156 16.00 46.26 -15.71
N GLN K 157 15.95 44.92 -15.71
CA GLN K 157 15.75 44.22 -16.98
C GLN K 157 14.36 44.49 -17.56
N LYS K 158 13.34 44.58 -16.71
CA LYS K 158 12.02 44.97 -17.20
C LYS K 158 12.04 46.36 -17.81
N GLU K 159 12.75 47.29 -17.18
CA GLU K 159 12.88 48.63 -17.74
C GLU K 159 13.60 48.62 -19.07
N TYR K 160 14.65 47.79 -19.19
CA TYR K 160 15.36 47.66 -20.46
C TYR K 160 14.42 47.18 -21.56
N MET K 161 13.70 46.09 -21.31
CA MET K 161 12.75 45.59 -22.31
C MET K 161 11.67 46.61 -22.62
N GLU K 162 11.23 47.36 -21.61
CA GLU K 162 10.25 48.42 -21.81
C GLU K 162 10.79 49.48 -22.77
N ARG K 163 11.91 50.11 -22.41
CA ARG K 163 12.56 51.09 -23.26
C ARG K 163 12.70 50.58 -24.69
N GLN K 164 13.09 49.31 -24.85
CA GLN K 164 13.17 48.73 -26.20
C GLN K 164 11.82 48.74 -26.89
N GLY K 165 10.78 48.28 -26.20
CA GLY K 165 9.47 48.17 -26.81
C GLY K 165 8.89 49.52 -27.21
N LYS K 166 9.02 50.52 -26.33
CA LYS K 166 8.44 51.84 -26.62
C LYS K 166 9.09 52.46 -27.85
N THR K 167 10.41 52.34 -27.98
CA THR K 167 11.12 52.91 -29.12
C THR K 167 10.83 52.13 -30.39
N GLY L 1 5.52 14.77 -5.69
CA GLY L 1 6.02 16.12 -5.67
C GLY L 1 7.27 16.32 -6.51
N THR L 2 8.05 17.34 -6.16
CA THR L 2 9.26 17.69 -6.91
C THR L 2 10.44 17.72 -5.96
N PHE L 3 11.64 17.47 -6.49
CA PHE L 3 12.83 17.54 -5.66
C PHE L 3 13.00 18.94 -5.07
N THR L 4 13.65 19.00 -3.90
CA THR L 4 13.81 20.25 -3.18
C THR L 4 15.19 20.46 -2.57
N TRP L 5 16.04 19.45 -2.49
CA TRP L 5 17.34 19.55 -1.84
C TRP L 5 18.20 20.65 -2.45
N THR L 6 18.56 21.64 -1.64
CA THR L 6 19.51 22.68 -2.05
C THR L 6 20.94 22.15 -1.97
N LEU L 7 21.71 22.37 -3.02
CA LEU L 7 23.13 22.04 -3.02
C LEU L 7 23.87 22.87 -1.97
N SER L 8 24.76 22.23 -1.23
CA SER L 8 25.60 22.95 -0.28
C SER L 8 26.63 23.81 -1.01
N ASP L 9 27.12 24.84 -0.31
CA ASP L 9 28.05 25.78 -0.91
C ASP L 9 29.33 25.08 -1.38
N SER L 10 29.78 25.45 -2.57
CA SER L 10 30.98 24.85 -3.13
C SER L 10 32.21 25.20 -2.30
N GLU L 11 33.05 24.19 -2.07
CA GLU L 11 34.30 24.41 -1.35
C GLU L 11 35.25 25.30 -2.12
N GLY L 12 35.37 25.09 -3.43
CA GLY L 12 36.28 25.88 -4.23
C GLY L 12 35.76 27.29 -4.44
N LYS L 13 36.61 28.28 -4.19
CA LYS L 13 36.24 29.67 -4.44
C LYS L 13 36.28 30.03 -5.91
N ASP L 14 36.93 29.21 -6.75
CA ASP L 14 36.95 29.48 -8.18
C ASP L 14 35.54 29.53 -8.77
N THR L 15 34.64 28.67 -8.28
CA THR L 15 33.24 28.67 -8.68
C THR L 15 32.41 29.16 -7.50
N PRO L 16 32.18 30.48 -7.37
CA PRO L 16 31.50 31.00 -6.18
C PRO L 16 30.17 30.34 -5.86
N GLY L 17 29.28 30.19 -6.85
CA GLY L 17 27.99 29.60 -6.60
C GLY L 17 27.77 28.26 -7.28
N GLY L 18 28.85 27.58 -7.63
CA GLY L 18 28.77 26.29 -8.30
C GLY L 18 28.86 25.13 -7.35
N TYR L 19 29.42 24.02 -7.85
CA TYR L 19 29.56 22.82 -7.04
C TYR L 19 30.82 22.08 -7.47
N CYS L 20 31.48 21.44 -6.51
CA CYS L 20 32.74 20.75 -6.77
C CYS L 20 32.59 19.27 -6.43
N LEU L 21 33.06 18.41 -7.33
CA LEU L 21 33.16 16.98 -7.10
C LEU L 21 34.62 16.68 -6.73
N THR L 22 34.82 16.19 -5.51
CA THR L 22 36.14 15.89 -5.00
C THR L 22 36.70 14.61 -5.61
N ARG L 23 37.94 14.29 -5.25
CA ARG L 23 38.62 13.13 -5.81
C ARG L 23 37.88 11.83 -5.49
N TRP L 24 37.18 11.78 -4.37
CA TRP L 24 36.48 10.55 -4.00
C TRP L 24 35.24 10.33 -4.85
N MET L 25 34.57 11.41 -5.28
CA MET L 25 33.33 11.27 -6.02
C MET L 25 33.54 10.92 -7.49
N LEU L 26 34.78 10.88 -7.96
CA LEU L 26 35.08 10.65 -9.36
C LEU L 26 36.01 9.46 -9.52
N ILE L 27 35.89 8.76 -10.65
CA ILE L 27 36.73 7.60 -10.91
C ILE L 27 38.17 8.02 -11.19
N GLU L 28 38.36 9.14 -11.90
CA GLU L 28 39.73 9.61 -12.14
C GLU L 28 40.37 10.21 -10.90
N ALA L 29 39.70 10.15 -9.75
CA ALA L 29 40.24 10.59 -8.47
C ALA L 29 40.86 11.98 -8.56
N GLU L 30 40.14 12.89 -9.21
CA GLU L 30 40.55 14.28 -9.32
C GLU L 30 39.39 15.18 -8.89
N LEU L 31 39.65 16.49 -8.91
CA LEU L 31 38.67 17.49 -8.51
C LEU L 31 38.11 18.17 -9.75
N LYS L 32 36.78 18.21 -9.87
CA LYS L 32 36.12 18.89 -10.98
C LYS L 32 35.10 19.86 -10.41
N CYS L 33 35.31 21.15 -10.66
CA CYS L 33 34.43 22.19 -10.16
C CYS L 33 33.63 22.79 -11.31
N PHE L 34 32.31 22.83 -11.16
CA PHE L 34 31.42 23.43 -12.14
C PHE L 34 30.87 24.75 -11.62
N GLY L 35 30.78 25.73 -12.51
CA GLY L 35 30.43 27.08 -12.14
C GLY L 35 28.97 27.26 -11.81
N ASN L 36 28.66 28.48 -11.35
CA ASN L 36 27.30 28.81 -10.91
C ASN L 36 26.29 28.69 -12.05
N THR L 37 26.66 29.08 -13.27
CA THR L 37 25.71 29.04 -14.38
C THR L 37 25.19 27.63 -14.61
N ALA L 38 26.11 26.66 -14.70
CA ALA L 38 25.70 25.27 -14.93
C ALA L 38 24.89 24.74 -13.76
N VAL L 39 25.28 25.12 -12.53
CA VAL L 39 24.63 24.60 -11.33
C VAL L 39 23.25 25.22 -11.11
N ALA L 40 23.01 26.42 -11.64
CA ALA L 40 21.69 27.03 -11.50
C ALA L 40 20.62 26.27 -12.28
N LYS L 41 20.99 25.64 -13.40
CA LYS L 41 20.03 24.84 -14.15
C LYS L 41 19.50 23.68 -13.32
N CYS L 42 20.31 23.17 -12.40
CA CYS L 42 19.91 22.03 -11.58
C CYS L 42 18.73 22.38 -10.66
N ASN L 43 18.50 23.66 -10.41
CA ASN L 43 17.37 24.07 -9.59
C ASN L 43 16.04 24.01 -10.33
N GLU L 44 16.03 24.08 -11.66
CA GLU L 44 14.79 24.15 -12.42
C GLU L 44 14.56 23.03 -13.42
N LYS L 45 15.59 22.30 -13.84
CA LYS L 45 15.39 21.20 -14.77
C LYS L 45 14.89 19.95 -14.06
N HIS L 46 14.08 19.17 -14.77
CA HIS L 46 13.54 17.93 -14.25
C HIS L 46 14.07 16.66 -14.95
N ASP L 47 14.84 16.80 -16.03
CA ASP L 47 15.29 15.64 -16.80
C ASP L 47 16.81 15.53 -16.86
N GLU L 48 17.53 16.20 -15.97
CA GLU L 48 19.00 16.16 -15.91
C GLU L 48 19.48 15.15 -14.87
N GLU L 49 19.85 13.96 -15.34
CA GLU L 49 20.42 12.91 -14.47
C GLU L 49 21.57 13.41 -13.61
N PHE L 50 22.43 14.27 -14.17
CA PHE L 50 23.60 14.77 -13.44
C PHE L 50 23.17 15.59 -12.22
N CYS L 51 22.11 16.40 -12.34
CA CYS L 51 21.67 17.19 -11.20
C CYS L 51 21.06 16.32 -10.10
N ASP L 52 20.53 15.15 -10.47
CA ASP L 52 20.02 14.22 -9.46
C ASP L 52 21.17 13.56 -8.75
N MET L 53 22.24 13.24 -9.49
CA MET L 53 23.43 12.69 -8.87
C MET L 53 24.13 13.70 -7.98
N LEU L 54 24.14 14.97 -8.39
CA LEU L 54 24.69 16.01 -7.52
C LEU L 54 23.93 16.06 -6.21
N ARG L 55 22.60 16.01 -6.27
CA ARG L 55 21.82 16.03 -5.03
C ARG L 55 22.09 14.79 -4.19
N LEU L 56 22.20 13.62 -4.81
CA LEU L 56 22.54 12.40 -4.05
C LEU L 56 23.88 12.53 -3.33
N PHE L 57 24.93 12.92 -4.06
CA PHE L 57 26.25 13.04 -3.43
C PHE L 57 26.27 14.09 -2.32
N ASP L 58 25.60 15.22 -2.55
CA ASP L 58 25.57 16.27 -1.53
C ASP L 58 24.83 15.81 -0.29
N PHE L 59 23.68 15.16 -0.46
CA PHE L 59 22.96 14.58 0.66
C PHE L 59 23.85 13.61 1.43
N ASN L 60 24.57 12.74 0.71
CA ASN L 60 25.48 11.80 1.36
C ASN L 60 26.49 12.53 2.24
N LYS L 61 27.18 13.52 1.67
CA LYS L 61 28.18 14.27 2.43
C LYS L 61 27.58 14.93 3.67
N GLN L 62 26.46 15.63 3.48
CA GLN L 62 25.84 16.33 4.62
C GLN L 62 25.40 15.34 5.70
N ALA L 63 24.86 14.18 5.31
CA ALA L 63 24.50 13.17 6.31
C ALA L 63 25.72 12.69 7.07
N ILE L 64 26.82 12.47 6.36
CA ILE L 64 28.03 12.00 7.04
C ILE L 64 28.56 13.07 7.98
N GLN L 65 28.38 14.34 7.67
CA GLN L 65 28.96 15.35 8.54
C GLN L 65 28.06 15.75 9.71
N ARG L 66 26.74 15.84 9.50
CA ARG L 66 25.85 16.33 10.53
C ARG L 66 25.21 15.24 11.37
N LEU L 67 25.14 14.01 10.88
CA LEU L 67 24.62 12.89 11.65
C LEU L 67 25.76 11.97 12.06
N LYS L 68 25.61 11.36 13.23
CA LYS L 68 26.59 10.39 13.72
C LYS L 68 26.50 9.12 12.88
N ALA L 69 27.46 8.94 11.99
CA ALA L 69 27.46 7.77 11.13
C ALA L 69 27.78 6.50 11.91
N GLU L 70 27.07 5.42 11.60
CA GLU L 70 27.37 4.09 12.09
C GLU L 70 27.33 3.11 10.92
N ALA L 71 27.92 1.93 11.13
CA ALA L 71 28.04 0.97 10.03
C ALA L 71 26.68 0.42 9.61
N GLN L 72 25.86 0.03 10.58
CA GLN L 72 24.45 -0.24 10.31
C GLN L 72 23.82 0.96 9.61
N MET L 73 23.07 0.70 8.56
CA MET L 73 22.55 1.77 7.72
C MET L 73 21.12 2.13 8.11
N SER L 74 20.81 3.41 8.01
CA SER L 74 19.45 3.91 8.22
C SER L 74 18.73 3.96 6.88
N ILE L 75 18.41 2.77 6.37
CA ILE L 75 17.62 2.65 5.14
C ILE L 75 16.45 3.62 5.16
N GLN L 76 15.84 3.78 6.34
CA GLN L 76 14.73 4.71 6.51
C GLN L 76 15.07 6.11 6.03
N LEU L 77 16.28 6.59 6.33
CA LEU L 77 16.67 7.95 5.98
C LEU L 77 16.62 8.20 4.46
N ILE L 78 17.29 7.34 3.69
CA ILE L 78 17.26 7.51 2.24
C ILE L 78 15.86 7.24 1.70
N ASN L 79 15.14 6.28 2.30
CA ASN L 79 13.79 6.01 1.85
C ASN L 79 12.91 7.24 1.94
N LYS L 80 13.04 8.00 3.03
CA LYS L 80 12.26 9.22 3.15
C LYS L 80 12.83 10.38 2.33
N ALA L 81 14.16 10.49 2.15
CA ALA L 81 14.73 11.61 1.41
C ALA L 81 14.76 11.46 -0.12
N VAL L 82 14.55 10.25 -0.64
CA VAL L 82 14.84 9.98 -2.04
C VAL L 82 14.13 10.95 -2.97
N ASN L 83 12.82 11.11 -2.81
CA ASN L 83 12.05 11.98 -3.70
C ASN L 83 12.36 13.45 -3.47
N ALA L 84 12.87 13.83 -2.31
CA ALA L 84 13.39 15.18 -2.16
C ALA L 84 14.72 15.34 -2.88
N LEU L 85 15.36 14.23 -3.25
CA LEU L 85 16.71 14.30 -3.81
C LEU L 85 16.73 14.13 -5.33
N ILE L 86 15.94 13.20 -5.87
CA ILE L 86 16.00 12.81 -7.28
C ILE L 86 14.59 12.67 -7.83
N ASN L 87 14.48 12.78 -9.15
CA ASN L 87 13.25 12.49 -9.88
C ASN L 87 13.25 11.00 -10.25
N ASP L 88 12.41 10.22 -9.57
CA ASP L 88 12.32 8.79 -9.88
C ASP L 88 11.78 8.54 -11.29
N GLN L 89 11.13 9.54 -11.89
CA GLN L 89 10.59 9.39 -13.23
C GLN L 89 11.69 9.45 -14.30
N LEU L 90 12.68 10.31 -14.10
CA LEU L 90 13.93 10.21 -14.87
C LEU L 90 14.47 8.77 -14.94
N ILE L 91 14.53 8.09 -13.79
CA ILE L 91 14.91 6.68 -13.77
C ILE L 91 13.94 5.85 -14.61
N MET L 92 12.63 6.09 -14.44
CA MET L 92 11.65 5.33 -15.21
C MET L 92 11.82 5.54 -16.70
N LYS L 93 12.11 6.77 -17.12
CA LYS L 93 12.33 7.06 -18.53
C LYS L 93 13.53 6.30 -19.06
N ASN L 94 14.62 6.25 -18.27
CA ASN L 94 15.78 5.49 -18.73
C ASN L 94 15.47 4.00 -18.82
N HIS L 95 14.66 3.48 -17.88
CA HIS L 95 14.23 2.09 -17.97
C HIS L 95 13.40 1.84 -19.23
N LEU L 96 12.48 2.75 -19.54
CA LEU L 96 11.61 2.59 -20.70
C LEU L 96 12.42 2.64 -21.99
N ARG L 97 13.40 3.55 -22.04
CA ARG L 97 14.31 3.59 -23.19
C ARG L 97 15.09 2.29 -23.31
N ASP L 98 15.55 1.75 -22.19
CA ASP L 98 16.30 0.50 -22.20
C ASP L 98 15.46 -0.63 -22.78
N ILE L 99 14.24 -0.81 -22.28
CA ILE L 99 13.44 -1.94 -22.74
C ILE L 99 12.95 -1.76 -24.18
N MET L 100 12.93 -0.53 -24.69
CA MET L 100 12.56 -0.28 -26.08
C MET L 100 13.75 -0.30 -27.03
N GLY L 101 14.94 -0.62 -26.54
CA GLY L 101 16.10 -0.62 -27.41
C GLY L 101 16.63 0.74 -27.78
N ILE L 102 16.19 1.78 -27.08
CA ILE L 102 16.65 3.15 -27.30
C ILE L 102 17.88 3.37 -26.43
N PRO L 103 18.91 4.08 -26.90
CA PRO L 103 20.04 4.38 -26.02
C PRO L 103 19.58 5.12 -24.78
N TYR L 104 20.16 4.74 -23.64
CA TYR L 104 19.66 5.20 -22.35
C TYR L 104 20.83 5.56 -21.44
N CYS L 105 20.50 6.28 -20.37
CA CYS L 105 21.46 6.73 -19.39
C CYS L 105 21.51 5.75 -18.22
N ASN L 106 22.71 5.25 -17.91
CA ASN L 106 22.89 4.38 -16.75
C ASN L 106 23.61 5.09 -15.60
N TYR L 107 23.55 6.42 -15.60
CA TYR L 107 24.03 7.32 -14.54
C TYR L 107 25.52 7.17 -14.21
N SER L 108 26.28 6.42 -15.01
CA SER L 108 27.70 6.26 -14.72
C SER L 108 28.55 7.40 -15.27
N LYS L 109 28.38 7.74 -16.55
CA LYS L 109 29.31 8.58 -17.27
C LYS L 109 28.63 9.82 -17.82
N TYR L 110 29.34 10.95 -17.83
CA TYR L 110 28.76 12.21 -18.29
C TYR L 110 29.79 12.97 -19.13
N TRP L 111 29.28 13.68 -20.12
CA TRP L 111 30.10 14.52 -20.97
C TRP L 111 29.66 15.98 -20.84
N TYR L 112 30.62 16.87 -21.05
CA TYR L 112 30.36 18.30 -21.01
C TYR L 112 31.41 18.98 -21.86
N LEU L 113 31.12 20.21 -22.27
CA LEU L 113 32.08 21.00 -23.01
C LEU L 113 32.84 21.89 -22.06
N ASN L 114 34.09 22.17 -22.41
CA ASN L 114 34.95 23.05 -21.63
C ASN L 114 35.49 24.12 -22.56
N HIS L 115 35.20 25.38 -22.25
CA HIS L 115 35.76 26.52 -22.97
C HIS L 115 37.15 26.76 -22.41
N THR L 116 38.14 26.11 -23.03
CA THR L 116 39.52 26.07 -22.55
C THR L 116 40.01 27.40 -21.97
N THR L 117 39.95 28.46 -22.78
CA THR L 117 40.49 29.75 -22.37
C THR L 117 39.93 30.21 -21.03
N THR L 118 38.61 30.19 -20.87
CA THR L 118 37.97 30.71 -19.66
C THR L 118 37.82 29.67 -18.56
N GLY L 119 37.69 28.40 -18.92
CA GLY L 119 37.43 27.35 -17.96
C GLY L 119 35.96 27.11 -17.67
N ARG L 120 35.07 27.89 -18.28
CA ARG L 120 33.64 27.65 -18.12
C ARG L 120 33.23 26.37 -18.84
N THR L 121 32.22 25.71 -18.31
CA THR L 121 31.76 24.45 -18.87
C THR L 121 30.24 24.48 -19.01
N SER L 122 29.71 23.43 -19.62
CA SER L 122 28.28 23.22 -19.70
C SER L 122 27.86 22.20 -18.65
N LEU L 123 26.56 22.13 -18.42
CA LEU L 123 26.04 21.16 -17.47
C LEU L 123 26.24 19.76 -18.03
N PRO L 124 26.94 18.88 -17.33
CA PRO L 124 27.18 17.54 -17.87
C PRO L 124 25.88 16.82 -18.19
N LYS L 125 25.88 16.12 -19.32
CA LYS L 125 24.77 15.29 -19.75
C LYS L 125 25.23 13.85 -19.80
N CYS L 126 24.30 12.94 -19.52
CA CYS L 126 24.64 11.53 -19.44
C CYS L 126 25.15 10.99 -20.77
N TRP L 127 26.23 10.21 -20.69
CA TRP L 127 26.73 9.47 -21.84
C TRP L 127 25.90 8.20 -21.97
N LEU L 128 25.13 8.10 -23.05
CA LEU L 128 24.20 7.00 -23.20
C LEU L 128 24.92 5.70 -23.53
N VAL L 129 24.24 4.59 -23.21
CA VAL L 129 24.73 3.26 -23.54
C VAL L 129 23.72 2.59 -24.45
N SER L 130 24.21 1.62 -25.21
CA SER L 130 23.40 0.78 -26.08
C SER L 130 24.19 -0.50 -26.38
N ASN L 131 23.49 -1.63 -26.40
CA ASN L 131 24.10 -2.94 -26.62
C ASN L 131 25.25 -3.22 -25.65
N GLY L 132 25.10 -2.76 -24.42
CA GLY L 132 26.08 -3.03 -23.40
C GLY L 132 27.33 -2.18 -23.48
N SER L 133 27.38 -1.20 -24.37
CA SER L 133 28.54 -0.35 -24.52
C SER L 133 28.12 1.11 -24.68
N TYR L 134 29.04 2.00 -24.35
CA TYR L 134 28.80 3.43 -24.54
C TYR L 134 28.71 3.78 -26.02
N LEU L 135 27.81 4.71 -26.33
CA LEU L 135 27.70 5.22 -27.70
C LEU L 135 29.01 5.86 -28.13
N ASN L 136 29.38 5.65 -29.39
CA ASN L 136 30.51 6.41 -29.91
C ASN L 136 30.08 7.87 -30.08
N GLU L 137 31.04 8.77 -29.88
CA GLU L 137 30.74 10.19 -29.86
C GLU L 137 30.03 10.64 -31.14
N THR L 138 30.38 10.03 -32.28
CA THR L 138 29.79 10.43 -33.55
C THR L 138 28.30 10.13 -33.60
N HIS L 139 27.80 9.23 -32.75
CA HIS L 139 26.39 8.92 -32.76
C HIS L 139 25.57 10.02 -32.11
N PHE L 140 26.16 10.81 -31.21
CA PHE L 140 25.41 11.89 -30.58
C PHE L 140 26.14 13.22 -30.69
N SER L 141 27.04 13.35 -31.66
CA SER L 141 27.79 14.59 -31.81
C SER L 141 26.87 15.76 -32.12
N ASP L 142 25.72 15.49 -32.74
CA ASP L 142 24.78 16.57 -33.01
C ASP L 142 24.31 17.19 -31.70
N ASP L 143 24.00 16.36 -30.71
CA ASP L 143 23.60 16.92 -29.42
C ASP L 143 24.74 17.72 -28.82
N ILE L 144 25.98 17.23 -28.96
CA ILE L 144 27.11 17.98 -28.46
C ILE L 144 27.19 19.31 -29.18
N GLU L 145 26.98 19.29 -30.50
CA GLU L 145 27.01 20.53 -31.26
C GLU L 145 25.92 21.46 -30.75
N GLN L 146 24.75 20.90 -30.46
CA GLN L 146 23.66 21.70 -29.95
C GLN L 146 24.05 22.36 -28.63
N GLN L 147 24.73 21.61 -27.76
CA GLN L 147 25.14 22.20 -26.49
C GLN L 147 26.09 23.35 -26.71
N ALA L 148 27.03 23.20 -27.65
CA ALA L 148 27.94 24.30 -27.93
C ALA L 148 27.16 25.52 -28.39
N ASP L 149 26.18 25.30 -29.27
CA ASP L 149 25.36 26.43 -29.72
C ASP L 149 24.70 27.10 -28.54
N ASN L 150 24.16 26.30 -27.60
CA ASN L 150 23.50 26.90 -26.45
C ASN L 150 24.49 27.75 -25.66
N MET L 151 25.69 27.21 -25.43
CA MET L 151 26.68 27.96 -24.66
C MET L 151 27.03 29.28 -25.34
N ILE L 152 26.94 29.32 -26.67
CA ILE L 152 27.17 30.60 -27.33
C ILE L 152 25.97 31.51 -27.15
N THR L 153 24.77 31.01 -27.46
CA THR L 153 23.63 31.90 -27.56
C THR L 153 23.31 32.54 -26.22
N GLU L 154 23.27 31.74 -25.15
CA GLU L 154 22.93 32.31 -23.86
C GLU L 154 23.96 33.34 -23.46
N MET L 155 25.24 33.04 -23.71
CA MET L 155 26.27 33.99 -23.34
C MET L 155 26.09 35.28 -24.12
N LEU L 156 25.83 35.17 -25.42
CA LEU L 156 25.64 36.38 -26.21
C LEU L 156 24.50 37.19 -25.66
N GLN L 157 23.41 36.52 -25.28
CA GLN L 157 22.27 37.27 -24.77
C GLN L 157 22.62 37.96 -23.48
N LYS L 158 23.41 37.29 -22.63
CA LYS L 158 23.85 37.94 -21.40
C LYS L 158 24.66 39.17 -21.73
N GLU L 159 25.54 39.07 -22.73
CA GLU L 159 26.35 40.21 -23.09
C GLU L 159 25.45 41.35 -23.55
N TYR L 160 24.40 41.04 -24.28
CA TYR L 160 23.49 42.09 -24.70
C TYR L 160 22.93 42.82 -23.49
N MET L 161 22.38 42.06 -22.53
CA MET L 161 21.83 42.71 -21.35
C MET L 161 22.92 43.48 -20.63
N GLU L 162 24.14 42.94 -20.64
CA GLU L 162 25.26 43.64 -20.04
C GLU L 162 25.43 45.00 -20.67
N ARG L 163 25.62 45.03 -21.99
CA ARG L 163 25.69 46.29 -22.72
C ARG L 163 24.56 47.23 -22.31
N GLN L 164 23.36 46.69 -22.15
CA GLN L 164 22.23 47.50 -21.72
C GLN L 164 22.45 48.08 -20.32
N GLY L 165 22.84 47.23 -19.38
CA GLY L 165 23.00 47.68 -18.00
C GLY L 165 24.10 48.72 -17.83
N LYS L 166 25.26 48.50 -18.46
CA LYS L 166 26.36 49.42 -18.32
C LYS L 166 26.01 50.80 -18.86
N THR L 167 25.35 50.84 -20.01
CA THR L 167 24.98 52.11 -20.64
C THR L 167 23.84 52.78 -19.87
#